data_2LGX
#
_entry.id   2LGX
#
_entity_poly.entity_id   1
_entity_poly.type   'polypeptide(L)'
_entity_poly.pdbx_seq_one_letter_code
;GAMPDEFMALDGIRMPDGCYADGTWELSVHVTDVNRDVTLRVTGEVHIGGVMLKLVEKLDVKKDWSDHALWWEKKRTWLL
KTHWTLDKYGIQADAKLQFTPQHKLLRLQLPN
;
_entity_poly.pdbx_strand_id   A
#
# COMPACT_ATOMS: atom_id res chain seq x y z
N MET A 8 23.97 14.90 23.92
CA MET A 8 22.85 13.95 24.14
C MET A 8 21.62 14.40 23.36
N ALA A 9 20.46 13.93 23.73
CA ALA A 9 19.23 14.34 23.02
C ALA A 9 18.04 13.61 23.66
N LEU A 10 17.55 14.15 24.75
CA LEU A 10 16.40 13.56 25.47
C LEU A 10 16.35 12.04 25.30
N ASP A 11 15.64 11.58 24.31
CA ASP A 11 15.52 10.14 24.09
C ASP A 11 14.81 9.91 22.76
N GLY A 12 13.52 9.95 22.77
CA GLY A 12 12.74 9.73 21.51
C GLY A 12 12.78 8.25 21.19
N ILE A 13 13.90 7.63 21.47
CA ILE A 13 14.08 6.19 21.23
C ILE A 13 12.83 5.42 21.66
N ARG A 14 12.02 6.02 22.47
CA ARG A 14 10.78 5.33 22.94
C ARG A 14 9.70 5.46 21.88
N MET A 15 9.54 6.63 21.35
CA MET A 15 8.52 6.88 20.31
C MET A 15 9.20 6.84 18.96
N PRO A 16 8.47 6.79 17.86
CA PRO A 16 9.10 6.79 16.52
C PRO A 16 10.09 7.95 16.37
N ASP A 17 10.28 8.71 17.42
CA ASP A 17 11.25 9.84 17.35
C ASP A 17 12.64 9.27 17.53
N GLY A 18 12.76 7.98 17.35
CA GLY A 18 14.07 7.30 17.50
C GLY A 18 13.81 5.81 17.65
N CYS A 19 12.65 5.46 18.12
CA CYS A 19 12.30 4.02 18.30
C CYS A 19 12.49 3.30 16.96
N TYR A 20 11.46 3.22 16.17
CA TYR A 20 11.59 2.53 14.85
C TYR A 20 12.24 3.49 13.84
N ALA A 21 12.47 3.03 12.64
CA ALA A 21 13.10 3.91 11.62
C ALA A 21 12.21 5.15 11.40
N ASP A 22 11.56 5.23 10.28
CA ASP A 22 10.68 6.41 10.01
C ASP A 22 9.31 6.17 10.65
N GLY A 23 9.13 5.03 11.27
CA GLY A 23 7.83 4.74 11.92
C GLY A 23 6.75 4.49 10.86
N THR A 24 7.13 4.50 9.61
CA THR A 24 6.13 4.28 8.52
C THR A 24 6.86 4.03 7.21
N TRP A 25 6.11 3.90 6.15
CA TRP A 25 6.77 3.67 4.83
C TRP A 25 5.80 3.98 3.69
N GLU A 26 6.16 3.65 2.47
CA GLU A 26 5.28 3.90 1.31
C GLU A 26 5.09 2.60 0.56
N LEU A 27 4.37 2.67 -0.49
CA LEU A 27 4.05 1.48 -1.32
C LEU A 27 4.08 1.85 -2.79
N SER A 28 4.36 0.90 -3.65
CA SER A 28 4.40 1.16 -5.11
C SER A 28 3.40 0.27 -5.83
N VAL A 29 2.64 0.88 -6.69
CA VAL A 29 1.62 0.13 -7.49
C VAL A 29 2.05 0.13 -8.95
N HIS A 30 1.52 -0.79 -9.66
CA HIS A 30 1.85 -1.02 -11.11
C HIS A 30 0.56 -1.37 -11.88
N VAL A 31 0.24 -0.62 -12.88
CA VAL A 31 -0.99 -0.93 -13.66
C VAL A 31 -0.68 -1.90 -14.79
N THR A 32 -1.00 -3.15 -14.61
CA THR A 32 -0.76 -4.15 -15.68
C THR A 32 -1.83 -3.98 -16.75
N ASP A 33 -1.64 -4.54 -17.91
CA ASP A 33 -2.66 -4.40 -19.00
C ASP A 33 -2.69 -2.94 -19.47
N VAL A 34 -2.14 -2.03 -18.70
CA VAL A 34 -2.12 -0.58 -19.08
C VAL A 34 -0.67 -0.15 -19.17
N ASN A 35 0.18 -0.77 -18.39
CA ASN A 35 1.64 -0.50 -18.43
C ASN A 35 2.02 0.84 -17.80
N ARG A 36 1.16 1.43 -17.03
CA ARG A 36 1.51 2.72 -16.33
C ARG A 36 1.72 2.36 -14.87
N ASP A 37 2.02 3.30 -14.02
CA ASP A 37 2.22 2.93 -12.59
C ASP A 37 1.87 4.10 -11.69
N VAL A 38 1.45 3.77 -10.51
CA VAL A 38 1.06 4.79 -9.50
C VAL A 38 1.55 4.24 -8.18
N THR A 39 1.70 5.04 -7.15
CA THR A 39 2.22 4.49 -5.85
C THR A 39 1.36 4.98 -4.70
N LEU A 40 1.25 4.19 -3.66
CA LEU A 40 0.45 4.58 -2.49
C LEU A 40 1.36 5.10 -1.40
N ARG A 41 0.90 6.07 -0.72
CA ARG A 41 1.66 6.62 0.45
C ARG A 41 0.90 6.13 1.67
N VAL A 42 1.31 5.03 2.25
CA VAL A 42 0.54 4.48 3.41
C VAL A 42 1.41 3.64 4.35
N THR A 43 0.76 2.99 5.29
CA THR A 43 1.48 2.13 6.27
C THR A 43 0.71 0.84 6.48
N GLY A 44 1.25 -0.04 7.27
CA GLY A 44 0.60 -1.36 7.56
C GLY A 44 -0.84 -1.17 8.06
N GLU A 45 -1.34 0.04 8.02
CA GLU A 45 -2.71 0.31 8.54
C GLU A 45 -3.75 0.50 7.42
N VAL A 46 -3.34 0.75 6.21
CA VAL A 46 -4.35 0.97 5.13
C VAL A 46 -5.09 -0.32 4.77
N HIS A 47 -6.37 -0.26 4.72
CA HIS A 47 -7.15 -1.47 4.37
C HIS A 47 -6.87 -1.83 2.92
N ILE A 48 -6.84 -3.09 2.59
CA ILE A 48 -6.62 -3.44 1.16
C ILE A 48 -7.73 -2.75 0.39
N GLY A 49 -8.93 -2.92 0.89
CA GLY A 49 -10.09 -2.25 0.27
C GLY A 49 -9.89 -0.74 0.43
N GLY A 50 -8.80 -0.34 1.06
CA GLY A 50 -8.51 1.10 1.25
C GLY A 50 -7.28 1.43 0.42
N VAL A 51 -6.47 0.45 0.18
CA VAL A 51 -5.27 0.65 -0.65
C VAL A 51 -5.75 1.08 -2.04
N MET A 52 -6.81 0.46 -2.51
CA MET A 52 -7.36 0.83 -3.83
C MET A 52 -8.04 2.19 -3.71
N LEU A 53 -8.79 2.42 -2.68
CA LEU A 53 -9.45 3.73 -2.53
C LEU A 53 -8.37 4.78 -2.32
N LYS A 54 -7.55 4.60 -1.33
CA LYS A 54 -6.46 5.56 -1.11
C LYS A 54 -5.77 5.83 -2.44
N LEU A 55 -5.79 4.85 -3.31
CA LEU A 55 -5.17 5.02 -4.65
C LEU A 55 -6.21 5.65 -5.58
N VAL A 56 -7.35 5.05 -5.73
CA VAL A 56 -8.37 5.66 -6.63
C VAL A 56 -8.59 7.09 -6.15
N GLU A 57 -8.57 7.27 -4.86
CA GLU A 57 -8.73 8.64 -4.31
C GLU A 57 -7.56 9.48 -4.81
N LYS A 58 -6.35 8.96 -4.77
CA LYS A 58 -5.19 9.75 -5.28
C LYS A 58 -5.49 10.16 -6.72
N LEU A 59 -5.75 9.21 -7.58
CA LEU A 59 -6.07 9.56 -9.00
C LEU A 59 -7.32 10.45 -9.00
N ASP A 60 -7.87 10.73 -10.16
CA ASP A 60 -9.08 11.60 -10.21
C ASP A 60 -9.87 11.35 -11.50
N VAL A 61 -9.38 10.52 -12.36
CA VAL A 61 -10.12 10.25 -13.64
C VAL A 61 -11.32 9.34 -13.35
N LYS A 62 -11.81 9.35 -12.14
CA LYS A 62 -12.98 8.49 -11.79
C LYS A 62 -12.68 7.04 -12.18
N LYS A 63 -11.94 6.34 -11.35
CA LYS A 63 -11.61 4.91 -11.65
C LYS A 63 -12.45 4.00 -10.75
N ASP A 64 -12.90 2.90 -11.26
CA ASP A 64 -13.72 1.97 -10.44
C ASP A 64 -12.96 1.63 -9.15
N TRP A 65 -13.67 1.31 -8.11
CA TRP A 65 -13.01 0.99 -6.81
C TRP A 65 -12.83 -0.52 -6.64
N SER A 66 -13.86 -1.22 -6.27
CA SER A 66 -13.76 -2.69 -6.06
C SER A 66 -13.63 -3.43 -7.39
N ASP A 67 -14.31 -2.97 -8.41
CA ASP A 67 -14.23 -3.67 -9.72
C ASP A 67 -12.76 -3.92 -10.09
N HIS A 68 -11.90 -2.97 -9.87
CA HIS A 68 -10.47 -3.15 -10.20
C HIS A 68 -9.80 -4.02 -9.13
N ALA A 69 -8.54 -4.32 -9.31
CA ALA A 69 -7.84 -5.19 -8.30
C ALA A 69 -6.33 -4.96 -8.37
N LEU A 70 -5.62 -5.23 -7.30
CA LEU A 70 -4.15 -5.04 -7.33
C LEU A 70 -3.43 -6.37 -7.56
N TRP A 71 -2.67 -6.50 -8.62
CA TRP A 71 -1.95 -7.78 -8.83
C TRP A 71 -0.64 -7.71 -8.05
N TRP A 72 -0.36 -8.70 -7.24
CA TRP A 72 0.89 -8.68 -6.41
C TRP A 72 2.00 -9.47 -7.10
N GLU A 73 3.07 -8.81 -7.49
CA GLU A 73 4.20 -9.50 -8.14
C GLU A 73 4.68 -10.67 -7.30
N LYS A 74 4.50 -10.62 -6.00
CA LYS A 74 5.00 -11.73 -5.14
C LYS A 74 4.41 -13.08 -5.58
N LYS A 75 3.11 -13.18 -5.66
CA LYS A 75 2.45 -14.46 -6.07
C LYS A 75 1.53 -14.18 -7.24
N ARG A 76 1.66 -13.02 -7.81
CA ARG A 76 0.80 -12.65 -8.97
C ARG A 76 -0.66 -12.96 -8.63
N THR A 77 -1.07 -12.71 -7.42
CA THR A 77 -2.48 -12.98 -7.02
C THR A 77 -3.20 -11.63 -6.94
N TRP A 78 -4.31 -11.57 -6.25
CA TRP A 78 -5.07 -10.30 -6.12
C TRP A 78 -5.38 -10.02 -4.65
N LEU A 79 -5.50 -8.77 -4.31
CA LEU A 79 -5.83 -8.38 -2.89
C LEU A 79 -7.25 -7.83 -2.88
N LEU A 80 -8.16 -8.52 -2.23
CA LEU A 80 -9.58 -8.09 -2.22
C LEU A 80 -10.02 -7.62 -0.82
N LYS A 81 -10.13 -8.53 0.11
CA LYS A 81 -10.64 -8.17 1.46
C LYS A 81 -9.71 -7.22 2.23
N THR A 82 -10.30 -6.40 3.04
CA THR A 82 -9.53 -5.46 3.88
C THR A 82 -9.01 -6.21 5.12
N HIS A 83 -9.74 -7.22 5.52
CA HIS A 83 -9.35 -8.02 6.73
C HIS A 83 -7.88 -8.41 6.70
N TRP A 84 -7.26 -8.39 5.54
CA TRP A 84 -5.81 -8.77 5.44
C TRP A 84 -4.99 -7.54 5.04
N THR A 85 -4.92 -6.59 5.91
CA THR A 85 -4.14 -5.36 5.64
C THR A 85 -2.77 -5.75 5.08
N LEU A 86 -2.07 -4.84 4.50
CA LEU A 86 -0.72 -5.17 3.95
C LEU A 86 0.07 -5.85 5.07
N ASP A 87 0.15 -5.20 6.19
CA ASP A 87 0.89 -5.77 7.32
C ASP A 87 0.35 -7.16 7.63
N LYS A 88 -0.95 -7.34 7.65
CA LYS A 88 -1.51 -8.70 7.96
C LYS A 88 -0.76 -9.72 7.09
N TYR A 89 -0.57 -9.39 5.85
CA TYR A 89 0.17 -10.31 4.95
C TYR A 89 1.65 -10.29 5.32
N GLY A 90 2.06 -9.28 6.03
CA GLY A 90 3.50 -9.17 6.43
C GLY A 90 4.22 -8.40 5.33
N ILE A 91 3.51 -7.48 4.73
CA ILE A 91 4.10 -6.68 3.62
C ILE A 91 4.83 -5.46 4.20
N GLN A 92 5.90 -5.07 3.56
CA GLN A 92 6.69 -3.88 4.01
C GLN A 92 6.85 -2.93 2.83
N ALA A 93 7.84 -2.10 2.86
CA ALA A 93 8.06 -1.15 1.72
C ALA A 93 8.77 -1.89 0.59
N ASP A 94 9.17 -3.10 0.83
CA ASP A 94 9.87 -3.90 -0.21
C ASP A 94 8.83 -4.62 -1.04
N ALA A 95 7.60 -4.30 -0.81
CA ALA A 95 6.49 -4.94 -1.56
C ALA A 95 6.07 -4.07 -2.74
N LYS A 96 6.27 -4.55 -3.94
CA LYS A 96 5.87 -3.76 -5.15
C LYS A 96 4.49 -4.23 -5.59
N LEU A 97 3.49 -3.40 -5.45
CA LEU A 97 2.12 -3.82 -5.84
C LEU A 97 1.86 -3.48 -7.30
N GLN A 98 0.76 -3.96 -7.79
CA GLN A 98 0.35 -3.72 -9.18
C GLN A 98 -1.14 -3.37 -9.15
N PHE A 99 -1.66 -2.97 -10.25
CA PHE A 99 -3.10 -2.62 -10.37
C PHE A 99 -3.60 -3.49 -11.51
N THR A 100 -4.80 -3.90 -11.46
CA THR A 100 -5.32 -4.74 -12.57
C THR A 100 -6.86 -4.81 -12.52
N PRO A 101 -7.51 -4.94 -13.66
CA PRO A 101 -9.00 -5.02 -13.71
C PRO A 101 -9.52 -6.34 -13.13
N MET A 8 17.29 21.03 24.36
CA MET A 8 16.93 20.07 23.27
C MET A 8 15.42 20.17 22.98
N ALA A 9 14.83 19.13 22.48
CA ALA A 9 13.38 19.17 22.18
C ALA A 9 12.91 17.78 21.74
N LEU A 10 12.48 16.99 22.67
CA LEU A 10 12.03 15.62 22.34
C LEU A 10 10.92 15.70 21.29
N ASP A 11 9.74 16.12 21.69
CA ASP A 11 8.60 16.22 20.75
C ASP A 11 8.40 14.85 20.08
N GLY A 12 9.14 13.86 20.53
CA GLY A 12 9.02 12.50 19.96
C GLY A 12 10.28 12.16 19.16
N ILE A 13 10.83 13.13 18.47
CA ILE A 13 12.05 12.87 17.66
C ILE A 13 13.05 12.07 18.49
N ARG A 14 12.93 12.11 19.77
CA ARG A 14 13.87 11.36 20.65
C ARG A 14 13.71 9.86 20.39
N MET A 15 12.50 9.40 20.40
CA MET A 15 12.23 7.94 20.18
C MET A 15 11.67 7.76 18.76
N PRO A 16 11.30 6.57 18.36
CA PRO A 16 10.76 6.32 17.00
C PRO A 16 9.57 7.21 16.70
N ASP A 17 9.26 8.10 17.60
CA ASP A 17 8.12 9.02 17.37
C ASP A 17 8.60 10.13 16.42
N GLY A 18 9.71 9.89 15.79
CA GLY A 18 10.29 10.89 14.85
C GLY A 18 11.79 10.64 14.75
N CYS A 19 12.34 9.91 15.69
CA CYS A 19 13.79 9.61 15.66
C CYS A 19 14.18 9.04 14.30
N TYR A 20 13.82 7.80 14.05
CA TYR A 20 14.17 7.16 12.74
C TYR A 20 12.98 6.32 12.25
N ALA A 21 11.78 6.79 12.46
CA ALA A 21 10.59 6.01 12.01
C ALA A 21 10.70 4.56 12.48
N ASP A 22 11.05 3.67 11.59
CA ASP A 22 11.19 2.25 11.95
C ASP A 22 9.89 1.75 12.54
N GLY A 23 9.71 0.47 12.57
CA GLY A 23 8.45 -0.09 13.12
C GLY A 23 7.36 -0.02 12.05
N THR A 24 7.66 0.58 10.92
CA THR A 24 6.64 0.69 9.83
C THR A 24 7.34 0.51 8.48
N TRP A 25 6.61 0.58 7.40
CA TRP A 25 7.28 0.42 6.06
C TRP A 25 6.41 1.01 4.96
N GLU A 26 6.76 0.74 3.72
CA GLU A 26 5.99 1.26 2.57
C GLU A 26 5.63 0.09 1.68
N LEU A 27 4.99 0.38 0.61
CA LEU A 27 4.52 -0.65 -0.36
C LEU A 27 4.72 -0.13 -1.78
N SER A 28 4.88 -1.02 -2.72
CA SER A 28 5.07 -0.63 -4.14
C SER A 28 3.97 -1.23 -5.00
N VAL A 29 3.39 -0.40 -5.82
CA VAL A 29 2.32 -0.85 -6.75
C VAL A 29 2.84 -0.75 -8.18
N HIS A 30 2.21 -1.49 -9.02
CA HIS A 30 2.60 -1.59 -10.47
C HIS A 30 1.33 -1.61 -11.35
N VAL A 31 1.24 -0.74 -12.30
CA VAL A 31 0.04 -0.74 -13.19
C VAL A 31 0.30 -1.61 -14.41
N THR A 32 -0.30 -2.78 -14.44
CA THR A 32 -0.12 -3.69 -15.62
C THR A 32 -1.09 -3.27 -16.72
N ASP A 33 -0.84 -3.68 -17.93
CA ASP A 33 -1.75 -3.29 -19.05
C ASP A 33 -1.59 -1.79 -19.32
N VAL A 34 -1.00 -1.07 -18.40
CA VAL A 34 -0.78 0.40 -18.58
C VAL A 34 0.72 0.66 -18.50
N ASN A 35 1.42 -0.18 -17.79
CA ASN A 35 2.91 -0.08 -17.70
C ASN A 35 3.38 1.09 -16.83
N ARG A 36 2.52 1.65 -16.04
CA ARG A 36 2.94 2.76 -15.12
C ARG A 36 3.20 2.13 -13.76
N ASP A 37 3.52 2.91 -12.79
CA ASP A 37 3.76 2.33 -11.43
C ASP A 37 3.54 3.42 -10.39
N VAL A 38 2.96 3.04 -9.30
CA VAL A 38 2.68 3.98 -8.20
C VAL A 38 3.00 3.23 -6.93
N THR A 39 3.22 3.88 -5.83
CA THR A 39 3.56 3.12 -4.58
C THR A 39 2.74 3.63 -3.41
N LEU A 40 2.40 2.75 -2.51
CA LEU A 40 1.59 3.15 -1.33
C LEU A 40 2.50 3.35 -0.14
N ARG A 41 2.20 4.31 0.64
CA ARG A 41 2.99 4.56 1.89
C ARG A 41 2.09 4.08 3.03
N VAL A 42 2.25 2.87 3.48
CA VAL A 42 1.35 2.36 4.55
C VAL A 42 2.02 1.27 5.40
N THR A 43 1.23 0.63 6.22
CA THR A 43 1.76 -0.46 7.08
C THR A 43 0.77 -1.63 7.06
N GLY A 44 1.09 -2.69 7.73
CA GLY A 44 0.19 -3.87 7.72
C GLY A 44 -1.16 -3.50 8.35
N GLU A 45 -1.42 -2.24 8.49
CA GLU A 45 -2.70 -1.79 9.11
C GLU A 45 -3.68 -1.25 8.05
N VAL A 46 -3.20 -0.90 6.88
CA VAL A 46 -4.13 -0.35 5.85
C VAL A 46 -4.99 -1.46 5.28
N HIS A 47 -6.24 -1.23 5.15
CA HIS A 47 -7.14 -2.27 4.61
C HIS A 47 -6.89 -2.42 3.11
N ILE A 48 -7.05 -3.60 2.58
CA ILE A 48 -6.86 -3.75 1.11
C ILE A 48 -7.81 -2.75 0.47
N GLY A 49 -9.03 -2.78 0.91
CA GLY A 49 -10.03 -1.82 0.38
C GLY A 49 -9.57 -0.42 0.78
N GLY A 50 -8.47 -0.34 1.51
CA GLY A 50 -7.93 0.99 1.94
C GLY A 50 -6.67 1.24 1.13
N VAL A 51 -6.02 0.19 0.75
CA VAL A 51 -4.80 0.34 -0.08
C VAL A 51 -5.23 1.01 -1.37
N MET A 52 -6.33 0.58 -1.92
CA MET A 52 -6.84 1.19 -3.17
C MET A 52 -7.19 2.65 -2.91
N LEU A 53 -7.82 2.93 -1.81
CA LEU A 53 -8.17 4.35 -1.50
C LEU A 53 -6.89 5.11 -1.26
N LYS A 54 -6.11 4.67 -0.31
CA LYS A 54 -4.83 5.38 -0.05
C LYS A 54 -4.12 5.59 -1.38
N LEU A 55 -4.35 4.70 -2.32
CA LEU A 55 -3.74 4.86 -3.66
C LEU A 55 -4.63 5.78 -4.50
N VAL A 56 -5.88 5.45 -4.65
CA VAL A 56 -6.78 6.34 -5.44
C VAL A 56 -6.65 7.74 -4.86
N GLU A 57 -6.60 7.83 -3.56
CA GLU A 57 -6.45 9.14 -2.91
C GLU A 57 -5.13 9.76 -3.35
N LYS A 58 -4.08 8.97 -3.40
CA LYS A 58 -2.77 9.53 -3.84
C LYS A 58 -2.90 10.05 -5.28
N LEU A 59 -3.29 9.20 -6.20
CA LEU A 59 -3.44 9.66 -7.62
C LEU A 59 -4.40 10.84 -7.68
N ASP A 60 -4.79 11.25 -8.85
CA ASP A 60 -5.72 12.40 -8.99
C ASP A 60 -6.36 12.39 -10.38
N VAL A 61 -6.71 11.23 -10.87
CA VAL A 61 -7.33 11.14 -12.23
C VAL A 61 -8.30 9.95 -12.28
N LYS A 62 -9.51 10.18 -12.71
CA LYS A 62 -10.50 9.06 -12.78
C LYS A 62 -10.55 8.34 -11.43
N LYS A 63 -11.55 8.64 -10.63
CA LYS A 63 -11.66 7.98 -9.31
C LYS A 63 -12.33 6.60 -9.48
N ASP A 64 -11.79 5.59 -8.85
CA ASP A 64 -12.38 4.23 -8.95
C ASP A 64 -12.17 3.51 -7.61
N TRP A 65 -13.04 2.60 -7.27
CA TRP A 65 -12.92 1.87 -5.97
C TRP A 65 -13.23 0.39 -6.18
N SER A 66 -14.48 0.02 -6.21
CA SER A 66 -14.83 -1.42 -6.39
C SER A 66 -14.61 -1.81 -7.86
N ASP A 67 -14.09 -0.91 -8.65
CA ASP A 67 -13.86 -1.22 -10.09
C ASP A 67 -12.39 -1.59 -10.33
N HIS A 68 -11.46 -0.80 -9.85
CA HIS A 68 -10.03 -1.13 -10.08
C HIS A 68 -9.61 -2.28 -9.17
N ALA A 69 -8.39 -2.73 -9.31
CA ALA A 69 -7.92 -3.87 -8.45
C ALA A 69 -6.40 -3.93 -8.44
N LEU A 70 -5.81 -4.67 -7.51
CA LEU A 70 -4.33 -4.76 -7.45
C LEU A 70 -3.90 -6.17 -7.85
N TRP A 71 -3.12 -6.33 -8.89
CA TRP A 71 -2.67 -7.70 -9.25
C TRP A 71 -1.39 -7.99 -8.42
N TRP A 72 -1.37 -9.08 -7.71
CA TRP A 72 -0.18 -9.43 -6.87
C TRP A 72 0.56 -10.61 -7.54
N GLU A 73 1.55 -10.30 -8.33
CA GLU A 73 2.30 -11.38 -9.04
C GLU A 73 2.74 -12.48 -8.07
N LYS A 74 2.83 -12.22 -6.78
CA LYS A 74 3.26 -13.28 -5.82
C LYS A 74 2.66 -14.65 -6.20
N LYS A 75 1.38 -14.72 -6.41
CA LYS A 75 0.74 -16.03 -6.77
C LYS A 75 -0.34 -15.79 -7.83
N ARG A 76 -0.30 -14.64 -8.46
CA ARG A 76 -1.31 -14.33 -9.51
C ARG A 76 -2.70 -14.27 -8.88
N THR A 77 -2.97 -13.25 -8.12
CA THR A 77 -4.29 -13.12 -7.47
C THR A 77 -4.63 -11.64 -7.27
N TRP A 78 -5.86 -11.34 -7.11
CA TRP A 78 -6.29 -9.92 -6.91
C TRP A 78 -6.62 -9.72 -5.42
N LEU A 79 -6.51 -8.51 -4.95
CA LEU A 79 -6.83 -8.20 -3.52
C LEU A 79 -8.13 -7.41 -3.49
N LEU A 80 -9.18 -7.98 -2.93
CA LEU A 80 -10.51 -7.30 -2.90
C LEU A 80 -10.94 -6.95 -1.47
N LYS A 81 -11.29 -7.93 -0.68
CA LYS A 81 -11.79 -7.67 0.68
C LYS A 81 -10.78 -6.95 1.58
N THR A 82 -11.28 -6.16 2.48
CA THR A 82 -10.41 -5.44 3.44
C THR A 82 -10.04 -6.39 4.58
N HIS A 83 -10.99 -7.20 4.99
CA HIS A 83 -10.77 -8.16 6.11
C HIS A 83 -9.41 -8.85 6.00
N TRP A 84 -8.81 -8.85 4.85
CA TRP A 84 -7.49 -9.53 4.67
C TRP A 84 -6.39 -8.49 4.45
N THR A 85 -6.11 -7.69 5.44
CA THR A 85 -5.05 -6.66 5.31
C THR A 85 -3.80 -7.32 4.70
N LEU A 86 -2.81 -6.56 4.40
CA LEU A 86 -1.60 -7.19 3.81
C LEU A 86 -0.95 -8.03 4.89
N ASP A 87 -0.81 -7.47 6.04
CA ASP A 87 -0.22 -8.25 7.14
C ASP A 87 -1.08 -9.49 7.32
N LYS A 88 -2.37 -9.36 7.13
CA LYS A 88 -3.25 -10.56 7.28
C LYS A 88 -2.70 -11.63 6.33
N TYR A 89 -2.38 -11.22 5.15
CA TYR A 89 -1.82 -12.18 4.16
C TYR A 89 -0.41 -12.55 4.62
N GLY A 90 0.16 -11.75 5.49
CA GLY A 90 1.55 -12.01 5.96
C GLY A 90 2.49 -11.31 5.01
N ILE A 91 2.10 -10.15 4.59
CA ILE A 91 2.92 -9.36 3.62
C ILE A 91 3.79 -8.35 4.37
N GLN A 92 4.94 -8.04 3.80
CA GLN A 92 5.87 -7.06 4.41
C GLN A 92 6.22 -6.02 3.34
N ALA A 93 7.33 -5.35 3.48
CA ALA A 93 7.73 -4.35 2.46
C ALA A 93 8.38 -5.08 1.28
N ASP A 94 8.53 -6.36 1.38
CA ASP A 94 9.15 -7.14 0.27
C ASP A 94 8.06 -7.56 -0.69
N ALA A 95 6.89 -7.06 -0.47
CA ALA A 95 5.74 -7.39 -1.35
C ALA A 95 5.59 -6.32 -2.43
N LYS A 96 5.78 -6.67 -3.67
CA LYS A 96 5.63 -5.68 -4.77
C LYS A 96 4.22 -5.83 -5.35
N LEU A 97 3.35 -4.89 -5.10
CA LEU A 97 1.97 -5.01 -5.61
C LEU A 97 1.88 -4.45 -7.02
N GLN A 98 0.75 -4.64 -7.61
CA GLN A 98 0.47 -4.14 -8.96
C GLN A 98 -0.90 -3.51 -8.93
N PHE A 99 -1.26 -2.87 -9.98
CA PHE A 99 -2.59 -2.21 -10.09
C PHE A 99 -3.21 -2.76 -11.35
N THR A 100 -4.48 -2.84 -11.38
CA THR A 100 -5.14 -3.38 -12.59
C THR A 100 -6.64 -3.05 -12.57
N PRO A 101 -7.26 -2.89 -13.72
CA PRO A 101 -8.71 -2.58 -13.79
C PRO A 101 -9.58 -3.79 -13.43
N MET A 8 22.33 18.30 24.82
CA MET A 8 21.79 16.95 24.54
C MET A 8 20.63 17.05 23.55
N ALA A 9 19.79 16.06 23.49
CA ALA A 9 18.64 16.10 22.54
C ALA A 9 17.74 14.88 22.77
N LEU A 10 16.47 15.03 22.56
CA LEU A 10 15.54 13.90 22.76
C LEU A 10 15.60 12.99 21.52
N ASP A 11 14.64 13.14 20.65
CA ASP A 11 14.59 12.31 19.41
C ASP A 11 14.72 10.84 19.79
N GLY A 12 14.71 10.55 21.06
CA GLY A 12 14.81 9.14 21.54
C GLY A 12 13.59 8.85 22.39
N ILE A 13 12.61 9.69 22.27
CA ILE A 13 11.36 9.50 23.06
C ILE A 13 10.86 8.06 22.91
N ARG A 14 9.86 7.87 22.09
CA ARG A 14 9.30 6.51 21.90
C ARG A 14 8.61 6.43 20.55
N MET A 15 7.77 7.38 20.29
CA MET A 15 7.05 7.42 18.99
C MET A 15 8.11 7.59 17.89
N PRO A 16 7.79 7.99 16.67
CA PRO A 16 8.85 8.17 15.64
C PRO A 16 10.01 9.01 16.18
N ASP A 17 9.88 9.48 17.40
CA ASP A 17 10.96 10.27 18.03
C ASP A 17 11.77 9.31 18.91
N GLY A 18 11.76 8.06 18.55
CA GLY A 18 12.50 7.03 19.34
C GLY A 18 12.01 5.65 18.95
N CYS A 19 10.83 5.56 18.39
CA CYS A 19 10.29 4.24 17.99
C CYS A 19 11.32 3.55 17.09
N TYR A 20 11.41 3.97 15.85
CA TYR A 20 12.39 3.37 14.91
C TYR A 20 12.94 4.46 13.99
N ALA A 21 13.63 4.09 12.94
CA ALA A 21 14.19 5.11 12.03
C ALA A 21 13.06 5.72 11.21
N ASP A 22 11.97 5.01 11.08
CA ASP A 22 10.81 5.53 10.29
C ASP A 22 9.51 5.15 10.98
N GLY A 23 9.47 3.98 11.58
CA GLY A 23 8.24 3.54 12.28
C GLY A 23 7.15 3.22 11.25
N THR A 24 7.53 3.09 10.01
CA THR A 24 6.54 2.78 8.95
C THR A 24 7.25 2.45 7.65
N TRP A 25 6.52 2.26 6.58
CA TRP A 25 7.18 1.95 5.28
C TRP A 25 6.28 2.40 4.13
N GLU A 26 6.66 2.08 2.91
CA GLU A 26 5.84 2.48 1.74
C GLU A 26 5.53 1.24 0.93
N LEU A 27 4.89 1.44 -0.17
CA LEU A 27 4.50 0.33 -1.07
C LEU A 27 4.62 0.78 -2.52
N SER A 28 4.84 -0.15 -3.42
CA SER A 28 4.97 0.19 -4.86
C SER A 28 3.90 -0.56 -5.65
N VAL A 29 3.22 0.17 -6.47
CA VAL A 29 2.14 -0.43 -7.32
C VAL A 29 2.58 -0.38 -8.79
N HIS A 30 1.99 -1.22 -9.54
CA HIS A 30 2.29 -1.39 -11.00
C HIS A 30 0.99 -1.55 -11.78
N VAL A 31 0.77 -0.74 -12.76
CA VAL A 31 -0.49 -0.86 -13.56
C VAL A 31 -0.24 -1.74 -14.77
N THR A 32 -0.91 -2.87 -14.82
CA THR A 32 -0.73 -3.81 -15.96
C THR A 32 -1.67 -3.43 -17.12
N ASP A 33 -2.93 -3.23 -16.85
CA ASP A 33 -3.87 -2.89 -17.95
C ASP A 33 -3.55 -1.48 -18.49
N VAL A 34 -2.44 -0.92 -18.13
CA VAL A 34 -2.08 0.45 -18.63
C VAL A 34 -0.56 0.53 -18.86
N ASN A 35 0.21 -0.28 -18.17
CA ASN A 35 1.68 -0.31 -18.36
C ASN A 35 2.39 0.86 -17.69
N ARG A 36 1.72 1.54 -16.80
CA ARG A 36 2.39 2.67 -16.05
C ARG A 36 2.54 2.19 -14.62
N ASP A 37 3.04 2.99 -13.72
CA ASP A 37 3.20 2.50 -12.31
C ASP A 37 2.96 3.66 -11.34
N VAL A 38 2.46 3.33 -10.19
CA VAL A 38 2.18 4.34 -9.15
C VAL A 38 2.56 3.67 -7.83
N THR A 39 2.80 4.40 -6.79
CA THR A 39 3.19 3.75 -5.50
C THR A 39 2.34 4.27 -4.36
N LEU A 40 2.10 3.43 -3.39
CA LEU A 40 1.26 3.83 -2.23
C LEU A 40 2.16 4.17 -1.05
N ARG A 41 1.77 5.15 -0.33
CA ARG A 41 2.53 5.54 0.90
C ARG A 41 1.68 5.05 2.07
N VAL A 42 1.96 3.88 2.60
CA VAL A 42 1.10 3.36 3.70
C VAL A 42 1.84 2.43 4.65
N THR A 43 1.10 1.83 5.56
CA THR A 43 1.69 0.90 6.56
C THR A 43 0.76 -0.31 6.72
N GLY A 44 1.15 -1.23 7.54
CA GLY A 44 0.31 -2.45 7.76
C GLY A 44 -1.07 -2.06 8.27
N GLU A 45 -1.40 -0.79 8.22
CA GLU A 45 -2.72 -0.32 8.73
C GLU A 45 -3.70 -0.02 7.58
N VAL A 46 -3.21 0.14 6.38
CA VAL A 46 -4.15 0.47 5.27
C VAL A 46 -4.92 -0.76 4.82
N HIS A 47 -6.20 -0.63 4.67
CA HIS A 47 -7.00 -1.78 4.22
C HIS A 47 -6.71 -2.05 2.76
N ILE A 48 -6.75 -3.27 2.33
CA ILE A 48 -6.52 -3.54 0.90
C ILE A 48 -7.54 -2.70 0.15
N GLY A 49 -8.77 -2.84 0.53
CA GLY A 49 -9.83 -2.02 -0.09
C GLY A 49 -9.50 -0.55 0.20
N GLY A 50 -8.46 -0.32 0.97
CA GLY A 50 -8.05 1.08 1.31
C GLY A 50 -6.83 1.42 0.48
N VAL A 51 -6.00 0.45 0.21
CA VAL A 51 -4.80 0.71 -0.62
C VAL A 51 -5.32 1.27 -1.95
N MET A 52 -6.40 0.73 -2.43
CA MET A 52 -6.98 1.25 -3.70
C MET A 52 -7.40 2.70 -3.48
N LEU A 53 -8.03 3.00 -2.39
CA LEU A 53 -8.45 4.40 -2.14
C LEU A 53 -7.21 5.26 -2.02
N LYS A 54 -6.35 4.96 -1.10
CA LYS A 54 -5.12 5.76 -0.96
C LYS A 54 -4.48 5.91 -2.34
N LEU A 55 -4.70 4.95 -3.19
CA LEU A 55 -4.16 5.03 -4.57
C LEU A 55 -5.13 5.84 -5.44
N VAL A 56 -6.36 5.43 -5.51
CA VAL A 56 -7.33 6.20 -6.34
C VAL A 56 -7.33 7.63 -5.82
N GLU A 57 -7.28 7.79 -4.53
CA GLU A 57 -7.25 9.15 -3.95
C GLU A 57 -5.98 9.84 -4.44
N LYS A 58 -4.86 9.16 -4.42
CA LYS A 58 -3.60 9.78 -4.89
C LYS A 58 -3.82 10.25 -6.34
N LEU A 59 -4.19 9.36 -7.22
CA LEU A 59 -4.43 9.77 -8.64
C LEU A 59 -5.66 10.67 -8.69
N ASP A 60 -6.49 10.50 -9.69
CA ASP A 60 -7.71 11.35 -9.81
C ASP A 60 -8.85 10.73 -9.01
N VAL A 61 -9.74 11.53 -8.48
CA VAL A 61 -10.88 10.99 -7.69
C VAL A 61 -12.02 10.62 -8.63
N LYS A 62 -11.78 9.73 -9.57
CA LYS A 62 -12.86 9.32 -10.52
C LYS A 62 -12.68 7.84 -10.89
N LYS A 63 -11.59 7.27 -10.49
CA LYS A 63 -11.35 5.82 -10.81
C LYS A 63 -12.15 4.96 -9.81
N ASP A 64 -12.72 3.89 -10.29
CA ASP A 64 -13.51 3.01 -9.40
C ASP A 64 -12.69 2.69 -8.14
N TRP A 65 -13.35 2.41 -7.05
CA TRP A 65 -12.62 2.10 -5.79
C TRP A 65 -12.39 0.60 -5.65
N SER A 66 -13.44 -0.14 -5.38
CA SER A 66 -13.28 -1.62 -5.21
C SER A 66 -13.25 -2.33 -6.57
N ASP A 67 -14.05 -1.91 -7.50
CA ASP A 67 -14.06 -2.60 -8.83
C ASP A 67 -12.61 -2.82 -9.32
N HIS A 68 -11.72 -1.93 -8.99
CA HIS A 68 -10.31 -2.10 -9.43
C HIS A 68 -9.65 -3.19 -8.58
N ALA A 69 -8.43 -3.53 -8.87
CA ALA A 69 -7.76 -4.59 -8.07
C ALA A 69 -6.25 -4.49 -8.21
N LEU A 70 -5.51 -5.04 -7.27
CA LEU A 70 -4.02 -4.99 -7.35
C LEU A 70 -3.47 -6.37 -7.66
N TRP A 71 -2.75 -6.53 -8.75
CA TRP A 71 -2.17 -7.89 -9.03
C TRP A 71 -0.86 -7.97 -8.25
N TRP A 72 -0.65 -9.03 -7.51
CA TRP A 72 0.61 -9.14 -6.70
C TRP A 72 1.60 -10.09 -7.40
N GLU A 73 2.73 -9.58 -7.81
CA GLU A 73 3.74 -10.42 -8.49
C GLU A 73 4.13 -11.61 -7.61
N LYS A 74 4.06 -11.47 -6.30
CA LYS A 74 4.47 -12.59 -5.42
C LYS A 74 3.69 -13.86 -5.75
N LYS A 75 2.39 -13.80 -5.75
CA LYS A 75 1.55 -15.01 -6.06
C LYS A 75 0.78 -14.74 -7.34
N ARG A 76 1.07 -13.66 -7.98
CA ARG A 76 0.36 -13.32 -9.25
C ARG A 76 -1.15 -13.45 -9.02
N THR A 77 -1.61 -13.06 -7.85
CA THR A 77 -3.07 -13.14 -7.52
C THR A 77 -3.60 -11.72 -7.37
N TRP A 78 -4.72 -11.56 -6.73
CA TRP A 78 -5.30 -10.20 -6.53
C TRP A 78 -5.63 -9.99 -5.05
N LEU A 79 -5.68 -8.76 -4.63
CA LEU A 79 -5.99 -8.43 -3.21
C LEU A 79 -7.39 -7.80 -3.19
N LEU A 80 -8.39 -8.55 -2.80
CA LEU A 80 -9.78 -8.02 -2.82
C LEU A 80 -10.26 -7.55 -1.44
N LYS A 81 -10.47 -8.45 -0.52
CA LYS A 81 -11.02 -8.06 0.80
C LYS A 81 -10.10 -7.14 1.61
N THR A 82 -10.69 -6.32 2.41
CA THR A 82 -9.90 -5.41 3.29
C THR A 82 -9.47 -6.20 4.53
N HIS A 83 -10.35 -7.05 5.00
CA HIS A 83 -10.07 -7.88 6.21
C HIS A 83 -8.64 -8.41 6.21
N TRP A 84 -8.00 -8.44 5.07
CA TRP A 84 -6.60 -8.96 4.98
C TRP A 84 -5.64 -7.79 4.70
N THR A 85 -5.52 -6.92 5.64
CA THR A 85 -4.61 -5.75 5.48
C THR A 85 -3.26 -6.21 4.94
N LEU A 86 -2.41 -5.29 4.65
CA LEU A 86 -1.07 -5.64 4.15
C LEU A 86 -0.38 -6.49 5.19
N ASP A 87 -0.27 -5.96 6.36
CA ASP A 87 0.39 -6.72 7.43
C ASP A 87 -0.32 -8.06 7.58
N LYS A 88 -1.64 -8.06 7.47
CA LYS A 88 -2.37 -9.36 7.62
C LYS A 88 -1.71 -10.37 6.69
N TYR A 89 -1.43 -9.97 5.50
CA TYR A 89 -0.77 -10.90 4.55
C TYR A 89 0.70 -11.03 4.97
N GLY A 90 1.17 -10.08 5.74
CA GLY A 90 2.60 -10.11 6.19
C GLY A 90 3.39 -9.37 5.14
N ILE A 91 2.83 -8.29 4.68
CA ILE A 91 3.48 -7.49 3.62
C ILE A 91 4.39 -6.42 4.24
N GLN A 92 5.47 -6.11 3.58
CA GLN A 92 6.42 -5.08 4.07
C GLN A 92 6.72 -4.12 2.93
N ALA A 93 7.80 -3.39 3.01
CA ALA A 93 8.15 -2.45 1.91
C ALA A 93 8.83 -3.22 0.78
N ASP A 94 9.09 -4.48 1.00
CA ASP A 94 9.77 -5.30 -0.06
C ASP A 94 8.69 -5.91 -0.94
N ALA A 95 7.48 -5.49 -0.74
CA ALA A 95 6.34 -6.03 -1.55
C ALA A 95 6.07 -5.10 -2.73
N LYS A 96 6.28 -5.58 -3.94
CA LYS A 96 6.01 -4.74 -5.14
C LYS A 96 4.60 -5.07 -5.64
N LEU A 97 3.66 -4.19 -5.45
CA LEU A 97 2.28 -4.48 -5.90
C LEU A 97 2.07 -4.06 -7.34
N GLN A 98 0.95 -4.41 -7.86
CA GLN A 98 0.56 -4.07 -9.23
C GLN A 98 -0.88 -3.57 -9.15
N PHE A 99 -1.39 -3.03 -10.20
CA PHE A 99 -2.77 -2.53 -10.24
C PHE A 99 -3.44 -3.20 -11.40
N THR A 100 -4.69 -3.41 -11.29
CA THR A 100 -5.42 -4.07 -12.39
C THR A 100 -6.93 -3.96 -12.14
N PRO A 101 -7.77 -3.97 -13.17
CA PRO A 101 -9.25 -3.89 -12.96
C PRO A 101 -9.74 -4.94 -11.95
N MET A 8 13.21 13.86 31.25
CA MET A 8 12.60 13.51 29.93
C MET A 8 13.63 13.69 28.83
N ALA A 9 13.18 13.88 27.61
CA ALA A 9 14.12 14.07 26.47
C ALA A 9 13.29 14.33 25.22
N LEU A 10 13.19 15.56 24.82
CA LEU A 10 12.39 15.90 23.62
C LEU A 10 12.69 14.91 22.48
N ASP A 11 13.70 15.16 21.71
CA ASP A 11 14.06 14.25 20.59
C ASP A 11 14.02 12.82 21.10
N GLY A 12 14.13 12.65 22.38
CA GLY A 12 14.07 11.30 22.97
C GLY A 12 12.61 10.88 23.03
N ILE A 13 11.80 11.46 22.17
CA ILE A 13 10.35 11.13 22.14
C ILE A 13 10.14 9.64 22.36
N ARG A 14 10.34 8.83 21.35
CA ARG A 14 10.16 7.36 21.50
C ARG A 14 11.26 6.65 20.73
N MET A 15 11.27 6.81 19.45
CA MET A 15 12.28 6.18 18.61
C MET A 15 12.14 6.75 17.17
N PRO A 16 11.13 6.46 16.36
CA PRO A 16 11.07 7.09 15.01
C PRO A 16 11.28 8.60 15.08
N ASP A 17 11.15 9.18 16.26
CA ASP A 17 11.36 10.65 16.43
C ASP A 17 12.57 10.85 17.32
N GLY A 18 13.30 9.80 17.56
CA GLY A 18 14.51 9.87 18.43
C GLY A 18 15.49 8.78 18.01
N CYS A 19 14.95 7.63 17.67
CA CYS A 19 15.81 6.52 17.23
C CYS A 19 16.33 6.82 15.83
N TYR A 20 15.56 6.47 14.84
CA TYR A 20 15.98 6.71 13.43
C TYR A 20 14.80 6.31 12.53
N ALA A 21 14.58 7.01 11.45
CA ALA A 21 13.45 6.63 10.55
C ALA A 21 13.53 5.14 10.24
N ASP A 22 12.69 4.35 10.85
CA ASP A 22 12.73 2.89 10.58
C ASP A 22 11.42 2.25 11.04
N GLY A 23 10.97 1.25 10.33
CA GLY A 23 9.71 0.55 10.69
C GLY A 23 8.65 0.83 9.62
N THR A 24 8.63 2.03 9.11
CA THR A 24 7.63 2.37 8.06
C THR A 24 8.20 2.01 6.69
N TRP A 25 7.42 2.12 5.65
CA TRP A 25 7.96 1.79 4.30
C TRP A 25 6.99 2.25 3.21
N GLU A 26 7.19 1.82 1.98
CA GLU A 26 6.30 2.21 0.87
C GLU A 26 5.90 0.95 0.13
N LEU A 27 5.19 1.13 -0.92
CA LEU A 27 4.69 -0.01 -1.74
C LEU A 27 4.71 0.37 -3.22
N SER A 28 4.81 -0.60 -4.08
CA SER A 28 4.84 -0.35 -5.54
C SER A 28 3.67 -1.07 -6.21
N VAL A 29 2.97 -0.36 -7.03
CA VAL A 29 1.81 -0.93 -7.77
C VAL A 29 2.13 -0.97 -9.26
N HIS A 30 1.42 -1.81 -9.93
CA HIS A 30 1.59 -2.05 -11.39
C HIS A 30 0.20 -2.20 -12.04
N VAL A 31 -0.09 -1.44 -13.05
CA VAL A 31 -1.42 -1.56 -13.71
C VAL A 31 -1.36 -2.57 -14.85
N THR A 32 -1.86 -3.75 -14.62
CA THR A 32 -1.86 -4.79 -15.68
C THR A 32 -3.02 -4.50 -16.63
N ASP A 33 -2.98 -5.05 -17.82
CA ASP A 33 -4.09 -4.80 -18.80
C ASP A 33 -4.03 -3.34 -19.26
N VAL A 34 -3.25 -2.53 -18.59
CA VAL A 34 -3.10 -1.09 -18.97
C VAL A 34 -1.61 -0.80 -19.18
N ASN A 35 -0.78 -1.54 -18.50
CA ASN A 35 0.70 -1.41 -18.65
C ASN A 35 1.26 -0.14 -18.02
N ARG A 36 0.52 0.50 -17.17
CA ARG A 36 1.06 1.73 -16.49
C ARG A 36 1.53 1.27 -15.11
N ASP A 37 1.98 2.16 -14.29
CA ASP A 37 2.42 1.74 -12.93
C ASP A 37 2.33 2.94 -12.00
N VAL A 38 1.95 2.68 -10.79
CA VAL A 38 1.81 3.74 -9.78
C VAL A 38 2.30 3.12 -8.48
N THR A 39 2.64 3.88 -7.48
CA THR A 39 3.15 3.26 -6.21
C THR A 39 2.43 3.86 -5.01
N LEU A 40 2.22 3.08 -4.00
CA LEU A 40 1.53 3.57 -2.79
C LEU A 40 2.57 3.97 -1.76
N ARG A 41 2.28 4.99 -1.04
CA ARG A 41 3.19 5.41 0.07
C ARG A 41 2.43 5.07 1.34
N VAL A 42 2.68 3.92 1.92
CA VAL A 42 1.89 3.54 3.13
C VAL A 42 2.68 2.62 4.06
N THR A 43 1.98 2.07 5.03
CA THR A 43 2.62 1.16 6.02
C THR A 43 1.66 0.02 6.35
N GLY A 44 2.08 -0.88 7.18
CA GLY A 44 1.20 -2.04 7.55
C GLY A 44 -0.13 -1.54 8.14
N GLU A 45 -0.40 -0.27 8.03
CA GLU A 45 -1.65 0.29 8.60
C GLU A 45 -2.71 0.56 7.52
N VAL A 46 -2.32 0.59 6.27
CA VAL A 46 -3.33 0.89 5.21
C VAL A 46 -4.20 -0.32 4.91
N HIS A 47 -5.47 -0.12 4.85
CA HIS A 47 -6.39 -1.25 4.56
C HIS A 47 -6.24 -1.63 3.09
N ILE A 48 -6.39 -2.89 2.77
CA ILE A 48 -6.29 -3.27 1.33
C ILE A 48 -7.32 -2.43 0.60
N GLY A 49 -8.52 -2.47 1.09
CA GLY A 49 -9.58 -1.64 0.50
C GLY A 49 -9.17 -0.18 0.68
N GLY A 50 -8.03 0.06 1.30
CA GLY A 50 -7.54 1.45 1.52
C GLY A 50 -6.35 1.67 0.60
N VAL A 51 -5.64 0.62 0.30
CA VAL A 51 -4.49 0.75 -0.62
C VAL A 51 -5.04 1.25 -1.96
N MET A 52 -6.20 0.76 -2.33
CA MET A 52 -6.81 1.22 -3.61
C MET A 52 -7.23 2.67 -3.44
N LEU A 53 -7.86 3.02 -2.36
CA LEU A 53 -8.26 4.44 -2.17
C LEU A 53 -7.01 5.28 -2.07
N LYS A 54 -6.15 4.97 -1.15
CA LYS A 54 -4.90 5.77 -1.02
C LYS A 54 -4.28 5.88 -2.41
N LEU A 55 -4.52 4.91 -3.24
CA LEU A 55 -3.99 4.95 -4.63
C LEU A 55 -4.95 5.76 -5.51
N VAL A 56 -6.19 5.36 -5.56
CA VAL A 56 -7.15 6.13 -6.40
C VAL A 56 -7.10 7.57 -5.93
N GLU A 57 -6.99 7.77 -4.65
CA GLU A 57 -6.89 9.14 -4.11
C GLU A 57 -5.61 9.78 -4.64
N LYS A 58 -4.52 9.05 -4.66
CA LYS A 58 -3.26 9.62 -5.18
C LYS A 58 -3.48 10.08 -6.63
N LEU A 59 -3.90 9.19 -7.49
CA LEU A 59 -4.14 9.60 -8.91
C LEU A 59 -4.96 10.89 -8.94
N ASP A 60 -6.25 10.78 -8.82
CA ASP A 60 -7.10 11.99 -8.84
C ASP A 60 -8.48 11.66 -8.25
N VAL A 61 -9.53 11.87 -9.01
CA VAL A 61 -10.90 11.56 -8.49
C VAL A 61 -11.83 11.27 -9.67
N LYS A 62 -11.72 10.10 -10.24
CA LYS A 62 -12.58 9.75 -11.40
C LYS A 62 -12.45 8.25 -11.69
N LYS A 63 -11.47 7.61 -11.10
CA LYS A 63 -11.29 6.14 -11.33
C LYS A 63 -12.09 5.38 -10.27
N ASP A 64 -12.62 4.25 -10.63
CA ASP A 64 -13.41 3.46 -9.67
C ASP A 64 -12.63 3.28 -8.36
N TRP A 65 -13.32 3.10 -7.27
CA TRP A 65 -12.64 2.95 -5.96
C TRP A 65 -12.43 1.47 -5.64
N SER A 66 -13.45 0.80 -5.15
CA SER A 66 -13.31 -0.64 -4.78
C SER A 66 -13.47 -1.53 -6.00
N ASP A 67 -14.29 -1.16 -6.94
CA ASP A 67 -14.49 -2.02 -8.15
C ASP A 67 -13.12 -2.47 -8.69
N HIS A 68 -12.13 -1.64 -8.57
CA HIS A 68 -10.78 -2.02 -9.07
C HIS A 68 -10.18 -3.08 -8.17
N ALA A 69 -9.02 -3.56 -8.49
CA ALA A 69 -8.38 -4.62 -7.64
C ALA A 69 -6.87 -4.61 -7.86
N LEU A 70 -6.12 -5.15 -6.91
CA LEU A 70 -4.64 -5.19 -7.06
C LEU A 70 -4.19 -6.61 -7.38
N TRP A 71 -3.57 -6.82 -8.51
CA TRP A 71 -3.08 -8.20 -8.80
C TRP A 71 -1.70 -8.32 -8.15
N TRP A 72 -1.47 -9.36 -7.38
CA TRP A 72 -0.14 -9.50 -6.69
C TRP A 72 0.77 -10.40 -7.55
N GLU A 73 1.85 -9.86 -8.05
CA GLU A 73 2.77 -10.67 -8.88
C GLU A 73 3.44 -11.74 -8.03
N LYS A 74 3.32 -11.65 -6.73
CA LYS A 74 3.95 -12.68 -5.85
C LYS A 74 3.13 -13.97 -5.85
N LYS A 75 1.85 -13.88 -5.55
CA LYS A 75 0.99 -15.11 -5.52
C LYS A 75 0.04 -15.08 -6.72
N ARG A 76 0.22 -14.10 -7.57
CA ARG A 76 -0.65 -13.99 -8.77
C ARG A 76 -2.12 -14.06 -8.34
N THR A 77 -2.46 -13.40 -7.27
CA THR A 77 -3.88 -13.40 -6.78
C THR A 77 -4.39 -11.97 -6.71
N TRP A 78 -5.44 -11.75 -5.97
CA TRP A 78 -6.00 -10.37 -5.83
C TRP A 78 -6.19 -10.05 -4.35
N LEU A 79 -6.17 -8.78 -4.02
CA LEU A 79 -6.36 -8.36 -2.60
C LEU A 79 -7.73 -7.69 -2.50
N LEU A 80 -8.68 -8.36 -1.91
CA LEU A 80 -10.07 -7.82 -1.84
C LEU A 80 -10.41 -7.20 -0.47
N LYS A 81 -10.61 -8.01 0.53
CA LYS A 81 -11.02 -7.48 1.86
C LYS A 81 -9.98 -6.56 2.53
N THR A 82 -10.45 -5.66 3.32
CA THR A 82 -9.53 -4.76 4.07
C THR A 82 -9.02 -5.52 5.29
N HIS A 83 -9.89 -6.31 5.88
CA HIS A 83 -9.54 -7.09 7.10
C HIS A 83 -8.13 -7.70 6.99
N TRP A 84 -7.60 -7.78 5.80
CA TRP A 84 -6.23 -8.37 5.61
C TRP A 84 -5.24 -7.25 5.25
N THR A 85 -5.03 -6.34 6.14
CA THR A 85 -4.07 -5.23 5.89
C THR A 85 -2.79 -5.80 5.29
N LEU A 86 -1.91 -4.94 4.91
CA LEU A 86 -0.64 -5.41 4.34
C LEU A 86 0.08 -6.22 5.39
N ASP A 87 0.30 -5.61 6.51
CA ASP A 87 0.99 -6.33 7.58
C ASP A 87 0.22 -7.60 7.89
N LYS A 88 -1.10 -7.55 7.85
CA LYS A 88 -1.89 -8.78 8.16
C LYS A 88 -1.31 -9.93 7.35
N TYR A 89 -1.05 -9.69 6.11
CA TYR A 89 -0.47 -10.77 5.27
C TYR A 89 1.01 -10.89 5.60
N GLY A 90 1.57 -9.85 6.17
CA GLY A 90 3.02 -9.87 6.52
C GLY A 90 3.75 -9.26 5.35
N ILE A 91 3.15 -8.25 4.79
CA ILE A 91 3.73 -7.58 3.60
C ILE A 91 4.74 -6.50 4.03
N GLN A 92 5.77 -6.34 3.25
CA GLN A 92 6.82 -5.31 3.55
C GLN A 92 7.07 -4.50 2.29
N ALA A 93 8.20 -3.85 2.21
CA ALA A 93 8.52 -3.05 1.00
C ALA A 93 9.03 -3.99 -0.10
N ASP A 94 9.16 -5.24 0.21
CA ASP A 94 9.66 -6.22 -0.80
C ASP A 94 8.47 -6.79 -1.56
N ALA A 95 7.32 -6.23 -1.31
CA ALA A 95 6.08 -6.71 -1.99
C ALA A 95 5.77 -5.80 -3.18
N LYS A 96 5.85 -6.32 -4.37
CA LYS A 96 5.55 -5.50 -5.58
C LYS A 96 4.07 -5.75 -5.95
N LEU A 97 3.24 -4.76 -5.81
CA LEU A 97 1.80 -4.95 -6.13
C LEU A 97 1.50 -4.56 -7.57
N GLN A 98 0.31 -4.85 -7.97
CA GLN A 98 -0.16 -4.50 -9.33
C GLN A 98 -1.55 -3.92 -9.14
N PHE A 99 -2.11 -3.41 -10.19
CA PHE A 99 -3.47 -2.83 -10.16
C PHE A 99 -4.23 -3.55 -11.24
N THR A 100 -5.48 -3.70 -11.07
CA THR A 100 -6.27 -4.41 -12.11
C THR A 100 -7.77 -4.18 -11.88
N PRO A 101 -8.56 -4.15 -12.94
CA PRO A 101 -10.04 -3.94 -12.82
C PRO A 101 -10.75 -5.17 -12.23
N MET A 8 11.65 23.32 18.49
CA MET A 8 12.92 22.56 18.30
C MET A 8 12.63 21.06 18.27
N ALA A 9 13.63 20.26 18.50
CA ALA A 9 13.43 18.78 18.50
C ALA A 9 14.76 18.10 18.79
N LEU A 10 14.93 17.62 19.98
CA LEU A 10 16.21 16.96 20.32
C LEU A 10 16.44 15.76 19.40
N ASP A 11 15.81 14.67 19.69
CA ASP A 11 15.98 13.45 18.85
C ASP A 11 15.01 12.36 19.30
N GLY A 12 14.67 12.36 20.57
CA GLY A 12 13.73 11.35 21.12
C GLY A 12 12.38 12.03 21.35
N ILE A 13 11.92 12.71 20.35
CA ILE A 13 10.62 13.44 20.45
C ILE A 13 9.61 12.63 21.26
N ARG A 14 8.82 11.84 20.62
CA ARG A 14 7.80 11.05 21.33
C ARG A 14 7.41 9.84 20.48
N MET A 15 7.17 10.09 19.23
CA MET A 15 6.77 9.03 18.28
C MET A 15 7.92 8.82 17.32
N PRO A 16 7.75 7.98 16.33
CA PRO A 16 8.81 7.71 15.32
C PRO A 16 9.31 8.99 14.66
N ASP A 17 8.98 10.12 15.22
CA ASP A 17 9.47 11.40 14.66
C ASP A 17 10.82 11.66 15.32
N GLY A 18 11.21 10.76 16.18
CA GLY A 18 12.50 10.89 16.89
C GLY A 18 12.59 9.81 17.98
N CYS A 19 11.48 9.35 18.46
CA CYS A 19 11.51 8.31 19.52
C CYS A 19 12.24 7.06 19.00
N TYR A 20 11.57 6.23 18.26
CA TYR A 20 12.23 5.01 17.73
C TYR A 20 11.54 4.57 16.43
N ALA A 21 12.20 3.77 15.63
CA ALA A 21 11.59 3.29 14.36
C ALA A 21 10.97 1.91 14.59
N ASP A 22 9.70 1.77 14.31
CA ASP A 22 9.03 0.44 14.51
C ASP A 22 9.47 -0.54 13.42
N GLY A 23 10.29 -0.10 12.50
CA GLY A 23 10.75 -1.02 11.42
C GLY A 23 9.64 -1.17 10.37
N THR A 24 9.02 -0.08 10.02
CA THR A 24 7.93 -0.13 9.01
C THR A 24 8.51 -0.31 7.62
N TRP A 25 7.68 -0.28 6.61
CA TRP A 25 8.21 -0.43 5.23
C TRP A 25 7.24 0.21 4.23
N GLU A 26 7.45 0.01 2.95
CA GLU A 26 6.55 0.58 1.93
C GLU A 26 6.12 -0.52 0.99
N LEU A 27 5.47 -0.13 -0.05
CA LEU A 27 4.95 -1.08 -1.05
C LEU A 27 5.05 -0.45 -2.43
N SER A 28 5.14 -1.25 -3.45
CA SER A 28 5.24 -0.72 -4.85
C SER A 28 4.05 -1.22 -5.65
N VAL A 29 3.38 -0.31 -6.28
CA VAL A 29 2.20 -0.65 -7.12
C VAL A 29 2.56 -0.42 -8.59
N HIS A 30 1.83 -1.08 -9.42
CA HIS A 30 2.03 -1.03 -10.90
C HIS A 30 0.67 -0.97 -11.61
N VAL A 31 0.47 -0.01 -12.45
CA VAL A 31 -0.83 0.07 -13.18
C VAL A 31 -0.71 -0.65 -14.52
N THR A 32 -1.50 -1.66 -14.72
CA THR A 32 -1.43 -2.43 -16.01
C THR A 32 -2.35 -1.82 -17.05
N ASP A 33 -3.60 -1.59 -16.72
CA ASP A 33 -4.55 -1.01 -17.72
C ASP A 33 -4.16 0.44 -18.02
N VAL A 34 -2.97 0.85 -17.65
CA VAL A 34 -2.54 2.26 -17.93
C VAL A 34 -1.04 2.27 -18.25
N ASN A 35 -0.31 1.32 -17.74
CA ASN A 35 1.15 1.21 -18.02
C ASN A 35 1.99 2.20 -17.21
N ARG A 36 1.44 2.78 -16.17
CA ARG A 36 2.23 3.71 -15.29
C ARG A 36 2.43 2.98 -13.98
N ASP A 37 3.08 3.59 -13.01
CA ASP A 37 3.28 2.88 -11.71
C ASP A 37 3.28 3.88 -10.57
N VAL A 38 2.82 3.44 -9.44
CA VAL A 38 2.75 4.31 -8.25
C VAL A 38 3.06 3.42 -7.06
N THR A 39 3.45 3.95 -5.93
CA THR A 39 3.80 3.08 -4.78
C THR A 39 3.03 3.49 -3.54
N LEU A 40 2.78 2.54 -2.67
CA LEU A 40 2.04 2.84 -1.43
C LEU A 40 3.03 2.96 -0.29
N ARG A 41 2.77 3.86 0.59
CA ARG A 41 3.65 4.00 1.79
C ARG A 41 2.84 3.44 2.95
N VAL A 42 3.03 2.18 3.28
CA VAL A 42 2.19 1.58 4.38
C VAL A 42 2.93 0.48 5.12
N THR A 43 2.21 -0.19 6.01
CA THR A 43 2.79 -1.30 6.81
C THR A 43 1.80 -2.44 6.88
N GLY A 44 2.17 -3.52 7.51
CA GLY A 44 1.26 -4.70 7.62
C GLY A 44 -0.05 -4.29 8.30
N GLU A 45 -0.28 -3.02 8.46
CA GLU A 45 -1.52 -2.54 9.13
C GLU A 45 -2.55 -2.01 8.14
N VAL A 46 -2.14 -1.70 6.93
CA VAL A 46 -3.14 -1.14 5.95
C VAL A 46 -4.03 -2.24 5.40
N HIS A 47 -5.30 -2.00 5.37
CA HIS A 47 -6.24 -3.00 4.83
C HIS A 47 -6.07 -3.08 3.33
N ILE A 48 -6.28 -4.23 2.74
CA ILE A 48 -6.18 -4.30 1.25
C ILE A 48 -7.17 -3.28 0.73
N GLY A 49 -8.37 -3.35 1.22
CA GLY A 49 -9.39 -2.38 0.82
C GLY A 49 -8.93 -1.00 1.30
N GLY A 50 -7.78 -0.96 1.96
CA GLY A 50 -7.24 0.34 2.44
C GLY A 50 -6.04 0.70 1.58
N VAL A 51 -5.34 -0.29 1.10
CA VAL A 51 -4.18 0.00 0.21
C VAL A 51 -4.74 0.76 -0.98
N MET A 52 -5.88 0.36 -1.45
CA MET A 52 -6.51 1.07 -2.60
C MET A 52 -6.79 2.51 -2.17
N LEU A 53 -7.41 2.69 -1.05
CA LEU A 53 -7.72 4.06 -0.60
C LEU A 53 -6.42 4.81 -0.40
N LYS A 54 -5.56 4.31 0.44
CA LYS A 54 -4.27 5.00 0.65
C LYS A 54 -3.67 5.32 -0.72
N LEU A 55 -3.99 4.52 -1.69
CA LEU A 55 -3.49 4.77 -3.06
C LEU A 55 -4.43 5.75 -3.78
N VAL A 56 -5.69 5.44 -3.86
CA VAL A 56 -6.62 6.39 -4.53
C VAL A 56 -6.50 7.72 -3.81
N GLU A 57 -6.36 7.68 -2.51
CA GLU A 57 -6.20 8.94 -1.75
C GLU A 57 -4.91 9.60 -2.21
N LYS A 58 -3.84 8.85 -2.35
CA LYS A 58 -2.57 9.45 -2.83
C LYS A 58 -2.84 10.15 -4.17
N LEU A 59 -3.34 9.41 -5.13
CA LEU A 59 -3.63 10.03 -6.45
C LEU A 59 -4.96 10.79 -6.38
N ASP A 60 -4.91 12.08 -6.16
CA ASP A 60 -6.18 12.86 -6.08
C ASP A 60 -6.65 13.17 -7.50
N VAL A 61 -6.44 12.26 -8.42
CA VAL A 61 -6.87 12.49 -9.83
C VAL A 61 -8.33 12.05 -10.01
N LYS A 62 -8.56 10.83 -10.39
CA LYS A 62 -9.95 10.35 -10.58
C LYS A 62 -9.94 8.83 -10.81
N LYS A 63 -9.22 8.10 -10.02
CA LYS A 63 -9.17 6.62 -10.19
C LYS A 63 -10.44 6.00 -9.60
N ASP A 64 -10.71 4.79 -9.98
CA ASP A 64 -11.93 4.09 -9.46
C ASP A 64 -11.73 3.75 -7.98
N TRP A 65 -12.82 3.64 -7.25
CA TRP A 65 -12.75 3.32 -5.80
C TRP A 65 -13.15 1.86 -5.56
N SER A 66 -14.39 1.67 -5.23
CA SER A 66 -14.91 0.30 -4.93
C SER A 66 -14.86 -0.61 -6.15
N ASP A 67 -14.28 -0.17 -7.25
CA ASP A 67 -14.23 -1.03 -8.48
C ASP A 67 -12.78 -1.35 -8.87
N HIS A 68 -11.83 -0.63 -8.34
CA HIS A 68 -10.42 -0.91 -8.71
C HIS A 68 -9.94 -2.23 -8.14
N ALA A 69 -8.73 -2.60 -8.47
CA ALA A 69 -8.17 -3.89 -7.94
C ALA A 69 -6.66 -3.90 -8.13
N LEU A 70 -5.94 -4.62 -7.28
CA LEU A 70 -4.46 -4.68 -7.43
C LEU A 70 -4.06 -6.02 -8.02
N TRP A 71 -3.40 -6.02 -9.17
CA TRP A 71 -2.98 -7.33 -9.74
C TRP A 71 -1.63 -7.68 -9.09
N TRP A 72 -1.54 -8.84 -8.49
CA TRP A 72 -0.26 -9.23 -7.81
C TRP A 72 0.66 -9.93 -8.83
N GLU A 73 1.81 -9.39 -9.11
CA GLU A 73 2.73 -10.05 -10.07
C GLU A 73 3.22 -11.37 -9.48
N LYS A 74 3.20 -11.48 -8.17
CA LYS A 74 3.67 -12.74 -7.52
C LYS A 74 3.10 -13.96 -8.26
N LYS A 75 1.81 -14.01 -8.47
CA LYS A 75 1.21 -15.17 -9.18
C LYS A 75 -0.08 -14.72 -9.88
N ARG A 76 -0.19 -13.45 -10.17
CA ARG A 76 -1.39 -12.91 -10.86
C ARG A 76 -2.63 -13.23 -10.01
N THR A 77 -2.80 -12.49 -8.95
CA THR A 77 -3.97 -12.71 -8.06
C THR A 77 -4.49 -11.34 -7.59
N TRP A 78 -5.77 -11.16 -7.58
CA TRP A 78 -6.33 -9.85 -7.14
C TRP A 78 -6.47 -9.81 -5.62
N LEU A 79 -6.34 -8.64 -5.06
CA LEU A 79 -6.48 -8.46 -3.58
C LEU A 79 -7.78 -7.70 -3.36
N LEU A 80 -8.82 -8.37 -2.94
CA LEU A 80 -10.15 -7.71 -2.77
C LEU A 80 -10.49 -7.45 -1.30
N LYS A 81 -10.65 -8.48 -0.51
CA LYS A 81 -11.07 -8.28 0.90
C LYS A 81 -10.01 -7.59 1.77
N THR A 82 -10.46 -6.85 2.73
CA THR A 82 -9.52 -6.17 3.65
C THR A 82 -9.05 -7.18 4.71
N HIS A 83 -9.95 -8.04 5.11
CA HIS A 83 -9.64 -9.07 6.14
C HIS A 83 -8.26 -9.70 5.91
N TRP A 84 -7.72 -9.55 4.74
CA TRP A 84 -6.37 -10.14 4.42
C TRP A 84 -5.34 -9.01 4.28
N THR A 85 -5.07 -8.34 5.34
CA THR A 85 -4.08 -7.23 5.32
C THR A 85 -2.83 -7.70 4.60
N LEU A 86 -1.92 -6.82 4.39
CA LEU A 86 -0.66 -7.19 3.72
C LEU A 86 0.02 -8.24 4.56
N ASP A 87 0.26 -7.91 5.78
CA ASP A 87 0.92 -8.88 6.68
C ASP A 87 0.11 -10.16 6.68
N LYS A 88 -1.20 -10.05 6.65
CA LYS A 88 -2.03 -11.30 6.65
C LYS A 88 -1.50 -12.22 5.56
N TYR A 89 -1.25 -11.67 4.42
CA TYR A 89 -0.71 -12.49 3.30
C TYR A 89 0.75 -12.78 3.63
N GLY A 90 1.34 -11.98 4.48
CA GLY A 90 2.77 -12.18 4.83
C GLY A 90 3.56 -11.36 3.83
N ILE A 91 3.04 -10.21 3.54
CA ILE A 91 3.67 -9.31 2.53
C ILE A 91 4.71 -8.40 3.21
N GLN A 92 5.75 -8.09 2.49
CA GLN A 92 6.83 -7.20 3.02
C GLN A 92 7.13 -6.13 1.97
N ALA A 93 8.29 -5.53 2.04
CA ALA A 93 8.64 -4.49 1.04
C ALA A 93 9.14 -5.17 -0.24
N ASP A 94 9.29 -6.47 -0.20
CA ASP A 94 9.78 -7.20 -1.40
C ASP A 94 8.59 -7.58 -2.25
N ALA A 95 7.45 -7.09 -1.90
CA ALA A 95 6.20 -7.40 -2.66
C ALA A 95 5.92 -6.28 -3.66
N LYS A 96 6.00 -6.57 -4.93
CA LYS A 96 5.72 -5.53 -5.97
C LYS A 96 4.27 -5.68 -6.40
N LEU A 97 3.41 -4.79 -5.99
CA LEU A 97 1.98 -4.89 -6.36
C LEU A 97 1.73 -4.22 -7.69
N GLN A 98 0.55 -4.39 -8.19
CA GLN A 98 0.13 -3.78 -9.46
C GLN A 98 -1.25 -3.20 -9.20
N PHE A 99 -1.75 -2.46 -10.13
CA PHE A 99 -3.08 -1.84 -9.99
C PHE A 99 -3.86 -2.26 -11.21
N THR A 100 -5.11 -2.38 -11.09
CA THR A 100 -5.92 -2.79 -12.27
C THR A 100 -7.42 -2.57 -11.98
N PRO A 101 -8.17 -1.94 -12.87
CA PRO A 101 -9.61 -1.72 -12.65
C PRO A 101 -10.30 -2.98 -12.08
N MET A 8 17.29 2.29 30.10
CA MET A 8 16.26 3.32 30.35
C MET A 8 15.61 3.74 29.02
N ALA A 9 14.98 4.88 28.99
CA ALA A 9 14.33 5.36 27.75
C ALA A 9 13.37 6.49 28.12
N LEU A 10 13.74 7.70 27.86
CA LEU A 10 12.86 8.83 28.22
C LEU A 10 11.45 8.56 27.71
N ASP A 11 11.14 8.98 26.51
CA ASP A 11 9.78 8.75 25.97
C ASP A 11 9.72 9.20 24.50
N GLY A 12 10.49 10.18 24.15
CA GLY A 12 10.46 10.67 22.74
C GLY A 12 10.95 9.57 21.80
N ILE A 13 11.88 8.79 22.26
CA ILE A 13 12.43 7.69 21.42
C ILE A 13 11.32 6.69 21.07
N ARG A 14 10.28 6.68 21.82
CA ARG A 14 9.15 5.73 21.55
C ARG A 14 8.59 5.98 20.16
N MET A 15 8.37 7.22 19.84
CA MET A 15 7.78 7.60 18.52
C MET A 15 8.84 8.37 17.70
N PRO A 16 8.51 8.85 16.52
CA PRO A 16 9.48 9.60 15.68
C PRO A 16 10.06 10.80 16.42
N ASP A 17 9.76 10.92 17.70
CA ASP A 17 10.31 12.05 18.49
C ASP A 17 11.71 11.64 18.94
N GLY A 18 12.23 10.62 18.32
CA GLY A 18 13.59 10.13 18.68
C GLY A 18 13.73 8.71 18.12
N CYS A 19 12.62 8.05 17.88
CA CYS A 19 12.67 6.67 17.32
C CYS A 19 13.50 6.69 16.04
N TYR A 20 12.88 7.04 14.94
CA TYR A 20 13.60 7.10 13.64
C TYR A 20 13.18 8.39 12.91
N ALA A 21 13.79 8.68 11.80
CA ALA A 21 13.42 9.92 11.04
C ALA A 21 11.90 9.98 10.88
N ASP A 22 11.36 9.17 10.01
CA ASP A 22 9.88 9.16 9.78
C ASP A 22 9.35 7.74 9.96
N GLY A 23 10.21 6.77 9.89
CA GLY A 23 9.78 5.36 10.07
C GLY A 23 8.72 4.99 9.02
N THR A 24 8.34 5.92 8.18
CA THR A 24 7.31 5.61 7.14
C THR A 24 8.01 5.22 5.84
N TRP A 25 7.26 4.95 4.81
CA TRP A 25 7.89 4.57 3.52
C TRP A 25 6.89 4.69 2.36
N GLU A 26 7.23 4.21 1.16
CA GLU A 26 6.29 4.32 0.00
C GLU A 26 6.07 2.94 -0.63
N LEU A 27 5.33 2.92 -1.68
CA LEU A 27 5.02 1.63 -2.36
C LEU A 27 4.87 1.81 -3.88
N SER A 28 5.05 0.74 -4.60
CA SER A 28 4.95 0.78 -6.09
C SER A 28 3.82 -0.12 -6.59
N VAL A 29 3.08 0.40 -7.53
CA VAL A 29 1.96 -0.37 -8.14
C VAL A 29 2.21 -0.53 -9.65
N HIS A 30 1.56 -1.51 -10.18
CA HIS A 30 1.68 -1.88 -11.62
C HIS A 30 0.28 -2.19 -12.18
N VAL A 31 -0.08 -1.65 -13.30
CA VAL A 31 -1.43 -1.95 -13.88
C VAL A 31 -1.34 -2.99 -14.98
N THR A 32 -1.88 -4.16 -14.72
CA THR A 32 -1.87 -5.23 -15.75
C THR A 32 -3.09 -5.05 -16.65
N ASP A 33 -3.11 -5.66 -17.79
CA ASP A 33 -4.27 -5.50 -18.72
C ASP A 33 -4.30 -4.07 -19.26
N VAL A 34 -3.57 -3.17 -18.63
CA VAL A 34 -3.52 -1.74 -19.10
C VAL A 34 -2.07 -1.42 -19.43
N ASN A 35 -1.16 -2.06 -18.74
CA ASN A 35 0.30 -1.90 -19.03
C ASN A 35 0.85 -0.55 -18.55
N ARG A 36 0.16 0.14 -17.69
CA ARG A 36 0.69 1.44 -17.16
C ARG A 36 1.12 1.17 -15.73
N ASP A 37 1.60 2.15 -15.02
CA ASP A 37 2.03 1.88 -13.60
C ASP A 37 1.84 3.14 -12.76
N VAL A 38 1.55 2.93 -11.52
CA VAL A 38 1.34 4.04 -10.58
C VAL A 38 1.95 3.60 -9.27
N THR A 39 2.25 4.49 -8.37
CA THR A 39 2.88 4.07 -7.08
C THR A 39 2.07 4.66 -5.93
N LEU A 40 2.01 3.94 -4.83
CA LEU A 40 1.24 4.43 -3.66
C LEU A 40 2.19 5.09 -2.69
N ARG A 41 1.71 6.07 -2.03
CA ARG A 41 2.50 6.76 -0.98
C ARG A 41 1.84 6.35 0.33
N VAL A 42 2.32 5.33 0.98
CA VAL A 42 1.64 4.87 2.21
C VAL A 42 2.60 4.15 3.15
N THR A 43 2.04 3.53 4.16
CA THR A 43 2.85 2.77 5.14
C THR A 43 2.10 1.48 5.47
N GLY A 44 2.66 0.64 6.28
CA GLY A 44 1.98 -0.64 6.65
C GLY A 44 0.66 -0.35 7.38
N GLU A 45 0.17 0.86 7.25
CA GLU A 45 -1.09 1.26 7.96
C GLU A 45 -2.26 1.45 6.99
N VAL A 46 -2.00 1.59 5.72
CA VAL A 46 -3.12 1.82 4.76
C VAL A 46 -3.98 0.57 4.61
N HIS A 47 -5.26 0.73 4.57
CA HIS A 47 -6.14 -0.46 4.41
C HIS A 47 -5.97 -0.99 2.99
N ILE A 48 -6.01 -2.27 2.80
CA ILE A 48 -5.89 -2.77 1.41
C ILE A 48 -7.02 -2.11 0.64
N GLY A 49 -8.19 -2.20 1.19
CA GLY A 49 -9.35 -1.55 0.56
C GLY A 49 -9.08 -0.04 0.57
N GLY A 50 -7.94 0.36 1.11
CA GLY A 50 -7.58 1.80 1.16
C GLY A 50 -6.43 2.01 0.19
N VAL A 51 -5.63 1.01 -0.01
CA VAL A 51 -4.50 1.12 -0.96
C VAL A 51 -5.12 1.48 -2.32
N MET A 52 -6.25 0.89 -2.61
CA MET A 52 -6.93 1.20 -3.90
C MET A 52 -7.46 2.64 -3.83
N LEU A 53 -8.10 3.01 -2.78
CA LEU A 53 -8.61 4.41 -2.68
C LEU A 53 -7.42 5.35 -2.72
N LYS A 54 -6.51 5.20 -1.81
CA LYS A 54 -5.33 6.09 -1.81
C LYS A 54 -4.78 6.16 -3.24
N LEU A 55 -4.97 5.11 -3.97
CA LEU A 55 -4.51 5.08 -5.38
C LEU A 55 -5.58 5.69 -6.29
N VAL A 56 -6.78 5.18 -6.24
CA VAL A 56 -7.84 5.77 -7.10
C VAL A 56 -7.92 7.25 -6.76
N GLU A 57 -7.75 7.57 -5.51
CA GLU A 57 -7.77 8.98 -5.10
C GLU A 57 -6.58 9.69 -5.76
N LYS A 58 -5.45 9.05 -5.83
CA LYS A 58 -4.28 9.71 -6.47
C LYS A 58 -4.61 10.00 -7.94
N LEU A 59 -4.92 9.00 -8.73
CA LEU A 59 -5.25 9.24 -10.18
C LEU A 59 -6.64 8.69 -10.50
N ASP A 60 -7.19 9.11 -11.61
CA ASP A 60 -8.53 8.61 -12.02
C ASP A 60 -9.50 8.68 -10.84
N VAL A 61 -10.09 9.82 -10.61
CA VAL A 61 -11.07 9.94 -9.48
C VAL A 61 -12.45 9.54 -9.97
N LYS A 62 -12.51 8.65 -10.93
CA LYS A 62 -13.84 8.21 -11.48
C LYS A 62 -13.80 6.70 -11.75
N LYS A 63 -12.66 6.08 -11.60
CA LYS A 63 -12.57 4.62 -11.83
C LYS A 63 -13.14 3.88 -10.63
N ASP A 64 -13.61 2.69 -10.85
CA ASP A 64 -14.20 1.90 -9.74
C ASP A 64 -13.24 1.90 -8.54
N TRP A 65 -13.78 1.76 -7.36
CA TRP A 65 -12.96 1.76 -6.12
C TRP A 65 -12.59 0.33 -5.71
N SER A 66 -13.52 -0.37 -5.11
CA SER A 66 -13.23 -1.76 -4.66
C SER A 66 -13.31 -2.75 -5.83
N ASP A 67 -14.16 -2.49 -6.78
CA ASP A 67 -14.28 -3.45 -7.93
C ASP A 67 -12.88 -3.77 -8.46
N HIS A 68 -12.00 -2.80 -8.45
CA HIS A 68 -10.63 -3.05 -8.94
C HIS A 68 -9.88 -3.93 -7.95
N ALA A 69 -8.67 -4.28 -8.26
CA ALA A 69 -7.89 -5.16 -7.33
C ALA A 69 -6.40 -5.01 -7.59
N LEU A 70 -5.58 -5.36 -6.62
CA LEU A 70 -4.12 -5.26 -6.80
C LEU A 70 -3.54 -6.64 -7.04
N TRP A 71 -2.90 -6.88 -8.17
CA TRP A 71 -2.31 -8.23 -8.39
C TRP A 71 -0.93 -8.22 -7.73
N TRP A 72 -0.68 -9.15 -6.84
CA TRP A 72 0.63 -9.22 -6.11
C TRP A 72 1.49 -10.31 -6.78
N GLU A 73 2.34 -9.92 -7.68
CA GLU A 73 3.20 -10.91 -8.38
C GLU A 73 3.85 -11.86 -7.37
N LYS A 74 4.11 -11.41 -6.16
CA LYS A 74 4.75 -12.32 -5.16
C LYS A 74 4.12 -13.71 -5.20
N LYS A 75 2.82 -13.79 -5.10
CA LYS A 75 2.12 -15.12 -5.13
C LYS A 75 1.03 -15.06 -6.19
N ARG A 76 1.07 -14.05 -7.02
CA ARG A 76 0.05 -13.92 -8.09
C ARG A 76 -1.35 -14.07 -7.49
N THR A 77 -1.65 -13.31 -6.48
CA THR A 77 -2.99 -13.38 -5.84
C THR A 77 -3.61 -11.99 -5.84
N TRP A 78 -4.63 -11.78 -5.06
CA TRP A 78 -5.30 -10.44 -5.02
C TRP A 78 -5.41 -9.98 -3.56
N LEU A 79 -5.42 -8.69 -3.36
CA LEU A 79 -5.56 -8.11 -1.99
C LEU A 79 -6.94 -7.46 -1.93
N LEU A 80 -7.89 -8.13 -1.33
CA LEU A 80 -9.28 -7.59 -1.28
C LEU A 80 -9.64 -7.00 0.09
N LYS A 81 -9.66 -7.81 1.11
CA LYS A 81 -10.06 -7.31 2.45
C LYS A 81 -9.09 -6.29 3.05
N THR A 82 -9.61 -5.38 3.80
CA THR A 82 -8.74 -4.37 4.47
C THR A 82 -8.17 -5.00 5.75
N HIS A 83 -8.93 -5.86 6.37
CA HIS A 83 -8.51 -6.53 7.65
C HIS A 83 -7.08 -7.05 7.55
N TRP A 84 -6.56 -7.20 6.36
CA TRP A 84 -5.16 -7.72 6.18
C TRP A 84 -4.29 -6.60 5.61
N THR A 85 -4.08 -5.58 6.37
CA THR A 85 -3.25 -4.43 5.92
C THR A 85 -1.97 -4.99 5.29
N LEU A 86 -1.32 -4.21 4.49
CA LEU A 86 -0.06 -4.69 3.85
C LEU A 86 0.82 -5.29 4.95
N ASP A 87 1.06 -4.54 5.96
CA ASP A 87 1.89 -5.06 7.07
C ASP A 87 1.31 -6.36 7.58
N LYS A 88 0.00 -6.46 7.75
CA LYS A 88 -0.58 -7.75 8.24
C LYS A 88 0.02 -8.89 7.42
N TYR A 89 0.11 -8.68 6.13
CA TYR A 89 0.69 -9.73 5.25
C TYR A 89 2.21 -9.75 5.47
N GLY A 90 2.75 -8.70 6.03
CA GLY A 90 4.23 -8.64 6.25
C GLY A 90 4.82 -7.94 5.04
N ILE A 91 4.08 -7.05 4.46
CA ILE A 91 4.54 -6.31 3.25
C ILE A 91 5.21 -5.00 3.67
N GLN A 92 6.19 -4.58 2.92
CA GLN A 92 6.89 -3.30 3.20
C GLN A 92 6.98 -2.52 1.90
N ALA A 93 7.88 -1.59 1.81
CA ALA A 93 8.02 -0.81 0.55
C ALA A 93 8.75 -1.68 -0.46
N ASP A 94 9.14 -2.86 -0.06
CA ASP A 94 9.85 -3.77 -1.00
C ASP A 94 8.83 -4.60 -1.74
N ALA A 95 7.59 -4.28 -1.56
CA ALA A 95 6.52 -5.05 -2.26
C ALA A 95 6.18 -4.37 -3.58
N LYS A 96 6.47 -5.00 -4.67
CA LYS A 96 6.13 -4.40 -5.99
C LYS A 96 4.68 -4.77 -6.26
N LEU A 97 3.76 -3.89 -5.95
CA LEU A 97 2.34 -4.24 -6.16
C LEU A 97 1.96 -4.00 -7.60
N GLN A 98 0.79 -4.43 -7.91
CA GLN A 98 0.23 -4.28 -9.26
C GLN A 98 -1.22 -3.85 -9.08
N PHE A 99 -1.86 -3.54 -10.14
CA PHE A 99 -3.27 -3.10 -10.12
C PHE A 99 -3.98 -3.96 -11.13
N THR A 100 -5.20 -4.22 -10.90
CA THR A 100 -5.93 -5.08 -11.87
C THR A 100 -7.44 -4.97 -11.63
N PRO A 101 -8.25 -5.10 -12.66
CA PRO A 101 -9.74 -5.03 -12.53
C PRO A 101 -10.31 -6.23 -11.79
N MET A 8 23.33 7.88 20.97
CA MET A 8 22.00 7.61 21.59
C MET A 8 21.17 8.88 21.61
N ALA A 9 20.17 8.94 22.45
CA ALA A 9 19.28 10.14 22.54
C ALA A 9 18.17 9.99 21.51
N LEU A 10 17.07 9.44 21.93
CA LEU A 10 15.93 9.24 21.01
C LEU A 10 15.50 10.59 20.44
N ASP A 11 14.83 11.36 21.24
CA ASP A 11 14.36 12.69 20.78
C ASP A 11 14.02 13.55 21.99
N GLY A 12 13.06 13.15 22.76
CA GLY A 12 12.68 13.93 23.96
C GLY A 12 11.26 13.53 24.40
N ILE A 13 10.50 12.96 23.52
CA ILE A 13 9.11 12.56 23.87
C ILE A 13 9.13 11.24 24.64
N ARG A 14 8.73 10.15 24.01
CA ARG A 14 8.70 8.83 24.71
C ARG A 14 9.61 7.84 23.98
N MET A 15 9.22 7.46 22.79
CA MET A 15 10.01 6.51 22.01
C MET A 15 9.48 6.51 20.55
N PRO A 16 8.29 6.02 20.23
CA PRO A 16 7.86 6.05 18.80
C PRO A 16 8.10 7.42 18.15
N ASP A 17 8.28 8.45 18.95
CA ASP A 17 8.53 9.81 18.36
C ASP A 17 10.02 10.11 18.47
N GLY A 18 10.82 9.09 18.60
CA GLY A 18 12.29 9.30 18.70
C GLY A 18 12.97 7.93 18.74
N CYS A 19 12.30 6.96 19.26
CA CYS A 19 12.88 5.59 19.33
C CYS A 19 13.31 5.17 17.93
N TYR A 20 12.35 4.90 17.09
CA TYR A 20 12.66 4.48 15.68
C TYR A 20 11.89 5.37 14.71
N ALA A 21 11.87 6.65 14.95
CA ALA A 21 11.13 7.57 14.04
C ALA A 21 9.71 7.04 13.85
N ASP A 22 9.40 6.57 12.66
CA ASP A 22 8.03 6.03 12.39
C ASP A 22 8.13 4.76 11.54
N GLY A 23 9.31 4.43 11.10
CA GLY A 23 9.47 3.19 10.26
C GLY A 23 8.48 3.22 9.10
N THR A 24 8.18 4.38 8.60
CA THR A 24 7.21 4.48 7.48
C THR A 24 7.86 4.04 6.18
N TRP A 25 7.15 4.14 5.10
CA TRP A 25 7.73 3.75 3.78
C TRP A 25 6.73 4.04 2.66
N GLU A 26 6.98 3.52 1.47
CA GLU A 26 6.05 3.74 0.33
C GLU A 26 5.75 2.40 -0.28
N LEU A 27 5.06 2.42 -1.37
CA LEU A 27 4.65 1.18 -2.07
C LEU A 27 4.68 1.41 -3.59
N SER A 28 4.88 0.36 -4.33
CA SER A 28 4.92 0.46 -5.81
C SER A 28 3.83 -0.42 -6.42
N VAL A 29 3.10 0.15 -7.33
CA VAL A 29 2.01 -0.59 -8.02
C VAL A 29 2.40 -0.77 -9.49
N HIS A 30 1.80 -1.74 -10.08
CA HIS A 30 2.05 -2.13 -11.51
C HIS A 30 0.71 -2.43 -12.20
N VAL A 31 0.45 -1.82 -13.31
CA VAL A 31 -0.82 -2.10 -14.02
C VAL A 31 -0.64 -3.14 -15.11
N THR A 32 -1.21 -4.30 -14.91
CA THR A 32 -1.12 -5.39 -15.92
C THR A 32 -2.25 -5.18 -16.93
N ASP A 33 -2.15 -5.80 -18.08
CA ASP A 33 -3.22 -5.62 -19.10
C ASP A 33 -3.16 -4.19 -19.65
N VAL A 34 -2.53 -3.29 -18.94
CA VAL A 34 -2.41 -1.88 -19.41
C VAL A 34 -0.93 -1.58 -19.61
N ASN A 35 -0.09 -2.25 -18.85
CA ASN A 35 1.38 -2.12 -19.01
C ASN A 35 1.93 -0.78 -18.49
N ARG A 36 1.19 -0.09 -17.67
CA ARG A 36 1.72 1.20 -17.10
C ARG A 36 1.97 0.94 -15.63
N ASP A 37 2.42 1.90 -14.88
CA ASP A 37 2.68 1.65 -13.43
C ASP A 37 2.40 2.91 -12.62
N VAL A 38 2.01 2.71 -11.41
CA VAL A 38 1.71 3.84 -10.50
C VAL A 38 2.20 3.40 -9.14
N THR A 39 2.43 4.29 -8.21
CA THR A 39 2.95 3.86 -6.88
C THR A 39 2.15 4.51 -5.76
N LEU A 40 2.00 3.83 -4.67
CA LEU A 40 1.23 4.38 -3.52
C LEU A 40 2.20 4.89 -2.48
N ARG A 41 1.88 5.99 -1.89
CA ARG A 41 2.73 6.53 -0.79
C ARG A 41 1.99 6.23 0.50
N VAL A 42 2.33 5.16 1.17
CA VAL A 42 1.57 4.80 2.40
C VAL A 42 2.42 4.03 3.41
N THR A 43 1.78 3.55 4.45
CA THR A 43 2.49 2.78 5.51
C THR A 43 1.62 1.61 5.95
N GLY A 44 2.14 0.80 6.83
CA GLY A 44 1.39 -0.39 7.36
C GLY A 44 0.01 0.01 7.87
N GLU A 45 -0.39 1.23 7.66
CA GLU A 45 -1.72 1.70 8.19
C GLU A 45 -2.79 1.81 7.10
N VAL A 46 -2.41 1.86 5.84
CA VAL A 46 -3.47 2.03 4.79
C VAL A 46 -4.26 0.74 4.62
N HIS A 47 -5.55 0.86 4.58
CA HIS A 47 -6.38 -0.36 4.40
C HIS A 47 -6.20 -0.87 2.98
N ILE A 48 -6.24 -2.16 2.76
CA ILE A 48 -6.11 -2.63 1.36
C ILE A 48 -7.23 -1.96 0.59
N GLY A 49 -8.39 -2.01 1.16
CA GLY A 49 -9.55 -1.34 0.54
C GLY A 49 -9.26 0.16 0.53
N GLY A 50 -8.12 0.55 1.08
CA GLY A 50 -7.73 1.98 1.12
C GLY A 50 -6.56 2.16 0.17
N VAL A 51 -5.78 1.14 0.03
CA VAL A 51 -4.63 1.19 -0.90
C VAL A 51 -5.21 1.52 -2.27
N MET A 52 -6.30 0.90 -2.60
CA MET A 52 -6.97 1.17 -3.90
C MET A 52 -7.46 2.62 -3.90
N LEU A 53 -8.12 3.04 -2.88
CA LEU A 53 -8.60 4.44 -2.84
C LEU A 53 -7.42 5.36 -2.90
N LYS A 54 -6.50 5.23 -1.98
CA LYS A 54 -5.31 6.10 -2.01
C LYS A 54 -4.76 6.10 -3.42
N LEU A 55 -4.97 5.03 -4.13
CA LEU A 55 -4.51 4.95 -5.55
C LEU A 55 -5.59 5.55 -6.46
N VAL A 56 -6.79 5.05 -6.41
CA VAL A 56 -7.85 5.65 -7.28
C VAL A 56 -7.88 7.14 -7.00
N GLU A 57 -7.71 7.49 -5.75
CA GLU A 57 -7.69 8.93 -5.39
C GLU A 57 -6.51 9.59 -6.10
N LYS A 58 -5.35 8.97 -6.07
CA LYS A 58 -4.18 9.58 -6.77
C LYS A 58 -4.55 9.79 -8.24
N LEU A 59 -4.96 8.74 -8.91
CA LEU A 59 -5.34 8.91 -10.35
C LEU A 59 -6.57 9.80 -10.45
N ASP A 60 -7.57 9.39 -11.19
CA ASP A 60 -8.80 10.22 -11.33
C ASP A 60 -9.78 9.89 -10.19
N VAL A 61 -10.71 10.77 -9.93
CA VAL A 61 -11.71 10.51 -8.83
C VAL A 61 -13.00 9.95 -9.42
N LYS A 62 -12.91 9.34 -10.59
CA LYS A 62 -14.14 8.76 -11.24
C LYS A 62 -13.85 7.32 -11.66
N LYS A 63 -12.74 6.77 -11.23
CA LYS A 63 -12.42 5.36 -11.60
C LYS A 63 -13.22 4.41 -10.72
N ASP A 64 -13.26 3.16 -11.10
CA ASP A 64 -14.03 2.17 -10.31
C ASP A 64 -13.28 1.82 -9.02
N TRP A 65 -14.00 1.44 -8.00
CA TRP A 65 -13.38 1.07 -6.70
C TRP A 65 -13.50 -0.44 -6.46
N SER A 66 -14.62 -0.89 -5.93
CA SER A 66 -14.78 -2.35 -5.66
C SER A 66 -14.69 -3.18 -6.94
N ASP A 67 -14.37 -2.58 -8.06
CA ASP A 67 -14.27 -3.36 -9.34
C ASP A 67 -12.81 -3.65 -9.67
N HIS A 68 -11.95 -2.68 -9.55
CA HIS A 68 -10.52 -2.90 -9.88
C HIS A 68 -9.87 -3.78 -8.81
N ALA A 69 -8.62 -4.12 -8.99
CA ALA A 69 -7.95 -5.00 -7.98
C ALA A 69 -6.44 -4.90 -8.11
N LEU A 70 -5.70 -5.34 -7.10
CA LEU A 70 -4.21 -5.29 -7.17
C LEU A 70 -3.66 -6.70 -7.34
N TRP A 71 -2.93 -6.96 -8.41
CA TRP A 71 -2.35 -8.33 -8.55
C TRP A 71 -1.02 -8.33 -7.78
N TRP A 72 -0.83 -9.25 -6.88
CA TRP A 72 0.43 -9.29 -6.08
C TRP A 72 1.43 -10.26 -6.72
N GLU A 73 2.51 -9.77 -7.23
CA GLU A 73 3.50 -10.68 -7.88
C GLU A 73 4.02 -11.69 -6.85
N LYS A 74 4.03 -11.35 -5.59
CA LYS A 74 4.54 -12.31 -4.57
C LYS A 74 3.83 -13.67 -4.68
N LYS A 75 2.52 -13.66 -4.62
CA LYS A 75 1.74 -14.95 -4.69
C LYS A 75 0.80 -14.89 -5.89
N ARG A 76 0.96 -13.89 -6.71
CA ARG A 76 0.08 -13.76 -7.90
C ARG A 76 -1.38 -13.89 -7.46
N THR A 77 -1.74 -13.26 -6.37
CA THR A 77 -3.14 -13.32 -5.87
C THR A 77 -3.74 -11.92 -5.94
N TRP A 78 -4.86 -11.70 -5.29
CA TRP A 78 -5.51 -10.36 -5.32
C TRP A 78 -5.70 -9.86 -3.87
N LEU A 79 -5.71 -8.57 -3.70
CA LEU A 79 -5.92 -7.98 -2.34
C LEU A 79 -7.30 -7.34 -2.33
N LEU A 80 -8.19 -7.84 -1.52
CA LEU A 80 -9.59 -7.30 -1.47
C LEU A 80 -9.96 -6.79 -0.07
N LYS A 81 -9.89 -7.63 0.93
CA LYS A 81 -10.30 -7.18 2.29
C LYS A 81 -9.35 -6.17 2.93
N THR A 82 -9.89 -5.27 3.68
CA THR A 82 -9.05 -4.27 4.37
C THR A 82 -8.50 -4.90 5.65
N HIS A 83 -9.27 -5.78 6.25
CA HIS A 83 -8.86 -6.47 7.52
C HIS A 83 -7.42 -6.96 7.44
N TRP A 84 -6.87 -7.07 6.27
CA TRP A 84 -5.46 -7.56 6.11
C TRP A 84 -4.58 -6.42 5.57
N THR A 85 -4.42 -5.41 6.36
CA THR A 85 -3.58 -4.24 5.95
C THR A 85 -2.27 -4.77 5.37
N LEU A 86 -1.54 -3.94 4.68
CA LEU A 86 -0.24 -4.41 4.13
C LEU A 86 0.57 -5.00 5.27
N ASP A 87 0.71 -4.25 6.32
CA ASP A 87 1.47 -4.75 7.47
C ASP A 87 0.89 -6.09 7.92
N LYS A 88 -0.42 -6.21 8.00
CA LYS A 88 -1.02 -7.52 8.44
C LYS A 88 -0.36 -8.62 7.61
N TYR A 89 -0.21 -8.40 6.35
CA TYR A 89 0.43 -9.42 5.48
C TYR A 89 1.94 -9.42 5.77
N GLY A 90 2.43 -8.41 6.44
CA GLY A 90 3.89 -8.34 6.74
C GLY A 90 4.58 -7.74 5.53
N ILE A 91 3.91 -6.82 4.90
CA ILE A 91 4.47 -6.17 3.68
C ILE A 91 5.31 -4.95 4.09
N GLN A 92 6.34 -4.69 3.32
CA GLN A 92 7.23 -3.52 3.59
C GLN A 92 7.38 -2.74 2.29
N ALA A 93 8.44 -1.98 2.17
CA ALA A 93 8.65 -1.20 0.92
C ALA A 93 9.24 -2.15 -0.13
N ASP A 94 9.55 -3.36 0.25
CA ASP A 94 10.13 -4.33 -0.72
C ASP A 94 9.00 -5.05 -1.41
N ALA A 95 7.81 -4.61 -1.17
CA ALA A 95 6.62 -5.25 -1.80
C ALA A 95 6.25 -4.50 -3.08
N LYS A 96 6.38 -5.14 -4.21
CA LYS A 96 6.03 -4.48 -5.50
C LYS A 96 4.59 -4.90 -5.85
N LEU A 97 3.65 -4.02 -5.68
CA LEU A 97 2.25 -4.38 -5.98
C LEU A 97 1.96 -4.19 -7.46
N GLN A 98 0.81 -4.62 -7.86
CA GLN A 98 0.36 -4.48 -9.26
C GLN A 98 -1.08 -4.00 -9.21
N PHE A 99 -1.61 -3.67 -10.32
CA PHE A 99 -3.00 -3.19 -10.43
C PHE A 99 -3.66 -4.03 -11.48
N THR A 100 -4.90 -4.22 -11.37
CA THR A 100 -5.60 -5.06 -12.38
C THR A 100 -7.11 -4.87 -12.28
N PRO A 101 -7.84 -5.02 -13.37
CA PRO A 101 -9.32 -4.85 -13.37
C PRO A 101 -10.03 -6.02 -12.67
N MET A 8 20.68 10.86 30.71
CA MET A 8 19.64 10.41 29.75
C MET A 8 20.27 10.16 28.38
N ALA A 9 19.48 10.13 27.35
CA ALA A 9 20.03 9.90 25.99
C ALA A 9 18.89 10.00 24.97
N LEU A 10 18.78 11.12 24.32
CA LEU A 10 17.70 11.30 23.31
C LEU A 10 18.01 10.45 22.08
N ASP A 11 18.98 10.85 21.33
CA ASP A 11 19.39 10.12 20.10
C ASP A 11 18.36 10.39 19.01
N GLY A 12 17.16 10.74 19.40
CA GLY A 12 16.11 11.03 18.37
C GLY A 12 14.72 10.64 18.89
N ILE A 13 14.66 9.79 19.89
CA ILE A 13 13.33 9.35 20.44
C ILE A 13 12.37 10.53 20.52
N ARG A 14 12.88 11.72 20.55
CA ARG A 14 12.00 12.92 20.63
C ARG A 14 11.18 13.04 19.35
N MET A 15 11.84 12.90 18.23
CA MET A 15 11.14 13.03 16.91
C MET A 15 10.85 11.63 16.36
N PRO A 16 10.25 11.54 15.19
CA PRO A 16 9.92 10.21 14.59
C PRO A 16 11.16 9.33 14.46
N ASP A 17 12.25 9.77 14.99
CA ASP A 17 13.49 8.93 14.91
C ASP A 17 13.23 7.70 15.76
N GLY A 18 12.77 7.91 16.97
CA GLY A 18 12.44 6.78 17.88
C GLY A 18 11.15 7.11 18.62
N CYS A 19 10.61 8.28 18.39
CA CYS A 19 9.34 8.68 19.07
C CYS A 19 8.26 7.63 18.77
N TYR A 20 7.50 7.84 17.74
CA TYR A 20 6.43 6.86 17.39
C TYR A 20 7.06 5.68 16.65
N ALA A 21 8.12 5.13 17.19
CA ALA A 21 8.80 3.98 16.51
C ALA A 21 7.77 2.96 16.03
N ASP A 22 7.56 2.88 14.74
CA ASP A 22 6.57 1.92 14.20
C ASP A 22 7.14 1.23 12.95
N GLY A 23 8.33 1.61 12.55
CA GLY A 23 8.92 0.98 11.34
C GLY A 23 7.96 1.12 10.17
N THR A 24 7.65 2.34 9.81
CA THR A 24 6.71 2.57 8.68
C THR A 24 7.46 2.46 7.36
N TRP A 25 6.74 2.57 6.26
CA TRP A 25 7.42 2.48 4.93
C TRP A 25 6.46 2.94 3.83
N GLU A 26 6.77 2.61 2.58
CA GLU A 26 5.88 2.99 1.46
C GLU A 26 5.62 1.73 0.64
N LEU A 27 4.90 1.90 -0.41
CA LEU A 27 4.52 0.76 -1.31
C LEU A 27 4.53 1.24 -2.76
N SER A 28 4.75 0.35 -3.69
CA SER A 28 4.76 0.71 -5.13
C SER A 28 3.68 -0.07 -5.87
N VAL A 29 2.93 0.63 -6.66
CA VAL A 29 1.84 0.01 -7.47
C VAL A 29 2.20 0.11 -8.95
N HIS A 30 1.59 -0.74 -9.70
CA HIS A 30 1.84 -0.84 -11.18
C HIS A 30 0.52 -1.07 -11.92
N VAL A 31 0.19 -0.25 -12.87
CA VAL A 31 -1.07 -0.46 -13.64
C VAL A 31 -0.77 -1.33 -14.86
N THR A 32 -1.31 -2.52 -14.89
CA THR A 32 -1.05 -3.44 -16.02
C THR A 32 -1.95 -3.15 -17.23
N ASP A 33 -3.24 -3.33 -17.09
CA ASP A 33 -4.16 -3.07 -18.24
C ASP A 33 -4.12 -1.61 -18.66
N VAL A 34 -3.14 -0.86 -18.23
CA VAL A 34 -3.05 0.58 -18.62
C VAL A 34 -1.59 0.95 -18.92
N ASN A 35 -0.65 0.21 -18.36
CA ASN A 35 0.80 0.44 -18.64
C ASN A 35 1.36 1.65 -17.89
N ARG A 36 0.68 2.12 -16.89
CA ARG A 36 1.20 3.28 -16.09
C ARG A 36 1.62 2.73 -14.73
N ASP A 37 2.06 3.57 -13.84
CA ASP A 37 2.45 3.06 -12.49
C ASP A 37 2.22 4.16 -11.47
N VAL A 38 1.82 3.78 -10.29
CA VAL A 38 1.54 4.75 -9.21
C VAL A 38 2.01 4.09 -7.94
N THR A 39 2.26 4.80 -6.88
CA THR A 39 2.76 4.15 -5.62
C THR A 39 1.94 4.60 -4.43
N LEU A 40 1.81 3.74 -3.45
CA LEU A 40 1.03 4.09 -2.23
C LEU A 40 1.99 4.43 -1.12
N ARG A 41 1.63 5.38 -0.34
CA ARG A 41 2.45 5.74 0.85
C ARG A 41 1.66 5.27 2.06
N VAL A 42 1.95 4.11 2.57
CA VAL A 42 1.14 3.59 3.72
C VAL A 42 1.95 2.65 4.61
N THR A 43 1.26 1.98 5.51
CA THR A 43 1.92 1.03 6.45
C THR A 43 1.09 -0.25 6.57
N GLY A 44 1.54 -1.18 7.34
CA GLY A 44 0.80 -2.47 7.51
C GLY A 44 -0.57 -2.22 8.12
N GLU A 45 -1.02 -1.00 8.07
CA GLU A 45 -2.35 -0.68 8.66
C GLU A 45 -3.38 -0.37 7.58
N VAL A 46 -2.97 -0.08 6.39
CA VAL A 46 -3.96 0.25 5.33
C VAL A 46 -4.67 -1.01 4.85
N HIS A 47 -5.95 -1.00 4.84
CA HIS A 47 -6.71 -2.18 4.40
C HIS A 47 -6.50 -2.40 2.91
N ILE A 48 -6.52 -3.61 2.44
CA ILE A 48 -6.36 -3.81 0.99
C ILE A 48 -7.43 -2.96 0.32
N GLY A 49 -8.64 -3.15 0.75
CA GLY A 49 -9.75 -2.34 0.20
C GLY A 49 -9.47 -0.87 0.54
N GLY A 50 -8.40 -0.62 1.26
CA GLY A 50 -8.03 0.78 1.62
C GLY A 50 -6.83 1.18 0.79
N VAL A 51 -6.02 0.21 0.45
CA VAL A 51 -4.84 0.49 -0.39
C VAL A 51 -5.38 1.10 -1.69
N MET A 52 -6.46 0.56 -2.17
CA MET A 52 -7.07 1.10 -3.42
C MET A 52 -7.57 2.52 -3.15
N LEU A 53 -8.27 2.72 -2.08
CA LEU A 53 -8.76 4.10 -1.78
C LEU A 53 -7.58 5.02 -1.62
N LYS A 54 -6.69 4.71 -0.73
CA LYS A 54 -5.51 5.58 -0.56
C LYS A 54 -4.91 5.85 -1.92
N LEU A 55 -5.07 4.92 -2.83
CA LEU A 55 -4.56 5.10 -4.21
C LEU A 55 -5.59 5.89 -5.03
N VAL A 56 -6.81 5.41 -5.09
CA VAL A 56 -7.84 6.17 -5.86
C VAL A 56 -7.86 7.58 -5.30
N GLU A 57 -7.77 7.69 -4.01
CA GLU A 57 -7.74 9.03 -3.38
C GLU A 57 -6.54 9.79 -3.93
N LYS A 58 -5.40 9.15 -4.00
CA LYS A 58 -4.21 9.85 -4.54
C LYS A 58 -4.54 10.33 -5.97
N LEU A 59 -4.92 9.44 -6.84
CA LEU A 59 -5.27 9.86 -8.22
C LEU A 59 -6.58 10.65 -8.20
N ASP A 60 -7.67 10.04 -8.56
CA ASP A 60 -8.98 10.76 -8.56
C ASP A 60 -10.12 9.74 -8.53
N VAL A 61 -11.33 10.20 -8.34
CA VAL A 61 -12.48 9.25 -8.31
C VAL A 61 -12.74 8.71 -9.72
N LYS A 62 -13.95 8.77 -10.19
CA LYS A 62 -14.26 8.28 -11.56
C LYS A 62 -14.07 6.75 -11.60
N LYS A 63 -12.91 6.27 -11.22
CA LYS A 63 -12.67 4.80 -11.26
C LYS A 63 -13.34 4.14 -10.05
N ASP A 64 -13.65 2.88 -10.17
CA ASP A 64 -14.31 2.14 -9.05
C ASP A 64 -13.24 1.47 -8.19
N TRP A 65 -13.54 1.23 -6.94
CA TRP A 65 -12.56 0.60 -6.04
C TRP A 65 -12.75 -0.92 -6.09
N SER A 66 -13.62 -1.40 -5.25
CA SER A 66 -13.88 -2.87 -5.17
C SER A 66 -13.90 -3.52 -6.55
N ASP A 67 -14.21 -2.79 -7.59
CA ASP A 67 -14.25 -3.43 -8.95
C ASP A 67 -12.82 -3.70 -9.42
N HIS A 68 -11.98 -2.70 -9.48
CA HIS A 68 -10.59 -2.94 -9.94
C HIS A 68 -9.83 -3.72 -8.87
N ALA A 69 -8.60 -4.05 -9.12
CA ALA A 69 -7.84 -4.84 -8.12
C ALA A 69 -6.34 -4.60 -8.28
N LEU A 70 -5.57 -5.08 -7.34
CA LEU A 70 -4.10 -4.92 -7.43
C LEU A 70 -3.48 -6.27 -7.78
N TRP A 71 -2.80 -6.38 -8.89
CA TRP A 71 -2.16 -7.69 -9.22
C TRP A 71 -0.81 -7.73 -8.50
N TRP A 72 -0.55 -8.79 -7.76
CA TRP A 72 0.76 -8.87 -7.02
C TRP A 72 1.75 -9.69 -7.85
N GLU A 73 2.74 -9.06 -8.40
CA GLU A 73 3.72 -9.80 -9.24
C GLU A 73 4.35 -10.95 -8.44
N LYS A 74 4.33 -10.90 -7.14
CA LYS A 74 4.95 -11.99 -6.36
C LYS A 74 4.11 -13.28 -6.47
N LYS A 75 2.84 -13.20 -6.17
CA LYS A 75 1.96 -14.41 -6.24
C LYS A 75 1.05 -14.28 -7.45
N ARG A 76 1.41 -13.37 -8.33
CA ARG A 76 0.60 -13.10 -9.57
C ARG A 76 -0.90 -13.30 -9.26
N THR A 77 -1.32 -12.89 -8.09
CA THR A 77 -2.75 -13.04 -7.69
C THR A 77 -3.38 -11.66 -7.53
N TRP A 78 -4.47 -11.59 -6.82
CA TRP A 78 -5.17 -10.29 -6.61
C TRP A 78 -5.42 -10.08 -5.11
N LEU A 79 -5.52 -8.84 -4.70
CA LEU A 79 -5.79 -8.52 -3.27
C LEU A 79 -7.20 -7.92 -3.20
N LEU A 80 -8.17 -8.69 -2.78
CA LEU A 80 -9.58 -8.22 -2.75
C LEU A 80 -10.04 -7.78 -1.35
N LYS A 81 -10.22 -8.72 -0.46
CA LYS A 81 -10.76 -8.37 0.89
C LYS A 81 -9.85 -7.46 1.71
N THR A 82 -10.44 -6.68 2.56
CA THR A 82 -9.66 -5.78 3.44
C THR A 82 -9.15 -6.60 4.64
N HIS A 83 -9.99 -7.47 5.13
CA HIS A 83 -9.66 -8.32 6.31
C HIS A 83 -8.21 -8.79 6.27
N TRP A 84 -7.60 -8.79 5.12
CA TRP A 84 -6.18 -9.28 5.00
C TRP A 84 -5.28 -8.12 4.59
N THR A 85 -5.00 -7.23 5.49
CA THR A 85 -4.11 -6.08 5.18
C THR A 85 -2.88 -6.60 4.43
N LEU A 86 -2.07 -5.74 3.94
CA LEU A 86 -0.87 -6.22 3.23
C LEU A 86 0.05 -6.83 4.27
N ASP A 87 0.15 -6.21 5.41
CA ASP A 87 1.00 -6.83 6.45
C ASP A 87 0.40 -8.19 6.78
N LYS A 88 -0.92 -8.29 6.84
CA LYS A 88 -1.55 -9.60 7.14
C LYS A 88 -0.92 -10.63 6.22
N TYR A 89 -0.77 -10.28 4.98
CA TYR A 89 -0.14 -11.22 4.02
C TYR A 89 1.32 -11.37 4.41
N GLY A 90 1.88 -10.35 5.00
CA GLY A 90 3.31 -10.39 5.42
C GLY A 90 4.11 -9.60 4.40
N ILE A 91 3.47 -8.61 3.85
CA ILE A 91 4.12 -7.77 2.81
C ILE A 91 4.97 -6.67 3.48
N GLN A 92 5.99 -6.23 2.81
CA GLN A 92 6.87 -5.14 3.34
C GLN A 92 7.08 -4.10 2.25
N ALA A 93 8.10 -3.31 2.36
CA ALA A 93 8.35 -2.27 1.32
C ALA A 93 9.07 -2.92 0.14
N ASP A 94 9.46 -4.15 0.27
CA ASP A 94 10.17 -4.84 -0.85
C ASP A 94 9.13 -5.46 -1.77
N ALA A 95 7.90 -5.18 -1.51
CA ALA A 95 6.79 -5.73 -2.34
C ALA A 95 6.34 -4.70 -3.37
N LYS A 96 6.45 -5.02 -4.62
CA LYS A 96 6.02 -4.08 -5.70
C LYS A 96 4.61 -4.48 -6.13
N LEU A 97 3.62 -3.70 -5.81
CA LEU A 97 2.23 -4.06 -6.20
C LEU A 97 1.94 -3.61 -7.61
N GLN A 98 0.80 -4.01 -8.08
CA GLN A 98 0.35 -3.66 -9.42
C GLN A 98 -1.12 -3.29 -9.28
N PHE A 99 -1.69 -2.78 -10.31
CA PHE A 99 -3.11 -2.38 -10.31
C PHE A 99 -3.73 -3.06 -11.49
N THR A 100 -4.96 -3.34 -11.41
CA THR A 100 -5.62 -4.03 -12.55
C THR A 100 -7.15 -3.96 -12.39
N PRO A 101 -7.88 -3.91 -13.49
CA PRO A 101 -9.37 -3.84 -13.44
C PRO A 101 -9.99 -5.13 -12.89
N MET A 8 25.23 16.80 23.37
CA MET A 8 24.36 15.59 23.51
C MET A 8 23.20 15.67 22.53
N ALA A 9 22.15 14.91 22.77
CA ALA A 9 20.97 14.93 21.86
C ALA A 9 20.13 13.71 22.18
N LEU A 10 19.05 13.89 22.89
CA LEU A 10 18.19 12.75 23.25
C LEU A 10 17.93 11.89 22.01
N ASP A 11 16.86 12.14 21.31
CA ASP A 11 16.53 11.34 20.09
C ASP A 11 16.59 9.85 20.42
N GLY A 12 16.77 9.55 21.68
CA GLY A 12 16.85 8.14 22.13
C GLY A 12 16.06 8.04 23.42
N ILE A 13 15.12 8.92 23.59
CA ILE A 13 14.29 8.95 24.82
C ILE A 13 13.98 7.52 25.28
N ARG A 14 12.90 6.98 24.81
CA ARG A 14 12.51 5.61 25.23
C ARG A 14 11.71 4.96 24.11
N MET A 15 10.89 5.72 23.49
CA MET A 15 10.04 5.22 22.40
C MET A 15 9.97 6.32 21.33
N PRO A 16 9.10 6.25 20.35
CA PRO A 16 9.03 7.31 19.30
C PRO A 16 8.90 8.71 19.89
N ASP A 17 9.12 8.87 21.16
CA ASP A 17 9.04 10.23 21.76
C ASP A 17 10.34 10.93 21.36
N GLY A 18 11.14 10.21 20.62
CA GLY A 18 12.44 10.74 20.15
C GLY A 18 13.27 9.57 19.63
N CYS A 19 12.90 8.37 19.99
CA CYS A 19 13.65 7.17 19.52
C CYS A 19 13.61 7.11 17.99
N TYR A 20 12.60 6.49 17.43
CA TYR A 20 12.50 6.38 15.95
C TYR A 20 11.75 7.59 15.40
N ALA A 21 11.38 7.56 14.14
CA ALA A 21 10.65 8.70 13.53
C ALA A 21 9.15 8.36 13.46
N ASP A 22 8.63 8.19 12.28
CA ASP A 22 7.19 7.87 12.13
C ASP A 22 7.01 6.35 12.10
N GLY A 23 7.99 5.65 11.59
CA GLY A 23 7.89 4.17 11.53
C GLY A 23 6.92 3.77 10.41
N THR A 24 6.41 4.73 9.69
CA THR A 24 5.45 4.42 8.59
C THR A 24 6.23 4.11 7.31
N TRP A 25 5.56 3.82 6.23
CA TRP A 25 6.30 3.53 4.97
C TRP A 25 5.41 3.79 3.74
N GLU A 26 5.86 3.42 2.57
CA GLU A 26 5.06 3.62 1.34
C GLU A 26 4.90 2.30 0.63
N LEU A 27 4.27 2.35 -0.48
CA LEU A 27 3.99 1.12 -1.29
C LEU A 27 4.12 1.44 -2.78
N SER A 28 4.43 0.47 -3.58
CA SER A 28 4.58 0.68 -5.04
C SER A 28 3.58 -0.21 -5.80
N VAL A 29 2.90 0.40 -6.72
CA VAL A 29 1.90 -0.32 -7.55
C VAL A 29 2.40 -0.35 -9.00
N HIS A 30 1.89 -1.29 -9.72
CA HIS A 30 2.27 -1.55 -11.14
C HIS A 30 1.03 -1.89 -11.98
N VAL A 31 0.79 -1.16 -13.03
CA VAL A 31 -0.38 -1.49 -13.90
C VAL A 31 0.09 -2.45 -14.99
N THR A 32 -0.38 -3.67 -14.95
CA THR A 32 0.05 -4.70 -15.94
C THR A 32 -0.69 -4.55 -17.27
N ASP A 33 -1.97 -4.84 -17.30
CA ASP A 33 -2.73 -4.75 -18.59
C ASP A 33 -2.70 -3.33 -19.16
N VAL A 34 -1.81 -2.49 -18.70
CA VAL A 34 -1.73 -1.09 -19.23
C VAL A 34 -0.25 -0.70 -19.40
N ASN A 35 0.63 -1.31 -18.65
CA ASN A 35 2.09 -1.05 -18.77
C ASN A 35 2.52 0.25 -18.10
N ARG A 36 1.72 0.78 -17.22
CA ARG A 36 2.11 2.04 -16.48
C ARG A 36 2.37 1.65 -15.04
N ASP A 37 2.67 2.59 -14.19
CA ASP A 37 2.91 2.22 -12.77
C ASP A 37 2.54 3.41 -11.89
N VAL A 38 2.04 3.13 -10.73
CA VAL A 38 1.63 4.19 -9.78
C VAL A 38 2.03 3.68 -8.41
N THR A 39 2.13 4.51 -7.40
CA THR A 39 2.55 4.02 -6.06
C THR A 39 1.62 4.55 -4.98
N LEU A 40 1.41 3.78 -3.95
CA LEU A 40 0.51 4.22 -2.85
C LEU A 40 1.35 4.71 -1.69
N ARG A 41 0.91 5.75 -1.07
CA ARG A 41 1.60 6.27 0.13
C ARG A 41 0.74 5.84 1.33
N VAL A 42 1.08 4.75 1.96
CA VAL A 42 0.21 4.26 3.07
C VAL A 42 0.99 3.44 4.09
N THR A 43 0.28 2.82 5.00
CA THR A 43 0.92 1.98 6.05
C THR A 43 0.11 0.71 6.24
N GLY A 44 0.59 -0.18 7.06
CA GLY A 44 -0.10 -1.47 7.35
C GLY A 44 -1.56 -1.23 7.77
N GLU A 45 -2.02 -0.01 7.68
CA GLU A 45 -3.40 0.31 8.13
C GLU A 45 -4.38 0.52 6.97
N VAL A 46 -3.91 0.73 5.77
CA VAL A 46 -4.87 0.97 4.66
C VAL A 46 -5.58 -0.33 4.28
N HIS A 47 -6.86 -0.26 4.11
CA HIS A 47 -7.63 -1.48 3.73
C HIS A 47 -7.28 -1.85 2.30
N ILE A 48 -7.26 -3.11 1.98
CA ILE A 48 -6.98 -3.48 0.57
C ILE A 48 -8.02 -2.76 -0.26
N GLY A 49 -9.25 -2.91 0.14
CA GLY A 49 -10.34 -2.20 -0.57
C GLY A 49 -10.10 -0.70 -0.39
N GLY A 50 -9.04 -0.34 0.32
CA GLY A 50 -8.71 1.10 0.55
C GLY A 50 -7.42 1.40 -0.20
N VAL A 51 -6.66 0.37 -0.44
CA VAL A 51 -5.40 0.54 -1.18
C VAL A 51 -5.78 0.95 -2.60
N MET A 52 -6.82 0.37 -3.11
CA MET A 52 -7.27 0.73 -4.48
C MET A 52 -7.95 2.10 -4.43
N LEU A 53 -8.71 2.36 -3.41
CA LEU A 53 -9.35 3.70 -3.32
C LEU A 53 -8.27 4.73 -3.08
N LYS A 54 -7.48 4.54 -2.06
CA LYS A 54 -6.38 5.51 -1.81
C LYS A 54 -5.64 5.74 -3.13
N LEU A 55 -5.63 4.74 -3.97
CA LEU A 55 -4.98 4.87 -5.29
C LEU A 55 -5.96 5.53 -6.25
N VAL A 56 -7.14 5.00 -6.39
CA VAL A 56 -8.12 5.66 -7.29
C VAL A 56 -8.23 7.11 -6.85
N GLU A 57 -8.28 7.30 -5.56
CA GLU A 57 -8.34 8.67 -5.02
C GLU A 57 -7.11 9.45 -5.50
N LYS A 58 -5.94 8.86 -5.45
CA LYS A 58 -4.75 9.59 -5.93
C LYS A 58 -5.00 10.02 -7.38
N LEU A 59 -5.28 9.08 -8.25
CA LEU A 59 -5.57 9.45 -9.67
C LEU A 59 -7.05 9.79 -9.82
N ASP A 60 -7.39 11.05 -9.81
CA ASP A 60 -8.82 11.44 -9.95
C ASP A 60 -9.23 11.46 -11.42
N VAL A 61 -9.98 10.48 -11.84
CA VAL A 61 -10.42 10.43 -13.27
C VAL A 61 -11.54 9.39 -13.41
N LYS A 62 -12.32 9.24 -12.38
CA LYS A 62 -13.46 8.27 -12.40
C LYS A 62 -12.97 6.86 -12.75
N LYS A 63 -11.96 6.38 -12.10
CA LYS A 63 -11.46 5.00 -12.39
C LYS A 63 -12.38 4.00 -11.69
N ASP A 64 -12.16 2.74 -11.93
CA ASP A 64 -13.02 1.71 -11.31
C ASP A 64 -12.58 1.46 -9.85
N TRP A 65 -13.49 1.03 -9.03
CA TRP A 65 -13.17 0.79 -7.59
C TRP A 65 -12.89 -0.71 -7.36
N SER A 66 -13.93 -1.49 -7.18
CA SER A 66 -13.72 -2.95 -6.92
C SER A 66 -13.52 -3.73 -8.22
N ASP A 67 -14.15 -3.32 -9.29
CA ASP A 67 -14.01 -4.07 -10.57
C ASP A 67 -12.53 -4.32 -10.87
N HIS A 68 -11.68 -3.34 -10.66
CA HIS A 68 -10.23 -3.54 -10.93
C HIS A 68 -9.60 -4.30 -9.78
N ALA A 69 -8.32 -4.58 -9.86
CA ALA A 69 -7.68 -5.35 -8.76
C ALA A 69 -6.17 -5.12 -8.77
N LEU A 70 -5.50 -5.51 -7.71
CA LEU A 70 -4.03 -5.34 -7.65
C LEU A 70 -3.35 -6.70 -7.82
N TRP A 71 -2.54 -6.87 -8.83
CA TRP A 71 -1.85 -8.19 -8.96
C TRP A 71 -0.59 -8.13 -8.10
N TRP A 72 -0.36 -9.15 -7.29
CA TRP A 72 0.83 -9.15 -6.38
C TRP A 72 1.98 -9.91 -7.06
N GLU A 73 3.04 -9.25 -7.39
CA GLU A 73 4.17 -9.95 -8.05
C GLU A 73 4.76 -11.00 -7.10
N LYS A 74 4.45 -10.93 -5.84
CA LYS A 74 5.02 -11.92 -4.88
C LYS A 74 4.29 -13.27 -4.99
N LYS A 75 2.99 -13.27 -4.85
CA LYS A 75 2.22 -14.56 -4.94
C LYS A 75 1.50 -14.60 -6.27
N ARG A 76 1.79 -13.65 -7.12
CA ARG A 76 1.12 -13.61 -8.44
C ARG A 76 -0.39 -13.82 -8.27
N THR A 77 -0.97 -13.24 -7.24
CA THR A 77 -2.43 -13.40 -6.98
C THR A 77 -3.08 -12.03 -7.03
N TRP A 78 -4.25 -11.90 -6.46
CA TRP A 78 -4.97 -10.60 -6.45
C TRP A 78 -5.39 -10.27 -5.01
N LEU A 79 -5.55 -9.00 -4.72
CA LEU A 79 -5.98 -8.58 -3.34
C LEU A 79 -7.44 -8.13 -3.43
N LEU A 80 -8.33 -8.79 -2.74
CA LEU A 80 -9.78 -8.43 -2.81
C LEU A 80 -10.29 -7.87 -1.47
N LYS A 81 -10.51 -8.72 -0.51
CA LYS A 81 -11.09 -8.27 0.79
C LYS A 81 -10.22 -7.24 1.52
N THR A 82 -10.87 -6.40 2.26
CA THR A 82 -10.14 -5.39 3.08
C THR A 82 -9.67 -6.08 4.37
N HIS A 83 -10.46 -7.01 4.84
CA HIS A 83 -10.14 -7.75 6.11
C HIS A 83 -8.68 -8.19 6.15
N TRP A 84 -8.02 -8.22 5.02
CA TRP A 84 -6.58 -8.66 4.99
C TRP A 84 -5.70 -7.47 4.61
N THR A 85 -5.63 -6.52 5.47
CA THR A 85 -4.79 -5.30 5.23
C THR A 85 -3.42 -5.76 4.74
N LEU A 86 -2.64 -4.88 4.19
CA LEU A 86 -1.29 -5.29 3.73
C LEU A 86 -0.58 -5.96 4.90
N ASP A 87 -0.54 -5.28 5.99
CA ASP A 87 0.12 -5.85 7.18
C ASP A 87 -0.47 -7.23 7.48
N LYS A 88 -1.78 -7.38 7.42
CA LYS A 88 -2.37 -8.72 7.70
C LYS A 88 -1.60 -9.77 6.89
N TYR A 89 -1.32 -9.44 5.68
CA TYR A 89 -0.56 -10.39 4.81
C TYR A 89 0.91 -10.37 5.27
N GLY A 90 1.31 -9.34 5.96
CA GLY A 90 2.73 -9.25 6.41
C GLY A 90 3.48 -8.49 5.33
N ILE A 91 2.83 -7.53 4.75
CA ILE A 91 3.46 -6.74 3.65
C ILE A 91 4.17 -5.51 4.22
N GLN A 92 5.27 -5.14 3.61
CA GLN A 92 6.05 -3.95 4.06
C GLN A 92 6.38 -3.10 2.83
N ALA A 93 7.39 -2.28 2.90
CA ALA A 93 7.75 -1.44 1.72
C ALA A 93 8.52 -2.32 0.74
N ASP A 94 8.84 -3.53 1.13
CA ASP A 94 9.58 -4.43 0.21
C ASP A 94 8.57 -5.16 -0.65
N ALA A 95 7.34 -4.76 -0.53
CA ALA A 95 6.25 -5.40 -1.32
C ALA A 95 5.94 -4.53 -2.54
N LYS A 96 6.18 -5.05 -3.72
CA LYS A 96 5.89 -4.26 -4.95
C LYS A 96 4.52 -4.70 -5.46
N LEU A 97 3.53 -3.86 -5.36
CA LEU A 97 2.18 -4.25 -5.82
C LEU A 97 2.02 -3.94 -7.28
N GLN A 98 0.93 -4.37 -7.82
CA GLN A 98 0.60 -4.15 -9.24
C GLN A 98 -0.87 -3.77 -9.29
N PHE A 99 -1.33 -3.38 -10.41
CA PHE A 99 -2.74 -2.98 -10.62
C PHE A 99 -3.20 -3.80 -11.79
N THR A 100 -4.43 -4.11 -11.85
CA THR A 100 -4.90 -4.94 -12.99
C THR A 100 -6.43 -4.90 -13.14
N PRO A 101 -6.97 -4.16 -14.10
CA PRO A 101 -8.44 -4.07 -14.33
C PRO A 101 -9.13 -5.44 -14.25
N MET A 8 23.60 8.19 22.62
CA MET A 8 22.65 9.18 23.19
C MET A 8 21.96 9.94 22.05
N ALA A 9 21.50 11.14 22.31
CA ALA A 9 20.82 11.93 21.26
C ALA A 9 20.56 13.33 21.78
N LEU A 10 19.77 14.11 21.10
CA LEU A 10 19.48 15.47 21.56
C LEU A 10 18.18 15.45 22.36
N ASP A 11 17.12 15.94 21.79
CA ASP A 11 15.81 15.98 22.51
C ASP A 11 14.66 15.72 21.53
N GLY A 12 14.95 15.56 20.26
CA GLY A 12 13.87 15.32 19.27
C GLY A 12 13.01 14.15 19.76
N ILE A 13 13.59 13.29 20.56
CA ILE A 13 12.85 12.12 21.10
C ILE A 13 11.46 12.56 21.57
N ARG A 14 11.30 13.83 21.79
CA ARG A 14 9.98 14.35 22.25
C ARG A 14 9.05 14.46 21.07
N MET A 15 9.51 15.05 20.02
CA MET A 15 8.67 15.25 18.80
C MET A 15 9.09 14.23 17.76
N PRO A 16 8.35 14.07 16.68
CA PRO A 16 8.74 13.12 15.60
C PRO A 16 10.18 13.38 15.14
N ASP A 17 10.88 14.28 15.79
CA ASP A 17 12.28 14.57 15.41
C ASP A 17 13.16 13.51 16.07
N GLY A 18 12.53 12.45 16.52
CA GLY A 18 13.28 11.35 17.20
C GLY A 18 12.26 10.50 17.95
N CYS A 19 11.16 11.09 18.31
CA CYS A 19 10.11 10.32 19.05
C CYS A 19 9.81 9.03 18.28
N TYR A 20 8.81 9.04 17.43
CA TYR A 20 8.48 7.81 16.65
C TYR A 20 9.50 7.67 15.51
N ALA A 21 9.72 6.46 15.05
CA ALA A 21 10.69 6.27 13.94
C ALA A 21 10.61 4.83 13.43
N ASP A 22 10.24 4.66 12.18
CA ASP A 22 10.14 3.32 11.58
C ASP A 22 9.02 2.56 12.26
N GLY A 23 9.21 1.29 12.46
CA GLY A 23 8.13 0.50 13.10
C GLY A 23 7.04 0.27 12.05
N THR A 24 7.00 1.12 11.05
CA THR A 24 5.98 0.97 9.96
C THR A 24 6.72 0.88 8.63
N TRP A 25 6.01 0.77 7.53
CA TRP A 25 6.72 0.68 6.22
C TRP A 25 5.84 1.23 5.10
N GLU A 26 6.27 1.07 3.86
CA GLU A 26 5.49 1.56 2.71
C GLU A 26 5.26 0.40 1.75
N LEU A 27 4.61 0.70 0.69
CA LEU A 27 4.27 -0.32 -0.35
C LEU A 27 4.44 0.29 -1.73
N SER A 28 4.69 -0.52 -2.71
CA SER A 28 4.86 -0.03 -4.11
C SER A 28 3.83 -0.70 -5.02
N VAL A 29 3.15 0.10 -5.77
CA VAL A 29 2.12 -0.41 -6.72
C VAL A 29 2.64 -0.19 -8.15
N HIS A 30 2.09 -0.95 -9.03
CA HIS A 30 2.48 -0.94 -10.48
C HIS A 30 1.22 -1.02 -11.35
N VAL A 31 1.02 -0.06 -12.20
CA VAL A 31 -0.17 -0.11 -13.08
C VAL A 31 0.17 -0.89 -14.35
N THR A 32 -0.40 -2.06 -14.49
CA THR A 32 -0.10 -2.92 -15.67
C THR A 32 -0.88 -2.45 -16.90
N ASP A 33 -2.18 -2.45 -16.84
CA ASP A 33 -2.99 -2.04 -18.03
C ASP A 33 -2.74 -0.56 -18.36
N VAL A 34 -1.68 0.01 -17.86
CA VAL A 34 -1.39 1.45 -18.16
C VAL A 34 0.12 1.67 -18.26
N ASN A 35 0.90 0.82 -17.60
CA ASN A 35 2.40 0.91 -17.67
C ASN A 35 2.97 2.03 -16.79
N ARG A 36 2.19 2.53 -15.89
CA ARG A 36 2.71 3.61 -14.95
C ARG A 36 2.90 2.95 -13.60
N ASP A 37 3.28 3.68 -12.59
CA ASP A 37 3.44 3.05 -11.24
C ASP A 37 3.12 4.08 -10.18
N VAL A 38 2.52 3.62 -9.11
CA VAL A 38 2.14 4.52 -7.99
C VAL A 38 2.49 3.73 -6.74
N THR A 39 2.65 4.34 -5.61
CA THR A 39 3.02 3.56 -4.38
C THR A 39 2.10 3.93 -3.23
N LEU A 40 1.85 2.98 -2.37
CA LEU A 40 0.97 3.23 -1.20
C LEU A 40 1.82 3.43 0.03
N ARG A 41 1.43 4.31 0.85
CA ARG A 41 2.15 4.54 2.14
C ARG A 41 1.27 3.94 3.23
N VAL A 42 1.55 2.72 3.63
CA VAL A 42 0.67 2.07 4.65
C VAL A 42 1.42 1.02 5.46
N THR A 43 0.68 0.26 6.24
CA THR A 43 1.29 -0.81 7.07
C THR A 43 0.45 -2.08 6.96
N GLY A 44 0.88 -3.13 7.57
CA GLY A 44 0.13 -4.43 7.50
C GLY A 44 -1.30 -4.25 8.02
N GLU A 45 -1.73 -3.03 8.19
CA GLU A 45 -3.10 -2.78 8.73
C GLU A 45 -4.07 -2.28 7.66
N VAL A 46 -3.59 -1.83 6.53
CA VAL A 46 -4.54 -1.29 5.51
C VAL A 46 -5.33 -2.43 4.87
N HIS A 47 -6.60 -2.27 4.78
CA HIS A 47 -7.44 -3.34 4.16
C HIS A 47 -7.11 -3.40 2.68
N ILE A 48 -7.14 -4.56 2.09
CA ILE A 48 -6.87 -4.62 0.63
C ILE A 48 -7.89 -3.70 -0.01
N GLY A 49 -9.12 -3.91 0.33
CA GLY A 49 -10.19 -3.04 -0.19
C GLY A 49 -9.89 -1.61 0.29
N GLY A 50 -8.86 -1.45 1.08
CA GLY A 50 -8.48 -0.09 1.58
C GLY A 50 -7.22 0.33 0.85
N VAL A 51 -6.41 -0.62 0.50
CA VAL A 51 -5.18 -0.31 -0.26
C VAL A 51 -5.62 0.41 -1.54
N MET A 52 -6.69 -0.05 -2.11
CA MET A 52 -7.21 0.60 -3.34
C MET A 52 -7.66 2.01 -2.99
N LEU A 53 -8.37 2.16 -1.92
CA LEU A 53 -8.82 3.54 -1.55
C LEU A 53 -7.60 4.38 -1.25
N LYS A 54 -6.78 3.98 -0.33
CA LYS A 54 -5.57 4.78 -0.04
C LYS A 54 -4.88 5.10 -1.36
N LEU A 55 -5.04 4.24 -2.33
CA LEU A 55 -4.44 4.49 -3.66
C LEU A 55 -5.39 5.38 -4.47
N VAL A 56 -6.61 4.96 -4.66
CA VAL A 56 -7.56 5.80 -5.43
C VAL A 56 -7.61 7.16 -4.77
N GLU A 57 -7.60 7.17 -3.46
CA GLU A 57 -7.61 8.46 -2.73
C GLU A 57 -6.34 9.23 -3.09
N LYS A 58 -5.21 8.56 -3.09
CA LYS A 58 -3.95 9.27 -3.46
C LYS A 58 -4.13 9.87 -4.85
N LEU A 59 -4.48 9.07 -5.83
CA LEU A 59 -4.68 9.63 -7.20
C LEU A 59 -5.61 10.84 -7.12
N ASP A 60 -5.87 11.48 -8.23
CA ASP A 60 -6.77 12.68 -8.24
C ASP A 60 -8.01 12.39 -9.09
N VAL A 61 -8.86 11.51 -8.64
CA VAL A 61 -10.10 11.20 -9.42
C VAL A 61 -11.01 10.28 -8.60
N LYS A 62 -12.29 10.39 -8.79
CA LYS A 62 -13.25 9.53 -8.03
C LYS A 62 -13.52 8.24 -8.80
N LYS A 63 -12.50 7.44 -9.01
CA LYS A 63 -12.71 6.17 -9.75
C LYS A 63 -13.34 5.13 -8.82
N ASP A 64 -13.53 3.95 -9.33
CA ASP A 64 -14.18 2.87 -8.53
C ASP A 64 -13.15 2.09 -7.70
N TRP A 65 -13.60 1.54 -6.61
CA TRP A 65 -12.71 0.73 -5.73
C TRP A 65 -12.74 -0.72 -6.24
N SER A 66 -13.79 -1.41 -5.90
CA SER A 66 -13.94 -2.85 -6.32
C SER A 66 -13.52 -3.06 -7.78
N ASP A 67 -14.08 -2.32 -8.71
CA ASP A 67 -13.69 -2.54 -10.14
C ASP A 67 -12.16 -2.54 -10.25
N HIS A 68 -11.50 -1.67 -9.54
CA HIS A 68 -10.02 -1.65 -9.62
C HIS A 68 -9.48 -2.89 -8.95
N ALA A 69 -8.25 -3.22 -9.18
CA ALA A 69 -7.67 -4.43 -8.55
C ALA A 69 -6.14 -4.36 -8.58
N LEU A 70 -5.49 -4.96 -7.62
CA LEU A 70 -4.00 -4.93 -7.61
C LEU A 70 -3.46 -6.27 -8.09
N TRP A 71 -2.68 -6.29 -9.14
CA TRP A 71 -2.12 -7.60 -9.59
C TRP A 71 -0.87 -7.86 -8.77
N TRP A 72 -0.78 -9.04 -8.19
CA TRP A 72 0.37 -9.42 -7.32
C TRP A 72 1.46 -10.08 -8.18
N GLU A 73 2.48 -9.36 -8.54
CA GLU A 73 3.57 -9.95 -9.37
C GLU A 73 4.15 -11.20 -8.69
N LYS A 74 4.11 -11.28 -7.39
CA LYS A 74 4.70 -12.47 -6.71
C LYS A 74 4.07 -13.78 -7.21
N LYS A 75 2.75 -13.89 -7.18
CA LYS A 75 2.08 -15.16 -7.66
C LYS A 75 1.12 -14.81 -8.77
N ARG A 76 1.06 -13.57 -9.15
CA ARG A 76 0.13 -13.15 -10.22
C ARG A 76 -1.30 -13.41 -9.76
N THR A 77 -1.75 -12.69 -8.77
CA THR A 77 -3.13 -12.91 -8.24
C THR A 77 -3.72 -11.56 -7.84
N TRP A 78 -4.97 -11.34 -8.12
CA TRP A 78 -5.59 -10.05 -7.74
C TRP A 78 -5.95 -10.06 -6.25
N LEU A 79 -5.93 -8.92 -5.64
CA LEU A 79 -6.27 -8.81 -4.18
C LEU A 79 -7.64 -8.14 -4.08
N LEU A 80 -8.67 -8.91 -3.86
CA LEU A 80 -10.04 -8.35 -3.80
C LEU A 80 -10.55 -8.19 -2.36
N LYS A 81 -10.62 -9.25 -1.61
CA LYS A 81 -11.15 -9.15 -0.23
C LYS A 81 -10.24 -8.39 0.74
N THR A 82 -10.84 -7.71 1.66
CA THR A 82 -10.05 -6.96 2.69
C THR A 82 -9.60 -7.95 3.78
N HIS A 83 -10.41 -8.96 4.00
CA HIS A 83 -10.11 -9.99 5.05
C HIS A 83 -8.68 -10.50 4.95
N TRP A 84 -8.03 -10.28 3.85
CA TRP A 84 -6.61 -10.76 3.67
C TRP A 84 -5.67 -9.55 3.58
N THR A 85 -5.59 -8.81 4.63
CA THR A 85 -4.69 -7.61 4.67
C THR A 85 -3.33 -8.02 4.10
N LEU A 86 -2.53 -7.06 3.71
CA LEU A 86 -1.18 -7.39 3.18
C LEU A 86 -0.51 -8.34 4.19
N ASP A 87 -0.49 -7.94 5.41
CA ASP A 87 0.13 -8.78 6.46
C ASP A 87 -0.51 -10.16 6.43
N LYS A 88 -1.82 -10.25 6.35
CA LYS A 88 -2.47 -11.60 6.31
C LYS A 88 -1.73 -12.45 5.27
N TYR A 89 -1.45 -11.85 4.14
CA TYR A 89 -0.73 -12.59 3.07
C TYR A 89 0.72 -12.78 3.52
N GLY A 90 1.16 -12.00 4.47
CA GLY A 90 2.56 -12.12 4.95
C GLY A 90 3.41 -11.20 4.07
N ILE A 91 2.82 -10.11 3.67
CA ILE A 91 3.53 -9.15 2.78
C ILE A 91 4.27 -8.10 3.63
N GLN A 92 5.37 -7.60 3.11
CA GLN A 92 6.17 -6.56 3.82
C GLN A 92 6.44 -5.42 2.86
N ALA A 93 7.46 -4.63 3.12
CA ALA A 93 7.78 -3.50 2.21
C ALA A 93 8.59 -4.04 1.01
N ASP A 94 8.96 -5.29 1.06
CA ASP A 94 9.73 -5.88 -0.07
C ASP A 94 8.75 -6.41 -1.09
N ALA A 95 7.51 -6.12 -0.87
CA ALA A 95 6.43 -6.59 -1.80
C ALA A 95 6.09 -5.48 -2.78
N LYS A 96 6.32 -5.71 -4.05
CA LYS A 96 6.01 -4.68 -5.08
C LYS A 96 4.64 -5.02 -5.65
N LEU A 97 3.62 -4.31 -5.27
CA LEU A 97 2.27 -4.60 -5.80
C LEU A 97 2.12 -4.01 -7.18
N GLN A 98 1.02 -4.32 -7.78
CA GLN A 98 0.70 -3.81 -9.12
C GLN A 98 -0.74 -3.35 -9.06
N PHE A 99 -1.18 -2.68 -10.06
CA PHE A 99 -2.57 -2.19 -10.14
C PHE A 99 -3.14 -2.71 -11.42
N THR A 100 -4.40 -2.90 -11.42
CA THR A 100 -5.05 -3.42 -12.65
C THR A 100 -6.58 -3.27 -12.51
N PRO A 101 -7.28 -3.07 -13.61
CA PRO A 101 -8.77 -2.90 -13.57
C PRO A 101 -9.49 -4.24 -13.31
N MET A 8 18.36 2.36 21.79
CA MET A 8 18.71 3.75 22.20
C MET A 8 17.44 4.53 22.51
N ALA A 9 17.53 5.84 22.53
CA ALA A 9 16.33 6.67 22.81
C ALA A 9 16.71 8.14 22.74
N LEU A 10 16.35 8.80 21.68
CA LEU A 10 16.70 10.24 21.53
C LEU A 10 15.95 11.05 22.59
N ASP A 11 14.69 11.30 22.35
CA ASP A 11 13.90 12.11 23.31
C ASP A 11 12.42 12.08 22.91
N GLY A 12 12.14 12.48 21.70
CA GLY A 12 10.72 12.49 21.23
C GLY A 12 10.10 11.11 21.45
N ILE A 13 10.71 10.09 20.90
CA ILE A 13 10.22 8.70 21.07
C ILE A 13 8.72 8.55 20.76
N ARG A 14 8.02 9.64 20.56
CA ARG A 14 6.57 9.54 20.26
C ARG A 14 6.39 9.30 18.77
N MET A 15 7.14 10.02 17.98
CA MET A 15 7.05 9.89 16.50
C MET A 15 8.27 9.09 16.02
N PRO A 16 8.44 8.90 14.74
CA PRO A 16 9.60 8.12 14.21
C PRO A 16 10.92 8.71 14.74
N ASP A 17 10.84 9.71 15.57
CA ASP A 17 12.09 10.30 16.13
C ASP A 17 12.61 9.37 17.21
N GLY A 18 12.11 8.17 17.24
CA GLY A 18 12.54 7.18 18.26
C GLY A 18 11.43 6.16 18.47
N CYS A 19 10.24 6.49 18.03
CA CYS A 19 9.10 5.55 18.18
C CYS A 19 9.48 4.18 17.61
N TYR A 20 9.29 3.97 16.33
CA TYR A 20 9.63 2.66 15.70
C TYR A 20 10.50 2.90 14.47
N ALA A 21 11.79 3.03 14.65
CA ALA A 21 12.69 3.27 13.48
C ALA A 21 12.10 4.38 12.60
N ASP A 22 11.67 4.04 11.41
CA ASP A 22 11.05 5.05 10.50
C ASP A 22 9.54 4.85 10.53
N GLY A 23 9.13 3.62 10.64
CA GLY A 23 7.68 3.33 10.69
C GLY A 23 6.98 4.04 9.53
N THR A 24 7.74 4.53 8.59
CA THR A 24 7.12 5.26 7.43
C THR A 24 7.83 4.91 6.13
N TRP A 25 7.08 4.85 5.06
CA TRP A 25 7.69 4.55 3.73
C TRP A 25 6.64 4.73 2.62
N GLU A 26 6.94 4.31 1.42
CA GLU A 26 5.98 4.43 0.30
C GLU A 26 5.77 3.06 -0.28
N LEU A 27 4.95 3.00 -1.27
CA LEU A 27 4.61 1.72 -1.93
C LEU A 27 4.52 1.95 -3.44
N SER A 28 4.75 0.91 -4.21
CA SER A 28 4.68 1.01 -5.69
C SER A 28 3.63 0.07 -6.23
N VAL A 29 2.81 0.59 -7.10
CA VAL A 29 1.74 -0.20 -7.73
C VAL A 29 2.05 -0.35 -9.22
N HIS A 30 1.47 -1.36 -9.78
CA HIS A 30 1.67 -1.72 -11.22
C HIS A 30 0.33 -2.14 -11.83
N VAL A 31 -0.02 -1.59 -12.94
CA VAL A 31 -1.31 -1.99 -13.58
C VAL A 31 -1.04 -3.01 -14.68
N THR A 32 -1.82 -4.08 -14.70
CA THR A 32 -1.62 -5.13 -15.74
C THR A 32 -2.64 -4.99 -16.87
N ASP A 33 -3.90 -4.90 -16.55
CA ASP A 33 -4.96 -4.80 -17.62
C ASP A 33 -4.71 -3.60 -18.54
N VAL A 34 -3.76 -2.74 -18.22
CA VAL A 34 -3.49 -1.56 -19.09
C VAL A 34 -1.98 -1.41 -19.26
N ASN A 35 -1.23 -1.91 -18.30
CA ASN A 35 0.26 -1.90 -18.36
C ASN A 35 0.87 -0.57 -17.91
N ARG A 36 0.13 0.29 -17.27
CA ARG A 36 0.75 1.56 -16.77
C ARG A 36 1.08 1.31 -15.32
N ASP A 37 1.62 2.27 -14.62
CA ASP A 37 1.95 2.01 -13.18
C ASP A 37 1.64 3.25 -12.37
N VAL A 38 1.32 3.03 -11.13
CA VAL A 38 0.99 4.13 -10.21
C VAL A 38 1.57 3.73 -8.87
N THR A 39 1.77 4.62 -7.94
CA THR A 39 2.38 4.22 -6.64
C THR A 39 1.60 4.81 -5.48
N LEU A 40 1.57 4.10 -4.37
CA LEU A 40 0.83 4.60 -3.18
C LEU A 40 1.81 5.23 -2.21
N ARG A 41 1.39 6.26 -1.59
CA ARG A 41 2.23 6.91 -0.53
C ARG A 41 1.55 6.56 0.79
N VAL A 42 1.99 5.53 1.46
CA VAL A 42 1.32 5.11 2.72
C VAL A 42 2.27 4.40 3.67
N THR A 43 1.71 3.82 4.71
CA THR A 43 2.52 3.09 5.71
C THR A 43 1.85 1.77 6.05
N GLY A 44 2.44 1.00 6.90
CA GLY A 44 1.84 -0.30 7.27
C GLY A 44 0.50 -0.09 7.97
N GLU A 45 -0.02 1.10 7.90
CA GLU A 45 -1.31 1.42 8.59
C GLU A 45 -2.48 1.50 7.60
N VAL A 46 -2.21 1.71 6.35
CA VAL A 46 -3.33 1.83 5.37
C VAL A 46 -3.97 0.47 5.13
N HIS A 47 -5.25 0.42 5.15
CA HIS A 47 -5.94 -0.88 4.92
C HIS A 47 -5.82 -1.27 3.47
N ILE A 48 -5.76 -2.54 3.17
CA ILE A 48 -5.68 -2.95 1.76
C ILE A 48 -6.88 -2.32 1.08
N GLY A 49 -8.03 -2.52 1.66
CA GLY A 49 -9.25 -1.89 1.11
C GLY A 49 -9.07 -0.38 1.17
N GLY A 50 -7.98 0.07 1.74
CA GLY A 50 -7.70 1.54 1.83
C GLY A 50 -6.63 1.88 0.81
N VAL A 51 -5.76 0.94 0.57
CA VAL A 51 -4.70 1.17 -0.44
C VAL A 51 -5.41 1.49 -1.75
N MET A 52 -6.45 0.76 -2.03
CA MET A 52 -7.22 1.00 -3.27
C MET A 52 -7.78 2.42 -3.22
N LEU A 53 -8.40 2.79 -2.14
CA LEU A 53 -8.95 4.16 -2.05
C LEU A 53 -7.83 5.16 -2.15
N LYS A 54 -6.87 5.08 -1.28
CA LYS A 54 -5.74 6.02 -1.35
C LYS A 54 -5.24 6.06 -2.80
N LEU A 55 -5.41 4.97 -3.49
CA LEU A 55 -4.99 4.92 -4.91
C LEU A 55 -6.12 5.47 -5.79
N VAL A 56 -7.29 4.91 -5.71
CA VAL A 56 -8.42 5.43 -6.53
C VAL A 56 -8.53 6.92 -6.24
N GLU A 57 -8.35 7.29 -5.01
CA GLU A 57 -8.41 8.73 -4.65
C GLU A 57 -7.28 9.46 -5.37
N LYS A 58 -6.11 8.88 -5.41
CA LYS A 58 -4.98 9.55 -6.11
C LYS A 58 -5.36 9.75 -7.58
N LEU A 59 -5.75 8.71 -8.26
CA LEU A 59 -6.14 8.85 -9.69
C LEU A 59 -7.19 9.95 -9.86
N ASP A 60 -7.77 10.04 -11.03
CA ASP A 60 -8.81 11.07 -11.30
C ASP A 60 -9.80 10.51 -12.32
N VAL A 61 -11.07 10.77 -12.16
CA VAL A 61 -12.07 10.22 -13.12
C VAL A 61 -11.95 8.69 -13.14
N LYS A 62 -12.95 8.01 -13.65
CA LYS A 62 -12.88 6.52 -13.68
C LYS A 62 -12.57 6.01 -12.26
N LYS A 63 -13.46 6.25 -11.33
CA LYS A 63 -13.21 5.79 -9.92
C LYS A 63 -13.77 4.37 -9.75
N ASP A 64 -12.96 3.48 -9.22
CA ASP A 64 -13.42 2.08 -8.98
C ASP A 64 -13.44 1.85 -7.46
N TRP A 65 -14.25 0.94 -6.99
CA TRP A 65 -14.34 0.69 -5.53
C TRP A 65 -14.16 -0.81 -5.27
N SER A 66 -15.22 -1.56 -5.24
CA SER A 66 -15.09 -3.03 -4.98
C SER A 66 -14.73 -3.73 -6.29
N ASP A 67 -14.49 -2.99 -7.34
CA ASP A 67 -14.16 -3.61 -8.65
C ASP A 67 -12.64 -3.72 -8.83
N HIS A 68 -11.88 -2.79 -8.34
CA HIS A 68 -10.41 -2.87 -8.53
C HIS A 68 -9.79 -3.97 -7.67
N ALA A 69 -8.54 -4.23 -7.89
CA ALA A 69 -7.81 -5.27 -7.10
C ALA A 69 -6.31 -5.09 -7.34
N LEU A 70 -5.49 -5.47 -6.40
CA LEU A 70 -4.01 -5.31 -6.59
C LEU A 70 -3.37 -6.67 -6.78
N TRP A 71 -2.72 -6.92 -7.89
CA TRP A 71 -2.04 -8.24 -8.04
C TRP A 71 -0.66 -8.12 -7.39
N TRP A 72 -0.32 -9.04 -6.51
CA TRP A 72 1.00 -8.97 -5.81
C TRP A 72 2.01 -9.85 -6.55
N GLU A 73 2.98 -9.27 -7.18
CA GLU A 73 3.98 -10.08 -7.93
C GLU A 73 4.66 -11.09 -7.01
N LYS A 74 4.75 -10.81 -5.75
CA LYS A 74 5.43 -11.77 -4.83
C LYS A 74 4.63 -13.05 -4.65
N LYS A 75 3.38 -12.93 -4.26
CA LYS A 75 2.54 -14.16 -4.05
C LYS A 75 1.61 -14.32 -5.25
N ARG A 76 1.71 -13.43 -6.20
CA ARG A 76 0.85 -13.52 -7.40
C ARG A 76 -0.61 -13.74 -6.95
N THR A 77 -1.03 -13.00 -5.94
CA THR A 77 -2.41 -13.13 -5.41
C THR A 77 -3.04 -11.75 -5.31
N TRP A 78 -4.33 -11.68 -5.23
CA TRP A 78 -5.00 -10.36 -5.12
C TRP A 78 -5.18 -10.00 -3.64
N LEU A 79 -5.18 -8.74 -3.33
CA LEU A 79 -5.36 -8.28 -1.92
C LEU A 79 -6.77 -7.69 -1.80
N LEU A 80 -7.67 -8.41 -1.18
CA LEU A 80 -9.08 -7.94 -1.07
C LEU A 80 -9.42 -7.45 0.34
N LYS A 81 -9.22 -8.27 1.34
CA LYS A 81 -9.60 -7.86 2.72
C LYS A 81 -8.70 -6.77 3.32
N THR A 82 -9.28 -5.93 4.12
CA THR A 82 -8.49 -4.86 4.79
C THR A 82 -7.79 -5.46 6.01
N HIS A 83 -8.49 -6.35 6.69
CA HIS A 83 -7.94 -7.00 7.92
C HIS A 83 -6.48 -7.39 7.75
N TRP A 84 -6.00 -7.48 6.53
CA TRP A 84 -4.57 -7.88 6.29
C TRP A 84 -3.78 -6.69 5.73
N THR A 85 -3.61 -5.68 6.52
CA THR A 85 -2.82 -4.50 6.08
C THR A 85 -1.52 -4.99 5.45
N LEU A 86 -0.75 -4.11 4.87
CA LEU A 86 0.51 -4.57 4.26
C LEU A 86 1.40 -5.05 5.38
N ASP A 87 1.53 -4.26 6.39
CA ASP A 87 2.37 -4.68 7.52
C ASP A 87 1.83 -6.02 8.02
N LYS A 88 0.53 -6.19 7.99
CA LYS A 88 -0.02 -7.50 8.47
C LYS A 88 0.69 -8.61 7.70
N TYR A 89 0.83 -8.42 6.42
CA TYR A 89 1.53 -9.44 5.61
C TYR A 89 3.02 -9.36 5.93
N GLY A 90 3.44 -8.24 6.48
CA GLY A 90 4.88 -8.07 6.82
C GLY A 90 5.54 -7.44 5.60
N ILE A 91 4.84 -6.52 5.01
CA ILE A 91 5.35 -5.86 3.78
C ILE A 91 6.11 -4.57 4.14
N GLN A 92 7.07 -4.23 3.33
CA GLN A 92 7.87 -2.98 3.54
C GLN A 92 7.89 -2.19 2.24
N ALA A 93 8.86 -1.35 2.05
CA ALA A 93 8.94 -0.56 0.79
C ALA A 93 9.57 -1.43 -0.29
N ASP A 94 9.98 -2.62 0.06
CA ASP A 94 10.61 -3.53 -0.95
C ASP A 94 9.51 -4.33 -1.62
N ALA A 95 8.29 -4.01 -1.31
CA ALA A 95 7.13 -4.74 -1.90
C ALA A 95 6.58 -3.94 -3.07
N LYS A 96 6.67 -4.47 -4.27
CA LYS A 96 6.13 -3.76 -5.46
C LYS A 96 4.73 -4.30 -5.73
N LEU A 97 3.72 -3.52 -5.51
CA LEU A 97 2.34 -4.01 -5.76
C LEU A 97 1.96 -3.80 -7.21
N GLN A 98 0.83 -4.33 -7.55
CA GLN A 98 0.30 -4.21 -8.93
C GLN A 98 -1.16 -3.82 -8.80
N PHE A 99 -1.78 -3.51 -9.88
CA PHE A 99 -3.22 -3.12 -9.89
C PHE A 99 -3.90 -4.02 -10.88
N THR A 100 -5.13 -4.29 -10.66
CA THR A 100 -5.87 -5.16 -11.61
C THR A 100 -7.37 -5.10 -11.28
N PRO A 101 -8.22 -5.26 -12.27
CA PRO A 101 -9.70 -5.23 -12.02
C PRO A 101 -10.20 -6.53 -11.39
N MET A 8 19.43 13.20 26.19
CA MET A 8 18.79 12.11 25.40
C MET A 8 17.65 12.70 24.55
N ALA A 9 16.75 11.87 24.10
CA ALA A 9 15.60 12.32 23.26
C ALA A 9 16.04 12.35 21.80
N LEU A 10 15.95 11.23 21.16
CA LEU A 10 16.35 11.14 19.74
C LEU A 10 15.66 12.24 18.94
N ASP A 11 14.41 12.08 18.67
CA ASP A 11 13.64 13.11 17.91
C ASP A 11 12.84 13.97 18.87
N GLY A 12 11.98 13.35 19.62
CA GLY A 12 11.16 14.14 20.58
C GLY A 12 10.25 13.20 21.37
N ILE A 13 9.85 12.08 20.79
CA ILE A 13 8.95 11.14 21.53
C ILE A 13 9.75 9.94 22.02
N ARG A 14 9.28 8.77 21.72
CA ARG A 14 9.97 7.54 22.19
C ARG A 14 9.47 6.34 21.40
N MET A 15 8.28 6.44 20.95
CA MET A 15 7.69 5.34 20.16
C MET A 15 8.16 5.54 18.74
N PRO A 16 7.90 4.64 17.83
CA PRO A 16 8.32 4.84 16.41
C PRO A 16 7.71 6.13 15.85
N ASP A 17 7.33 7.04 16.72
CA ASP A 17 6.75 8.34 16.29
C ASP A 17 7.71 9.43 16.72
N GLY A 18 8.95 9.05 16.89
CA GLY A 18 9.98 10.03 17.31
C GLY A 18 11.26 9.26 17.61
N CYS A 19 11.13 8.03 18.03
CA CYS A 19 12.34 7.23 18.34
C CYS A 19 13.16 7.06 17.05
N TYR A 20 12.74 6.19 16.19
CA TYR A 20 13.48 5.98 14.92
C TYR A 20 13.24 7.15 13.98
N ALA A 21 13.63 7.02 12.73
CA ALA A 21 13.42 8.14 11.78
C ALA A 21 11.97 8.15 11.32
N ASP A 22 11.68 7.53 10.22
CA ASP A 22 10.28 7.49 9.71
C ASP A 22 9.54 6.35 10.39
N GLY A 23 10.24 5.33 10.77
CA GLY A 23 9.57 4.17 11.44
C GLY A 23 8.43 3.69 10.55
N THR A 24 8.40 4.15 9.32
CA THR A 24 7.31 3.74 8.38
C THR A 24 7.94 3.34 7.04
N TRP A 25 7.13 3.02 6.06
CA TRP A 25 7.71 2.63 4.74
C TRP A 25 6.72 3.02 3.63
N GLU A 26 7.00 2.64 2.39
CA GLU A 26 6.09 2.97 1.27
C GLU A 26 5.78 1.70 0.51
N LEU A 27 5.07 1.86 -0.54
CA LEU A 27 4.63 0.71 -1.39
C LEU A 27 4.63 1.13 -2.86
N SER A 28 4.80 0.19 -3.74
CA SER A 28 4.80 0.50 -5.21
C SER A 28 3.71 -0.29 -5.91
N VAL A 29 2.96 0.39 -6.73
CA VAL A 29 1.87 -0.25 -7.50
C VAL A 29 2.24 -0.25 -8.99
N HIS A 30 1.62 -1.13 -9.70
CA HIS A 30 1.87 -1.32 -11.16
C HIS A 30 0.54 -1.56 -11.88
N VAL A 31 0.20 -0.75 -12.81
CA VAL A 31 -1.08 -0.96 -13.54
C VAL A 31 -0.88 -1.91 -14.71
N THR A 32 -1.30 -3.14 -14.57
CA THR A 32 -1.15 -4.11 -15.68
C THR A 32 -2.28 -3.86 -16.68
N ASP A 33 -2.18 -4.38 -17.87
CA ASP A 33 -3.24 -4.15 -18.89
C ASP A 33 -3.23 -2.67 -19.32
N VAL A 34 -2.63 -1.82 -18.52
CA VAL A 34 -2.54 -0.37 -18.86
C VAL A 34 -1.07 -0.02 -19.04
N ASN A 35 -0.23 -0.70 -18.31
CA ASN A 35 1.24 -0.53 -18.43
C ASN A 35 1.76 0.76 -17.76
N ARG A 36 0.98 1.39 -16.94
CA ARG A 36 1.47 2.62 -16.23
C ARG A 36 1.75 2.20 -14.79
N ASP A 37 2.18 3.08 -13.93
CA ASP A 37 2.46 2.66 -12.54
C ASP A 37 2.24 3.83 -11.58
N VAL A 38 1.85 3.49 -10.40
CA VAL A 38 1.60 4.50 -9.35
C VAL A 38 2.12 3.88 -8.06
N THR A 39 2.38 4.63 -7.03
CA THR A 39 2.91 4.00 -5.77
C THR A 39 2.15 4.53 -4.57
N LEU A 40 1.98 3.70 -3.57
CA LEU A 40 1.26 4.13 -2.35
C LEU A 40 2.27 4.52 -1.30
N ARG A 41 1.95 5.51 -0.56
CA ARG A 41 2.83 5.92 0.58
C ARG A 41 2.06 5.49 1.83
N VAL A 42 2.38 4.34 2.38
CA VAL A 42 1.59 3.86 3.54
C VAL A 42 2.38 2.96 4.48
N THR A 43 1.69 2.37 5.42
CA THR A 43 2.32 1.47 6.42
C THR A 43 1.40 0.27 6.66
N GLY A 44 1.83 -0.64 7.49
CA GLY A 44 1.01 -1.86 7.79
C GLY A 44 -0.37 -1.45 8.33
N GLU A 45 -0.71 -0.19 8.26
CA GLU A 45 -2.02 0.27 8.80
C GLU A 45 -3.05 0.47 7.67
N VAL A 46 -2.61 0.59 6.46
CA VAL A 46 -3.57 0.84 5.34
C VAL A 46 -4.33 -0.45 5.01
N HIS A 47 -5.60 -0.34 4.89
CA HIS A 47 -6.41 -1.54 4.55
C HIS A 47 -6.23 -1.86 3.07
N ILE A 48 -6.29 -3.11 2.70
CA ILE A 48 -6.16 -3.43 1.26
C ILE A 48 -7.26 -2.66 0.56
N GLY A 49 -8.45 -2.78 1.09
CA GLY A 49 -9.58 -2.01 0.53
C GLY A 49 -9.29 -0.53 0.79
N GLY A 50 -8.15 -0.25 1.42
CA GLY A 50 -7.78 1.16 1.70
C GLY A 50 -6.64 1.51 0.77
N VAL A 51 -5.88 0.53 0.39
CA VAL A 51 -4.77 0.77 -0.55
C VAL A 51 -5.40 1.34 -1.82
N MET A 52 -6.47 0.75 -2.25
CA MET A 52 -7.14 1.26 -3.47
C MET A 52 -7.62 2.68 -3.20
N LEU A 53 -8.16 2.93 -2.05
CA LEU A 53 -8.61 4.31 -1.76
C LEU A 53 -7.39 5.21 -1.64
N LYS A 54 -6.51 4.90 -0.75
CA LYS A 54 -5.29 5.73 -0.62
C LYS A 54 -4.68 5.93 -2.01
N LEU A 55 -4.89 4.98 -2.88
CA LEU A 55 -4.36 5.10 -4.27
C LEU A 55 -5.36 5.88 -5.10
N VAL A 56 -6.59 5.47 -5.12
CA VAL A 56 -7.59 6.24 -5.90
C VAL A 56 -7.57 7.67 -5.39
N GLU A 57 -7.50 7.81 -4.10
CA GLU A 57 -7.45 9.16 -3.50
C GLU A 57 -6.23 9.89 -4.08
N LYS A 58 -5.13 9.19 -4.24
CA LYS A 58 -3.92 9.86 -4.81
C LYS A 58 -4.24 10.31 -6.25
N LEU A 59 -4.57 9.40 -7.13
CA LEU A 59 -4.89 9.80 -8.53
C LEU A 59 -5.75 8.71 -9.21
N ASP A 60 -6.69 9.09 -10.03
CA ASP A 60 -7.55 8.07 -10.72
C ASP A 60 -8.69 8.78 -11.47
N VAL A 61 -9.12 9.90 -10.99
CA VAL A 61 -10.22 10.66 -11.66
C VAL A 61 -11.55 9.87 -11.59
N LYS A 62 -12.24 9.97 -10.49
CA LYS A 62 -13.55 9.28 -10.33
C LYS A 62 -13.49 7.85 -10.88
N LYS A 63 -12.37 7.20 -10.82
CA LYS A 63 -12.30 5.80 -11.34
C LYS A 63 -12.90 4.85 -10.30
N ASP A 64 -13.37 3.72 -10.74
CA ASP A 64 -13.98 2.73 -9.81
C ASP A 64 -13.06 2.50 -8.61
N TRP A 65 -13.62 2.11 -7.50
CA TRP A 65 -12.80 1.87 -6.27
C TRP A 65 -12.73 0.37 -5.94
N SER A 66 -13.79 -0.17 -5.43
CA SER A 66 -13.78 -1.63 -5.05
C SER A 66 -13.97 -2.50 -6.30
N ASP A 67 -14.01 -1.93 -7.47
CA ASP A 67 -14.21 -2.74 -8.70
C ASP A 67 -12.86 -3.25 -9.23
N HIS A 68 -11.87 -2.40 -9.31
CA HIS A 68 -10.55 -2.86 -9.83
C HIS A 68 -9.84 -3.71 -8.78
N ALA A 69 -8.66 -4.19 -9.09
CA ALA A 69 -7.94 -5.07 -8.10
C ALA A 69 -6.44 -4.92 -8.23
N LEU A 70 -5.69 -5.26 -7.20
CA LEU A 70 -4.21 -5.14 -7.28
C LEU A 70 -3.60 -6.51 -7.53
N TRP A 71 -2.87 -6.68 -8.60
CA TRP A 71 -2.22 -8.00 -8.85
C TRP A 71 -0.89 -7.99 -8.10
N TRP A 72 -0.62 -9.03 -7.35
CA TRP A 72 0.66 -9.09 -6.57
C TRP A 72 1.66 -9.97 -7.31
N GLU A 73 2.75 -9.43 -7.76
CA GLU A 73 3.76 -10.26 -8.49
C GLU A 73 4.30 -11.34 -7.55
N LYS A 74 4.20 -11.16 -6.26
CA LYS A 74 4.73 -12.18 -5.33
C LYS A 74 4.14 -13.55 -5.63
N LYS A 75 2.82 -13.65 -5.67
CA LYS A 75 2.15 -14.95 -5.95
C LYS A 75 1.09 -14.73 -7.02
N ARG A 76 1.33 -13.77 -7.87
CA ARG A 76 0.40 -13.42 -8.98
C ARG A 76 -1.06 -13.65 -8.58
N THR A 77 -1.45 -13.12 -7.45
CA THR A 77 -2.88 -13.25 -6.98
C THR A 77 -3.49 -11.86 -6.92
N TRP A 78 -4.59 -11.71 -6.23
CA TRP A 78 -5.27 -10.40 -6.11
C TRP A 78 -5.52 -10.10 -4.63
N LEU A 79 -5.59 -8.84 -4.28
CA LEU A 79 -5.85 -8.45 -2.86
C LEU A 79 -7.28 -7.89 -2.79
N LEU A 80 -8.15 -8.55 -2.06
CA LEU A 80 -9.57 -8.10 -1.99
C LEU A 80 -9.93 -7.57 -0.59
N LYS A 81 -10.11 -8.44 0.36
CA LYS A 81 -10.54 -8.01 1.71
C LYS A 81 -9.57 -7.06 2.42
N THR A 82 -10.09 -6.21 3.23
CA THR A 82 -9.24 -5.27 4.02
C THR A 82 -8.68 -6.04 5.22
N HIS A 83 -9.45 -6.98 5.71
CA HIS A 83 -9.05 -7.79 6.90
C HIS A 83 -7.61 -8.27 6.77
N TRP A 84 -7.06 -8.23 5.59
CA TRP A 84 -5.64 -8.70 5.38
C TRP A 84 -4.76 -7.48 5.07
N THR A 85 -4.64 -6.60 6.02
CA THR A 85 -3.79 -5.40 5.82
C THR A 85 -2.45 -5.81 5.24
N LEU A 86 -1.65 -4.86 4.91
CA LEU A 86 -0.32 -5.17 4.36
C LEU A 86 0.46 -5.94 5.39
N ASP A 87 0.57 -5.38 6.54
CA ASP A 87 1.31 -6.07 7.60
C ASP A 87 0.67 -7.44 7.82
N LYS A 88 -0.64 -7.51 7.75
CA LYS A 88 -1.30 -8.84 7.95
C LYS A 88 -0.61 -9.86 7.06
N TYR A 89 -0.36 -9.48 5.84
CA TYR A 89 0.33 -10.41 4.92
C TYR A 89 1.81 -10.41 5.28
N GLY A 90 2.25 -9.40 5.99
CA GLY A 90 3.69 -9.32 6.37
C GLY A 90 4.37 -8.61 5.22
N ILE A 91 3.75 -7.57 4.76
CA ILE A 91 4.29 -6.80 3.61
C ILE A 91 5.19 -5.66 4.09
N GLN A 92 6.22 -5.38 3.32
CA GLN A 92 7.16 -4.27 3.67
C GLN A 92 7.35 -3.41 2.41
N ALA A 93 8.43 -2.66 2.35
CA ALA A 93 8.67 -1.82 1.16
C ALA A 93 9.28 -2.71 0.05
N ASP A 94 9.54 -3.95 0.36
CA ASP A 94 10.12 -4.86 -0.66
C ASP A 94 8.99 -5.50 -1.43
N ALA A 95 7.81 -5.05 -1.19
CA ALA A 95 6.61 -5.62 -1.87
C ALA A 95 6.21 -4.71 -3.05
N LYS A 96 6.32 -5.21 -4.26
CA LYS A 96 5.94 -4.39 -5.45
C LYS A 96 4.51 -4.77 -5.84
N LEU A 97 3.57 -3.90 -5.62
CA LEU A 97 2.15 -4.23 -5.96
C LEU A 97 1.87 -3.87 -7.41
N GLN A 98 0.72 -4.26 -7.87
CA GLN A 98 0.29 -3.99 -9.25
C GLN A 98 -1.18 -3.60 -9.19
N PHE A 99 -1.71 -3.18 -10.28
CA PHE A 99 -3.15 -2.80 -10.39
C PHE A 99 -3.69 -3.68 -11.50
N THR A 100 -4.92 -3.98 -11.46
CA THR A 100 -5.48 -4.82 -12.57
C THR A 100 -7.02 -4.77 -12.60
N PRO A 101 -7.59 -3.95 -13.46
CA PRO A 101 -9.08 -3.83 -13.58
C PRO A 101 -9.65 -4.87 -14.57
N MET A 8 23.00 10.27 27.91
CA MET A 8 22.00 10.89 27.00
C MET A 8 20.60 10.74 27.59
N ALA A 9 19.58 10.90 26.79
CA ALA A 9 18.20 10.76 27.31
C ALA A 9 17.21 10.80 26.16
N LEU A 10 17.63 10.37 25.00
CA LEU A 10 16.73 10.34 23.81
C LEU A 10 15.35 9.85 24.22
N ASP A 11 15.32 8.66 24.72
CA ASP A 11 14.05 8.04 25.16
C ASP A 11 13.03 8.05 24.01
N GLY A 12 13.38 8.60 22.90
CA GLY A 12 12.44 8.63 21.75
C GLY A 12 12.11 7.18 21.38
N ILE A 13 12.95 6.28 21.79
CA ILE A 13 12.74 4.83 21.49
C ILE A 13 11.29 4.46 21.79
N ARG A 14 10.62 5.24 22.57
CA ARG A 14 9.20 4.93 22.92
C ARG A 14 8.29 5.37 21.77
N MET A 15 8.53 6.54 21.27
CA MET A 15 7.70 7.09 20.16
C MET A 15 8.50 6.97 18.87
N PRO A 16 7.90 7.21 17.72
CA PRO A 16 8.64 7.15 16.43
C PRO A 16 9.91 8.01 16.48
N ASP A 17 10.20 8.60 17.62
CA ASP A 17 11.42 9.42 17.74
C ASP A 17 12.61 8.47 17.94
N GLY A 18 12.38 7.21 17.67
CA GLY A 18 13.44 6.20 17.83
C GLY A 18 12.79 4.83 17.88
N CYS A 19 11.54 4.78 18.24
CA CYS A 19 10.83 3.47 18.32
C CYS A 19 10.99 2.73 16.98
N TYR A 20 10.23 3.11 15.98
CA TYR A 20 10.34 2.43 14.65
C TYR A 20 10.90 3.42 13.62
N ALA A 21 12.11 3.88 13.82
CA ALA A 21 12.71 4.83 12.85
C ALA A 21 11.70 5.93 12.49
N ASP A 22 11.23 5.93 11.27
CA ASP A 22 10.25 6.97 10.83
C ASP A 22 8.83 6.38 10.90
N GLY A 23 8.72 5.09 10.97
CA GLY A 23 7.38 4.45 11.04
C GLY A 23 6.52 4.92 9.87
N THR A 24 7.14 5.39 8.82
CA THR A 24 6.36 5.87 7.63
C THR A 24 7.09 5.45 6.34
N TRP A 25 6.36 5.22 5.28
CA TRP A 25 7.03 4.84 4.01
C TRP A 25 6.06 5.03 2.84
N GLU A 26 6.44 4.60 1.65
CA GLU A 26 5.55 4.73 0.47
C GLU A 26 5.37 3.36 -0.14
N LEU A 27 4.67 3.33 -1.21
CA LEU A 27 4.37 2.05 -1.92
C LEU A 27 4.37 2.27 -3.42
N SER A 28 4.64 1.23 -4.17
CA SER A 28 4.67 1.32 -5.65
C SER A 28 3.65 0.34 -6.23
N VAL A 29 2.84 0.85 -7.12
CA VAL A 29 1.80 0.01 -7.77
C VAL A 29 2.15 -0.15 -9.25
N HIS A 30 1.62 -1.16 -9.82
CA HIS A 30 1.86 -1.53 -11.25
C HIS A 30 0.55 -1.97 -11.91
N VAL A 31 0.18 -1.39 -13.00
CA VAL A 31 -1.08 -1.82 -13.68
C VAL A 31 -0.75 -2.88 -14.74
N THR A 32 -1.30 -4.05 -14.59
CA THR A 32 -1.02 -5.14 -15.57
C THR A 32 -2.04 -5.11 -16.72
N ASP A 33 -3.30 -5.05 -16.40
CA ASP A 33 -4.34 -5.04 -17.48
C ASP A 33 -4.27 -3.73 -18.27
N VAL A 34 -3.22 -2.97 -18.12
CA VAL A 34 -3.09 -1.68 -18.87
C VAL A 34 -1.62 -1.42 -19.23
N ASN A 35 -0.71 -1.95 -18.45
CA ASN A 35 0.75 -1.80 -18.74
C ASN A 35 1.29 -0.44 -18.30
N ARG A 36 0.58 0.27 -17.47
CA ARG A 36 1.10 1.59 -16.95
C ARG A 36 1.39 1.37 -15.48
N ASP A 37 1.83 2.36 -14.75
CA ASP A 37 2.12 2.14 -13.31
C ASP A 37 1.80 3.39 -12.51
N VAL A 38 1.49 3.20 -11.26
CA VAL A 38 1.14 4.32 -10.36
C VAL A 38 1.67 3.94 -9.00
N THR A 39 1.86 4.86 -8.09
CA THR A 39 2.42 4.49 -6.75
C THR A 39 1.56 5.09 -5.65
N LEU A 40 1.50 4.42 -4.52
CA LEU A 40 0.68 4.92 -3.38
C LEU A 40 1.59 5.51 -2.33
N ARG A 41 1.18 6.59 -1.76
CA ARG A 41 1.95 7.20 -0.66
C ARG A 41 1.18 6.86 0.62
N VAL A 42 1.58 5.84 1.33
CA VAL A 42 0.79 5.44 2.54
C VAL A 42 1.65 4.73 3.59
N THR A 43 0.98 4.18 4.59
CA THR A 43 1.69 3.44 5.68
C THR A 43 0.91 2.18 6.03
N GLY A 44 1.42 1.40 6.93
CA GLY A 44 0.75 0.15 7.33
C GLY A 44 -0.67 0.43 7.83
N GLU A 45 -1.16 1.64 7.65
CA GLU A 45 -2.51 1.99 8.14
C GLU A 45 -3.55 2.00 7.00
N VAL A 46 -3.13 2.15 5.79
CA VAL A 46 -4.13 2.19 4.68
C VAL A 46 -4.76 0.81 4.47
N HIS A 47 -6.04 0.77 4.42
CA HIS A 47 -6.72 -0.53 4.22
C HIS A 47 -6.52 -1.00 2.79
N ILE A 48 -6.48 -2.27 2.54
CA ILE A 48 -6.32 -2.73 1.15
C ILE A 48 -7.45 -2.10 0.35
N GLY A 49 -8.66 -2.22 0.84
CA GLY A 49 -9.79 -1.59 0.13
C GLY A 49 -9.59 -0.08 0.23
N GLY A 50 -8.53 0.34 0.88
CA GLY A 50 -8.23 1.81 1.01
C GLY A 50 -7.04 2.10 0.11
N VAL A 51 -6.24 1.10 -0.12
CA VAL A 51 -5.08 1.26 -1.01
C VAL A 51 -5.61 1.57 -2.40
N MET A 52 -6.68 0.92 -2.77
CA MET A 52 -7.30 1.18 -4.09
C MET A 52 -7.91 2.57 -4.09
N LEU A 53 -8.56 2.96 -3.03
CA LEU A 53 -9.15 4.32 -2.99
C LEU A 53 -8.04 5.33 -2.97
N LYS A 54 -7.16 5.23 -2.03
CA LYS A 54 -6.03 6.20 -1.98
C LYS A 54 -5.40 6.26 -3.38
N LEU A 55 -5.52 5.19 -4.11
CA LEU A 55 -4.98 5.16 -5.49
C LEU A 55 -6.04 5.71 -6.44
N VAL A 56 -7.22 5.16 -6.45
CA VAL A 56 -8.27 5.68 -7.35
C VAL A 56 -8.41 7.16 -7.05
N GLU A 57 -8.34 7.51 -5.79
CA GLU A 57 -8.43 8.93 -5.42
C GLU A 57 -7.27 9.67 -6.08
N LYS A 58 -6.08 9.10 -6.06
CA LYS A 58 -4.93 9.78 -6.70
C LYS A 58 -5.25 9.96 -8.19
N LEU A 59 -5.54 8.90 -8.90
CA LEU A 59 -5.88 9.04 -10.35
C LEU A 59 -7.18 9.83 -10.49
N ASP A 60 -8.23 9.37 -9.87
CA ASP A 60 -9.53 10.09 -9.95
C ASP A 60 -9.94 10.23 -11.43
N VAL A 61 -10.91 9.48 -11.86
CA VAL A 61 -11.35 9.58 -13.28
C VAL A 61 -12.73 8.90 -13.42
N LYS A 62 -12.77 7.60 -13.52
CA LYS A 62 -14.08 6.90 -13.66
C LYS A 62 -13.84 5.39 -13.56
N LYS A 63 -12.68 4.99 -13.14
CA LYS A 63 -12.39 3.53 -13.01
C LYS A 63 -13.04 3.00 -11.74
N ASP A 64 -13.50 1.77 -11.78
CA ASP A 64 -14.15 1.17 -10.60
C ASP A 64 -13.28 1.38 -9.36
N TRP A 65 -13.90 1.42 -8.20
CA TRP A 65 -13.13 1.62 -6.94
C TRP A 65 -12.69 0.27 -6.36
N SER A 66 -13.60 -0.44 -5.76
CA SER A 66 -13.25 -1.75 -5.15
C SER A 66 -13.23 -2.87 -6.19
N ASP A 67 -14.11 -2.84 -7.15
CA ASP A 67 -14.13 -3.93 -8.17
C ASP A 67 -12.71 -4.21 -8.67
N HIS A 68 -11.87 -3.21 -8.70
CA HIS A 68 -10.48 -3.43 -9.16
C HIS A 68 -9.71 -4.20 -8.09
N ALA A 69 -8.48 -4.51 -8.35
CA ALA A 69 -7.68 -5.28 -7.34
C ALA A 69 -6.19 -5.05 -7.56
N LEU A 70 -5.39 -5.39 -6.57
CA LEU A 70 -3.91 -5.21 -6.70
C LEU A 70 -3.22 -6.57 -6.83
N TRP A 71 -2.52 -6.82 -7.91
CA TRP A 71 -1.80 -8.12 -8.01
C TRP A 71 -0.43 -7.93 -7.35
N TRP A 72 -0.15 -8.62 -6.27
CA TRP A 72 1.15 -8.45 -5.59
C TRP A 72 2.18 -9.42 -6.20
N GLU A 73 3.34 -8.93 -6.48
CA GLU A 73 4.36 -9.76 -7.17
C GLU A 73 5.03 -10.75 -6.20
N LYS A 74 4.91 -10.55 -4.93
CA LYS A 74 5.56 -11.49 -4.00
C LYS A 74 5.20 -12.94 -4.36
N LYS A 75 3.93 -13.25 -4.50
CA LYS A 75 3.51 -14.65 -4.85
C LYS A 75 2.45 -14.60 -5.95
N ARG A 76 2.23 -13.45 -6.52
CA ARG A 76 1.22 -13.32 -7.61
C ARG A 76 -0.14 -13.70 -7.05
N THR A 77 -0.80 -12.75 -6.45
CA THR A 77 -2.13 -12.99 -5.87
C THR A 77 -2.83 -11.64 -5.71
N TRP A 78 -4.12 -11.59 -5.83
CA TRP A 78 -4.85 -10.31 -5.68
C TRP A 78 -5.18 -10.07 -4.21
N LEU A 79 -5.31 -8.84 -3.83
CA LEU A 79 -5.65 -8.49 -2.41
C LEU A 79 -7.14 -8.18 -2.36
N LEU A 80 -7.89 -8.92 -1.57
CA LEU A 80 -9.37 -8.72 -1.51
C LEU A 80 -9.84 -8.01 -0.24
N LYS A 81 -9.77 -8.65 0.89
CA LYS A 81 -10.30 -8.02 2.14
C LYS A 81 -9.66 -6.66 2.43
N THR A 82 -10.43 -5.78 2.95
CA THR A 82 -9.93 -4.42 3.28
C THR A 82 -9.22 -4.40 4.65
N HIS A 83 -9.84 -4.98 5.64
CA HIS A 83 -9.25 -4.98 7.00
C HIS A 83 -7.78 -5.41 6.98
N TRP A 84 -7.47 -6.52 6.37
CA TRP A 84 -6.06 -7.02 6.32
C TRP A 84 -5.16 -5.98 5.68
N THR A 85 -4.90 -4.97 6.41
CA THR A 85 -4.04 -3.85 5.94
C THR A 85 -2.79 -4.45 5.29
N LEU A 86 -2.04 -3.66 4.60
CA LEU A 86 -0.83 -4.22 3.97
C LEU A 86 0.15 -4.60 5.05
N ASP A 87 0.19 -3.84 6.10
CA ASP A 87 1.10 -4.22 7.19
C ASP A 87 0.58 -5.54 7.76
N LYS A 88 -0.73 -5.70 7.86
CA LYS A 88 -1.27 -6.99 8.39
C LYS A 88 -0.54 -8.12 7.67
N TYR A 89 -0.39 -7.98 6.40
CA TYR A 89 0.33 -9.02 5.62
C TYR A 89 1.79 -8.95 6.03
N GLY A 90 2.27 -7.76 6.31
CA GLY A 90 3.69 -7.58 6.72
C GLY A 90 4.43 -6.94 5.56
N ILE A 91 3.72 -6.13 4.84
CA ILE A 91 4.32 -5.45 3.65
C ILE A 91 5.08 -4.19 4.11
N GLN A 92 6.17 -3.88 3.46
CA GLN A 92 6.95 -2.65 3.80
C GLN A 92 7.12 -1.80 2.55
N ALA A 93 8.10 -0.95 2.53
CA ALA A 93 8.31 -0.09 1.34
C ALA A 93 9.05 -0.88 0.26
N ASP A 94 9.52 -2.05 0.60
CA ASP A 94 10.25 -2.89 -0.38
C ASP A 94 9.24 -3.73 -1.13
N ALA A 95 8.00 -3.44 -0.93
CA ALA A 95 6.90 -4.20 -1.59
C ALA A 95 6.45 -3.47 -2.86
N LYS A 96 6.63 -4.07 -4.01
CA LYS A 96 6.20 -3.42 -5.28
C LYS A 96 4.81 -3.98 -5.63
N LEU A 97 3.78 -3.21 -5.44
CA LEU A 97 2.42 -3.71 -5.74
C LEU A 97 2.10 -3.56 -7.21
N GLN A 98 0.99 -4.11 -7.59
CA GLN A 98 0.50 -4.04 -8.99
C GLN A 98 -0.98 -3.71 -8.90
N PHE A 99 -1.59 -3.44 -9.99
CA PHE A 99 -3.03 -3.10 -10.02
C PHE A 99 -3.65 -4.03 -11.04
N THR A 100 -4.85 -4.34 -10.84
CA THR A 100 -5.53 -5.25 -11.80
C THR A 100 -7.04 -5.25 -11.54
N PRO A 101 -7.87 -5.38 -12.55
CA PRO A 101 -9.35 -5.40 -12.35
C PRO A 101 -9.76 -6.28 -11.16
N MET A 8 20.11 19.82 17.55
CA MET A 8 18.82 19.84 18.28
C MET A 8 18.96 19.02 19.57
N ALA A 9 17.86 18.65 20.18
CA ALA A 9 17.91 17.84 21.43
C ALA A 9 16.99 16.65 21.31
N LEU A 10 16.62 16.30 20.13
CA LEU A 10 15.71 15.16 20.01
C LEU A 10 16.37 13.94 20.63
N ASP A 11 15.58 13.15 21.24
CA ASP A 11 16.10 11.92 21.90
C ASP A 11 14.94 10.93 22.07
N GLY A 12 14.18 11.09 23.11
CA GLY A 12 13.03 10.17 23.35
C GLY A 12 11.89 10.96 23.93
N ILE A 13 11.42 11.93 23.21
CA ILE A 13 10.30 12.77 23.69
C ILE A 13 9.23 11.91 24.36
N ARG A 14 8.47 11.19 23.58
CA ARG A 14 7.37 10.33 24.13
C ARG A 14 7.64 8.86 23.75
N MET A 15 7.36 8.49 22.53
CA MET A 15 7.60 7.12 22.06
C MET A 15 7.84 7.20 20.53
N PRO A 16 6.91 7.57 19.69
CA PRO A 16 7.22 7.66 18.24
C PRO A 16 8.54 8.40 18.01
N ASP A 17 8.98 9.15 19.00
CA ASP A 17 10.29 9.88 18.86
C ASP A 17 11.35 9.11 19.64
N GLY A 18 10.93 8.20 20.49
CA GLY A 18 11.88 7.38 21.30
C GLY A 18 11.54 5.90 21.13
N CYS A 19 10.28 5.59 21.05
CA CYS A 19 9.87 4.19 20.87
C CYS A 19 10.67 3.57 19.72
N TYR A 20 10.35 3.95 18.51
CA TYR A 20 11.09 3.40 17.33
C TYR A 20 11.32 4.52 16.30
N ALA A 21 12.39 4.44 15.56
CA ALA A 21 12.67 5.50 14.54
C ALA A 21 11.49 5.58 13.58
N ASP A 22 11.44 4.71 12.62
CA ASP A 22 10.33 4.70 11.64
C ASP A 22 9.87 3.26 11.45
N GLY A 23 10.79 2.39 11.19
CA GLY A 23 10.44 0.95 11.01
C GLY A 23 9.32 0.83 9.97
N THR A 24 8.97 1.91 9.34
CA THR A 24 7.88 1.87 8.33
C THR A 24 8.46 1.53 6.95
N TRP A 25 7.64 1.46 5.94
CA TRP A 25 8.18 1.16 4.58
C TRP A 25 7.21 1.67 3.52
N GLU A 26 7.43 1.34 2.27
CA GLU A 26 6.52 1.80 1.18
C GLU A 26 6.11 0.60 0.37
N LEU A 27 5.39 0.87 -0.67
CA LEU A 27 4.87 -0.21 -1.55
C LEU A 27 4.90 0.27 -3.00
N SER A 28 4.97 -0.64 -3.93
CA SER A 28 5.00 -0.28 -5.37
C SER A 28 3.81 -0.92 -6.07
N VAL A 29 3.12 -0.11 -6.82
CA VAL A 29 1.94 -0.58 -7.57
C VAL A 29 2.26 -0.52 -9.07
N HIS A 30 1.52 -1.29 -9.79
CA HIS A 30 1.69 -1.42 -11.26
C HIS A 30 0.30 -1.46 -11.90
N VAL A 31 0.13 -0.90 -13.06
CA VAL A 31 -1.20 -0.94 -13.74
C VAL A 31 -1.10 -1.80 -14.99
N THR A 32 -1.86 -2.86 -15.05
CA THR A 32 -1.79 -3.76 -16.25
C THR A 32 -2.77 -3.30 -17.34
N ASP A 33 -4.02 -3.10 -17.01
CA ASP A 33 -5.00 -2.67 -18.06
C ASP A 33 -4.72 -1.24 -18.52
N VAL A 34 -3.59 -0.68 -18.14
CA VAL A 34 -3.27 0.72 -18.58
C VAL A 34 -1.78 0.80 -18.96
N ASN A 35 -0.96 -0.05 -18.39
CA ASN A 35 0.48 -0.11 -18.72
C ASN A 35 1.29 1.01 -18.05
N ARG A 36 0.76 1.62 -17.03
CA ARG A 36 1.52 2.69 -16.29
C ARG A 36 1.78 2.14 -14.90
N ASP A 37 2.42 2.88 -14.03
CA ASP A 37 2.68 2.34 -12.66
C ASP A 37 2.60 3.47 -11.63
N VAL A 38 2.18 3.12 -10.45
CA VAL A 38 2.06 4.09 -9.34
C VAL A 38 2.53 3.38 -8.09
N THR A 39 2.88 4.07 -7.04
CA THR A 39 3.37 3.37 -5.81
C THR A 39 2.64 3.90 -4.59
N LEU A 40 2.44 3.04 -3.61
CA LEU A 40 1.74 3.47 -2.37
C LEU A 40 2.76 3.77 -1.29
N ARG A 41 2.47 4.73 -0.50
CA ARG A 41 3.36 5.07 0.65
C ARG A 41 2.59 4.60 1.89
N VAL A 42 2.86 3.42 2.38
CA VAL A 42 2.08 2.91 3.54
C VAL A 42 2.86 1.93 4.41
N THR A 43 2.16 1.31 5.33
CA THR A 43 2.80 0.32 6.24
C THR A 43 1.83 -0.84 6.47
N GLY A 44 2.27 -1.83 7.19
CA GLY A 44 1.41 -3.03 7.51
C GLY A 44 0.08 -2.60 8.11
N GLU A 45 -0.22 -1.33 8.11
CA GLU A 45 -1.49 -0.85 8.73
C GLU A 45 -2.55 -0.44 7.69
N VAL A 46 -2.17 -0.22 6.46
CA VAL A 46 -3.19 0.22 5.47
C VAL A 46 -4.12 -0.94 5.10
N HIS A 47 -5.39 -0.70 5.10
CA HIS A 47 -6.34 -1.79 4.74
C HIS A 47 -6.20 -2.07 3.25
N ILE A 48 -6.36 -3.29 2.82
CA ILE A 48 -6.29 -3.54 1.36
C ILE A 48 -7.35 -2.65 0.73
N GLY A 49 -8.52 -2.71 1.27
CA GLY A 49 -9.60 -1.84 0.78
C GLY A 49 -9.17 -0.39 1.03
N GLY A 50 -8.02 -0.20 1.64
CA GLY A 50 -7.51 1.17 1.91
C GLY A 50 -6.32 1.41 0.99
N VAL A 51 -5.62 0.35 0.67
CA VAL A 51 -4.46 0.46 -0.25
C VAL A 51 -5.01 1.10 -1.53
N MET A 52 -6.18 0.71 -1.91
CA MET A 52 -6.83 1.27 -3.12
C MET A 52 -7.15 2.74 -2.86
N LEU A 53 -7.80 3.04 -1.79
CA LEU A 53 -8.14 4.45 -1.47
C LEU A 53 -6.84 5.22 -1.33
N LYS A 54 -5.99 4.80 -0.45
CA LYS A 54 -4.70 5.52 -0.29
C LYS A 54 -4.10 5.75 -1.67
N LEU A 55 -4.40 4.87 -2.58
CA LEU A 55 -3.90 5.02 -3.96
C LEU A 55 -4.84 5.93 -4.75
N VAL A 56 -6.11 5.59 -4.80
CA VAL A 56 -7.05 6.48 -5.54
C VAL A 56 -6.92 7.87 -4.94
N GLU A 57 -6.78 7.94 -3.65
CA GLU A 57 -6.61 9.24 -2.98
C GLU A 57 -5.33 9.89 -3.48
N LYS A 58 -4.27 9.13 -3.62
CA LYS A 58 -3.01 9.73 -4.11
C LYS A 58 -3.27 10.34 -5.49
N LEU A 59 -3.68 9.54 -6.45
CA LEU A 59 -3.96 10.08 -7.82
C LEU A 59 -5.43 9.88 -8.16
N ASP A 60 -6.27 10.80 -7.78
CA ASP A 60 -7.73 10.67 -8.09
C ASP A 60 -7.96 11.07 -9.55
N VAL A 61 -7.93 10.12 -10.45
CA VAL A 61 -8.15 10.43 -11.91
C VAL A 61 -9.20 9.48 -12.48
N LYS A 62 -10.45 9.83 -12.37
CA LYS A 62 -11.52 8.96 -12.91
C LYS A 62 -11.29 7.51 -12.45
N LYS A 63 -10.59 7.33 -11.36
CA LYS A 63 -10.33 5.95 -10.87
C LYS A 63 -11.58 5.43 -10.15
N ASP A 64 -11.85 4.15 -10.25
CA ASP A 64 -13.06 3.57 -9.59
C ASP A 64 -12.67 2.94 -8.26
N TRP A 65 -13.56 2.93 -7.31
CA TRP A 65 -13.27 2.34 -5.97
C TRP A 65 -13.84 0.91 -5.88
N SER A 66 -15.11 0.79 -5.61
CA SER A 66 -15.73 -0.56 -5.46
C SER A 66 -15.51 -1.44 -6.70
N ASP A 67 -14.72 -1.01 -7.66
CA ASP A 67 -14.50 -1.85 -8.90
C ASP A 67 -13.01 -2.06 -9.17
N HIS A 68 -12.16 -1.16 -8.75
CA HIS A 68 -10.72 -1.35 -9.02
C HIS A 68 -10.13 -2.42 -8.11
N ALA A 69 -8.96 -2.91 -8.44
CA ALA A 69 -8.33 -3.98 -7.60
C ALA A 69 -6.82 -4.00 -7.84
N LEU A 70 -6.07 -4.72 -7.03
CA LEU A 70 -4.59 -4.79 -7.23
C LEU A 70 -4.19 -6.20 -7.61
N TRP A 71 -3.60 -6.39 -8.78
CA TRP A 71 -3.18 -7.77 -9.15
C TRP A 71 -1.78 -8.00 -8.58
N TRP A 72 -1.62 -9.03 -7.76
CA TRP A 72 -0.28 -9.29 -7.14
C TRP A 72 0.59 -10.08 -8.11
N GLU A 73 1.72 -9.55 -8.50
CA GLU A 73 2.59 -10.28 -9.46
C GLU A 73 3.36 -11.40 -8.74
N LYS A 74 3.38 -11.38 -7.44
CA LYS A 74 4.15 -12.42 -6.70
C LYS A 74 3.43 -13.77 -6.69
N LYS A 75 2.19 -13.81 -6.25
CA LYS A 75 1.44 -15.10 -6.18
C LYS A 75 0.31 -15.08 -7.20
N ARG A 76 0.23 -14.04 -7.96
CA ARG A 76 -0.84 -13.94 -8.98
C ARG A 76 -2.19 -14.01 -8.28
N THR A 77 -2.53 -13.02 -7.51
CA THR A 77 -3.82 -13.02 -6.78
C THR A 77 -4.30 -11.59 -6.56
N TRP A 78 -5.57 -11.35 -6.67
CA TRP A 78 -6.10 -9.98 -6.43
C TRP A 78 -6.31 -9.79 -4.93
N LEU A 79 -6.21 -8.57 -4.47
CA LEU A 79 -6.41 -8.27 -3.02
C LEU A 79 -7.75 -7.56 -2.86
N LEU A 80 -8.72 -8.23 -2.30
CA LEU A 80 -10.08 -7.64 -2.16
C LEU A 80 -10.37 -7.21 -0.71
N LYS A 81 -10.54 -8.14 0.17
CA LYS A 81 -10.90 -7.81 1.58
C LYS A 81 -9.83 -7.01 2.33
N THR A 82 -10.27 -6.19 3.23
CA THR A 82 -9.32 -5.39 4.06
C THR A 82 -8.81 -6.30 5.20
N HIS A 83 -9.65 -7.21 5.62
CA HIS A 83 -9.31 -8.13 6.75
C HIS A 83 -7.92 -8.73 6.57
N TRP A 84 -7.39 -8.69 5.38
CA TRP A 84 -6.02 -9.27 5.12
C TRP A 84 -5.05 -8.13 4.79
N THR A 85 -4.80 -7.29 5.73
CA THR A 85 -3.87 -6.15 5.53
C THR A 85 -2.60 -6.67 4.84
N LEU A 86 -1.80 -5.81 4.32
CA LEU A 86 -0.55 -6.29 3.67
C LEU A 86 0.20 -7.13 4.69
N ASP A 87 0.42 -6.57 5.84
CA ASP A 87 1.14 -7.33 6.89
C ASP A 87 0.43 -8.66 7.11
N LYS A 88 -0.88 -8.68 7.19
CA LYS A 88 -1.59 -9.98 7.41
C LYS A 88 -1.01 -11.01 6.45
N TYR A 89 -0.81 -10.61 5.23
CA TYR A 89 -0.25 -11.55 4.23
C TYR A 89 1.26 -11.70 4.50
N GLY A 90 1.82 -10.80 5.25
CA GLY A 90 3.28 -10.87 5.55
C GLY A 90 4.00 -10.12 4.45
N ILE A 91 3.40 -9.05 4.01
CA ILE A 91 3.99 -8.24 2.92
C ILE A 91 4.96 -7.19 3.50
N GLN A 92 6.00 -6.90 2.76
CA GLN A 92 7.00 -5.88 3.19
C GLN A 92 7.25 -4.93 2.03
N ALA A 93 8.38 -4.29 1.99
CA ALA A 93 8.68 -3.36 0.87
C ALA A 93 9.17 -4.17 -0.32
N ASP A 94 9.34 -5.45 -0.15
CA ASP A 94 9.80 -6.30 -1.29
C ASP A 94 8.59 -6.80 -2.06
N ALA A 95 7.46 -6.26 -1.74
CA ALA A 95 6.20 -6.68 -2.43
C ALA A 95 5.88 -5.70 -3.57
N LYS A 96 5.93 -6.14 -4.79
CA LYS A 96 5.62 -5.25 -5.94
C LYS A 96 4.14 -5.46 -6.31
N LEU A 97 3.29 -4.53 -5.98
CA LEU A 97 1.85 -4.71 -6.30
C LEU A 97 1.54 -4.22 -7.70
N GLN A 98 0.35 -4.48 -8.13
CA GLN A 98 -0.12 -4.05 -9.45
C GLN A 98 -1.52 -3.49 -9.26
N PHE A 99 -2.08 -2.95 -10.27
CA PHE A 99 -3.42 -2.35 -10.21
C PHE A 99 -4.23 -2.96 -11.31
N THR A 100 -5.48 -3.06 -11.14
CA THR A 100 -6.32 -3.64 -12.22
C THR A 100 -7.80 -3.39 -11.94
N PRO A 101 -8.62 -3.31 -12.98
CA PRO A 101 -10.08 -3.07 -12.82
C PRO A 101 -10.81 -4.29 -12.22
N MET A 8 24.31 12.65 21.56
CA MET A 8 22.92 13.16 21.81
C MET A 8 22.24 12.27 22.86
N ALA A 9 20.94 12.29 22.90
CA ALA A 9 20.21 11.45 23.88
C ALA A 9 18.79 11.28 23.37
N LEU A 10 17.86 11.88 24.03
CA LEU A 10 16.46 11.78 23.58
C LEU A 10 16.34 12.31 22.16
N ASP A 11 15.87 13.52 22.00
CA ASP A 11 15.73 14.12 20.65
C ASP A 11 14.50 13.51 19.98
N GLY A 12 14.10 12.36 20.43
CA GLY A 12 12.92 11.70 19.84
C GLY A 12 12.85 10.24 20.27
N ILE A 13 13.97 9.67 20.64
CA ILE A 13 14.00 8.24 21.08
C ILE A 13 12.81 7.98 22.00
N ARG A 14 12.25 9.00 22.57
CA ARG A 14 11.09 8.83 23.47
C ARG A 14 9.93 8.23 22.70
N MET A 15 9.69 8.77 21.54
CA MET A 15 8.57 8.30 20.68
C MET A 15 9.13 8.01 19.28
N PRO A 16 8.30 7.63 18.33
CA PRO A 16 8.77 7.34 16.94
C PRO A 16 9.48 8.56 16.33
N ASP A 17 9.74 9.56 17.13
CA ASP A 17 10.44 10.77 16.62
C ASP A 17 11.93 10.48 16.70
N GLY A 18 12.27 9.27 17.01
CA GLY A 18 13.69 8.86 17.12
C GLY A 18 13.74 7.41 17.61
N CYS A 19 12.72 6.98 18.29
CA CYS A 19 12.67 5.58 18.79
C CYS A 19 12.87 4.64 17.60
N TYR A 20 11.82 4.35 16.88
CA TYR A 20 11.93 3.47 15.70
C TYR A 20 12.30 4.31 14.48
N ALA A 21 12.36 3.72 13.32
CA ALA A 21 12.71 4.50 12.11
C ALA A 21 11.64 5.57 11.88
N ASP A 22 10.83 5.41 10.88
CA ASP A 22 9.76 6.41 10.60
C ASP A 22 8.47 5.99 11.30
N GLY A 23 8.49 4.89 12.00
CA GLY A 23 7.26 4.41 12.70
C GLY A 23 6.20 4.07 11.66
N THR A 24 6.51 4.26 10.40
CA THR A 24 5.52 3.95 9.32
C THR A 24 6.29 3.73 8.02
N TRP A 25 5.59 3.50 6.93
CA TRP A 25 6.32 3.31 5.63
C TRP A 25 5.40 3.62 4.46
N GLU A 26 5.83 3.29 3.25
CA GLU A 26 5.00 3.56 2.05
C GLU A 26 4.90 2.28 1.25
N LEU A 27 4.22 2.37 0.16
CA LEU A 27 3.98 1.21 -0.74
C LEU A 27 4.08 1.65 -2.19
N SER A 28 4.41 0.75 -3.07
CA SER A 28 4.52 1.07 -4.52
C SER A 28 3.54 0.23 -5.32
N VAL A 29 2.81 0.88 -6.18
CA VAL A 29 1.82 0.18 -7.04
C VAL A 29 2.28 0.28 -8.50
N HIS A 30 1.79 -0.63 -9.27
CA HIS A 30 2.14 -0.76 -10.72
C HIS A 30 0.89 -1.13 -11.54
N VAL A 31 0.55 -0.35 -12.50
CA VAL A 31 -0.63 -0.69 -13.34
C VAL A 31 -0.21 -1.62 -14.47
N THR A 32 -0.80 -2.81 -14.54
CA THR A 32 -0.42 -3.76 -15.62
C THR A 32 -1.24 -3.52 -16.89
N ASP A 33 -2.55 -3.59 -16.79
CA ASP A 33 -3.39 -3.38 -18.02
C ASP A 33 -3.20 -1.98 -18.57
N VAL A 34 -2.26 -1.22 -18.05
CA VAL A 34 -2.03 0.18 -18.58
C VAL A 34 -0.52 0.42 -18.71
N ASN A 35 0.28 -0.27 -17.92
CA ASN A 35 1.76 -0.14 -18.02
C ASN A 35 2.30 1.14 -17.38
N ARG A 36 1.53 1.78 -16.55
CA ARG A 36 2.01 3.01 -15.83
C ARG A 36 2.15 2.61 -14.38
N ASP A 37 2.50 3.51 -13.49
CA ASP A 37 2.64 3.09 -12.07
C ASP A 37 2.25 4.24 -11.14
N VAL A 38 1.81 3.88 -9.97
CA VAL A 38 1.39 4.86 -8.95
C VAL A 38 1.81 4.26 -7.63
N THR A 39 1.94 5.02 -6.56
CA THR A 39 2.38 4.42 -5.27
C THR A 39 1.50 4.87 -4.13
N LEU A 40 1.33 4.03 -3.14
CA LEU A 40 0.48 4.38 -1.98
C LEU A 40 1.37 4.85 -0.86
N ARG A 41 0.84 5.74 -0.08
CA ARG A 41 1.57 6.22 1.12
C ARG A 41 0.72 5.74 2.29
N VAL A 42 1.04 4.61 2.86
CA VAL A 42 0.19 4.06 3.96
C VAL A 42 0.99 3.20 4.92
N THR A 43 0.30 2.51 5.80
CA THR A 43 0.97 1.62 6.79
C THR A 43 0.23 0.29 6.83
N GLY A 44 0.73 -0.63 7.59
CA GLY A 44 0.09 -1.97 7.68
C GLY A 44 -1.35 -1.85 8.18
N GLU A 45 -1.89 -0.66 8.20
CA GLU A 45 -3.27 -0.44 8.71
C GLU A 45 -4.28 -0.18 7.58
N VAL A 46 -3.83 0.14 6.40
CA VAL A 46 -4.80 0.45 5.32
C VAL A 46 -5.50 -0.83 4.85
N HIS A 47 -6.76 -0.77 4.62
CA HIS A 47 -7.49 -1.97 4.15
C HIS A 47 -7.09 -2.26 2.71
N ILE A 48 -7.02 -3.50 2.32
CA ILE A 48 -6.68 -3.76 0.89
C ILE A 48 -7.72 -3.03 0.08
N GLY A 49 -8.95 -3.28 0.41
CA GLY A 49 -10.06 -2.56 -0.27
C GLY A 49 -9.90 -1.08 0.03
N GLY A 50 -8.90 -0.72 0.80
CA GLY A 50 -8.66 0.72 1.14
C GLY A 50 -7.41 1.15 0.40
N VAL A 51 -6.55 0.22 0.12
CA VAL A 51 -5.32 0.53 -0.64
C VAL A 51 -5.78 1.04 -2.01
N MET A 52 -6.79 0.42 -2.55
CA MET A 52 -7.30 0.86 -3.88
C MET A 52 -7.95 2.23 -3.71
N LEU A 53 -8.73 2.42 -2.69
CA LEU A 53 -9.36 3.74 -2.50
C LEU A 53 -8.27 4.75 -2.19
N LYS A 54 -7.50 4.51 -1.18
CA LYS A 54 -6.40 5.45 -0.85
C LYS A 54 -5.63 5.74 -2.15
N LEU A 55 -5.65 4.81 -3.05
CA LEU A 55 -4.97 5.00 -4.36
C LEU A 55 -5.92 5.71 -5.32
N VAL A 56 -7.08 5.15 -5.55
CA VAL A 56 -8.04 5.82 -6.47
C VAL A 56 -8.27 7.23 -5.94
N GLU A 57 -8.32 7.36 -4.64
CA GLU A 57 -8.49 8.70 -4.05
C GLU A 57 -7.26 9.54 -4.40
N LYS A 58 -6.08 8.98 -4.31
CA LYS A 58 -4.86 9.77 -4.66
C LYS A 58 -5.01 10.26 -6.11
N LEU A 59 -5.19 9.36 -7.05
CA LEU A 59 -5.34 9.79 -8.46
C LEU A 59 -6.54 10.72 -8.59
N ASP A 60 -6.53 11.60 -9.56
CA ASP A 60 -7.68 12.53 -9.74
C ASP A 60 -8.78 11.86 -10.54
N VAL A 61 -8.42 11.05 -11.51
CA VAL A 61 -9.45 10.37 -12.34
C VAL A 61 -10.32 9.47 -11.44
N LYS A 62 -11.61 9.53 -11.61
CA LYS A 62 -12.50 8.68 -10.76
C LYS A 62 -12.43 7.23 -11.27
N LYS A 63 -11.41 6.52 -10.92
CA LYS A 63 -11.28 5.11 -11.37
C LYS A 63 -12.18 4.21 -10.54
N ASP A 64 -12.35 3.00 -10.95
CA ASP A 64 -13.22 2.05 -10.20
C ASP A 64 -12.48 1.50 -8.98
N TRP A 65 -13.21 1.12 -7.96
CA TRP A 65 -12.59 0.59 -6.74
C TRP A 65 -12.48 -0.93 -6.82
N SER A 66 -13.42 -1.59 -6.21
CA SER A 66 -13.44 -3.08 -6.18
C SER A 66 -13.30 -3.65 -7.59
N ASP A 67 -14.00 -3.08 -8.56
CA ASP A 67 -13.89 -3.62 -9.95
C ASP A 67 -12.43 -3.82 -10.32
N HIS A 68 -11.59 -2.86 -10.01
CA HIS A 68 -10.15 -3.01 -10.34
C HIS A 68 -9.51 -3.94 -9.33
N ALA A 69 -8.24 -4.25 -9.48
CA ALA A 69 -7.58 -5.18 -8.51
C ALA A 69 -6.07 -4.97 -8.51
N LEU A 70 -5.41 -5.25 -7.41
CA LEU A 70 -3.93 -5.07 -7.37
C LEU A 70 -3.25 -6.39 -7.68
N TRP A 71 -2.48 -6.47 -8.74
CA TRP A 71 -1.76 -7.76 -9.02
C TRP A 71 -0.43 -7.70 -8.24
N TRP A 72 -0.12 -8.71 -7.45
CA TRP A 72 1.14 -8.67 -6.63
C TRP A 72 2.06 -9.85 -7.01
N GLU A 73 3.21 -9.54 -7.55
CA GLU A 73 4.18 -10.58 -7.96
C GLU A 73 4.49 -11.56 -6.82
N LYS A 74 4.43 -11.14 -5.57
CA LYS A 74 4.76 -12.09 -4.48
C LYS A 74 4.03 -13.43 -4.72
N LYS A 75 2.74 -13.36 -4.93
CA LYS A 75 1.95 -14.60 -5.18
C LYS A 75 1.25 -14.43 -6.52
N ARG A 76 1.79 -13.59 -7.36
CA ARG A 76 1.21 -13.31 -8.72
C ARG A 76 -0.30 -13.50 -8.69
N THR A 77 -0.93 -12.96 -7.68
CA THR A 77 -2.40 -13.10 -7.51
C THR A 77 -3.01 -11.70 -7.39
N TRP A 78 -4.22 -11.63 -6.94
CA TRP A 78 -4.89 -10.32 -6.75
C TRP A 78 -5.27 -10.15 -5.27
N LEU A 79 -5.36 -8.94 -4.81
CA LEU A 79 -5.73 -8.68 -3.40
C LEU A 79 -7.20 -8.25 -3.36
N LEU A 80 -8.05 -9.06 -2.75
CA LEU A 80 -9.51 -8.76 -2.73
C LEU A 80 -9.98 -8.25 -1.36
N LYS A 81 -10.17 -9.14 -0.42
CA LYS A 81 -10.70 -8.74 0.91
C LYS A 81 -9.87 -7.65 1.60
N THR A 82 -10.53 -6.85 2.36
CA THR A 82 -9.86 -5.73 3.10
C THR A 82 -9.17 -6.27 4.35
N HIS A 83 -9.87 -7.08 5.09
CA HIS A 83 -9.32 -7.66 6.35
C HIS A 83 -7.84 -8.00 6.18
N TRP A 84 -7.50 -8.79 5.19
CA TRP A 84 -6.07 -9.19 4.99
C TRP A 84 -5.23 -7.95 4.68
N THR A 85 -5.15 -7.08 5.62
CA THR A 85 -4.36 -5.84 5.46
C THR A 85 -2.98 -6.22 4.93
N LEU A 86 -2.31 -5.30 4.30
CA LEU A 86 -0.94 -5.58 3.79
C LEU A 86 -0.15 -6.29 4.88
N ASP A 87 -0.19 -5.74 6.06
CA ASP A 87 0.54 -6.36 7.18
C ASP A 87 0.07 -7.80 7.32
N LYS A 88 -1.23 -8.05 7.29
CA LYS A 88 -1.70 -9.46 7.41
C LYS A 88 -0.89 -10.31 6.44
N TYR A 89 -0.76 -9.82 5.25
CA TYR A 89 0.01 -10.56 4.22
C TYR A 89 1.49 -10.54 4.62
N GLY A 90 1.86 -9.67 5.51
CA GLY A 90 3.28 -9.58 5.92
C GLY A 90 4.00 -8.72 4.89
N ILE A 91 3.35 -7.69 4.47
CA ILE A 91 3.92 -6.79 3.42
C ILE A 91 4.58 -5.57 4.08
N GLN A 92 5.65 -5.11 3.49
CA GLN A 92 6.38 -3.91 4.00
C GLN A 92 6.61 -2.95 2.83
N ALA A 93 7.60 -2.11 2.91
CA ALA A 93 7.87 -1.18 1.79
C ALA A 93 8.66 -1.94 0.72
N ASP A 94 9.06 -3.15 1.02
CA ASP A 94 9.82 -3.95 0.04
C ASP A 94 8.82 -4.66 -0.86
N ALA A 95 7.58 -4.34 -0.69
CA ALA A 95 6.50 -4.97 -1.49
C ALA A 95 6.13 -4.05 -2.66
N LYS A 96 6.38 -4.48 -3.86
CA LYS A 96 6.04 -3.65 -5.05
C LYS A 96 4.66 -4.12 -5.54
N LEU A 97 3.62 -3.42 -5.19
CA LEU A 97 2.28 -3.85 -5.64
C LEU A 97 2.06 -3.43 -7.07
N GLN A 98 0.98 -3.88 -7.62
CA GLN A 98 0.63 -3.55 -9.00
C GLN A 98 -0.86 -3.25 -9.01
N PHE A 99 -1.38 -2.75 -10.08
CA PHE A 99 -2.81 -2.44 -10.21
C PHE A 99 -3.27 -3.21 -11.42
N THR A 100 -4.46 -3.65 -11.45
CA THR A 100 -4.94 -4.40 -12.65
C THR A 100 -6.47 -4.49 -12.62
N PRO A 101 -7.10 -5.03 -13.64
CA PRO A 101 -8.58 -5.14 -13.70
C PRO A 101 -9.09 -6.47 -13.12
N MET A 8 21.26 18.88 13.20
CA MET A 8 20.50 17.75 13.82
C MET A 8 19.16 17.58 13.10
N ALA A 9 18.18 17.03 13.78
CA ALA A 9 16.85 16.83 13.14
C ALA A 9 15.81 16.62 14.22
N LEU A 10 14.83 17.47 14.30
CA LEU A 10 13.79 17.26 15.32
C LEU A 10 12.74 16.34 14.72
N ASP A 11 12.11 15.58 15.55
CA ASP A 11 11.07 14.64 15.07
C ASP A 11 10.14 14.29 16.24
N GLY A 12 10.68 14.18 17.42
CA GLY A 12 9.86 13.84 18.62
C GLY A 12 10.58 12.78 19.45
N ILE A 13 10.94 11.68 18.84
CA ILE A 13 11.68 10.61 19.56
C ILE A 13 11.03 10.26 20.90
N ARG A 14 9.94 10.89 21.24
CA ARG A 14 9.27 10.59 22.53
C ARG A 14 8.13 9.62 22.27
N MET A 15 7.43 9.85 21.20
CA MET A 15 6.28 8.98 20.82
C MET A 15 6.74 8.12 19.65
N PRO A 16 6.00 7.09 19.30
CA PRO A 16 6.37 6.25 18.12
C PRO A 16 6.63 7.14 16.90
N ASP A 17 6.46 8.42 17.05
CA ASP A 17 6.70 9.36 15.92
C ASP A 17 8.21 9.42 15.67
N GLY A 18 8.95 8.59 16.35
CA GLY A 18 10.43 8.59 16.19
C GLY A 18 11.04 7.80 17.34
N CYS A 19 10.33 7.70 18.43
CA CYS A 19 10.86 6.95 19.59
C CYS A 19 11.17 5.51 19.16
N TYR A 20 10.26 4.60 19.39
CA TYR A 20 10.50 3.17 18.99
C TYR A 20 9.97 2.95 17.57
N ALA A 21 10.09 3.91 16.71
CA ALA A 21 9.58 3.73 15.32
C ALA A 21 10.29 2.55 14.67
N ASP A 22 9.64 1.41 14.61
CA ASP A 22 10.27 0.23 13.99
C ASP A 22 9.18 -0.76 13.54
N GLY A 23 9.39 -1.39 12.42
CA GLY A 23 8.38 -2.37 11.91
C GLY A 23 7.51 -1.73 10.83
N THR A 24 7.55 -0.43 10.72
CA THR A 24 6.71 0.24 9.68
C THR A 24 7.45 0.21 8.35
N TRP A 25 6.86 0.77 7.34
CA TRP A 25 7.53 0.79 6.01
C TRP A 25 6.62 1.41 4.95
N GLU A 26 6.96 1.24 3.69
CA GLU A 26 6.13 1.76 2.58
C GLU A 26 5.82 0.61 1.65
N LEU A 27 5.12 0.90 0.62
CA LEU A 27 4.70 -0.13 -0.37
C LEU A 27 4.80 0.44 -1.78
N SER A 28 4.99 -0.41 -2.74
CA SER A 28 5.10 0.03 -4.16
C SER A 28 3.99 -0.61 -4.99
N VAL A 29 3.29 0.21 -5.72
CA VAL A 29 2.19 -0.28 -6.59
C VAL A 29 2.60 -0.11 -8.04
N HIS A 30 1.96 -0.87 -8.87
CA HIS A 30 2.25 -0.90 -10.34
C HIS A 30 0.95 -0.98 -11.15
N VAL A 31 0.73 -0.08 -12.02
CA VAL A 31 -0.51 -0.14 -12.86
C VAL A 31 -0.20 -0.95 -14.12
N THR A 32 -0.77 -2.14 -14.22
CA THR A 32 -0.48 -3.01 -15.39
C THR A 32 -1.36 -2.64 -16.59
N ASP A 33 -2.65 -2.60 -16.43
CA ASP A 33 -3.54 -2.26 -17.57
C ASP A 33 -3.35 -0.80 -17.98
N VAL A 34 -2.28 -0.18 -17.56
CA VAL A 34 -2.04 1.25 -17.93
C VAL A 34 -0.54 1.50 -18.12
N ASN A 35 0.29 0.71 -17.47
CA ASN A 35 1.77 0.82 -17.63
C ASN A 35 2.38 1.95 -16.79
N ARG A 36 1.66 2.46 -15.83
CA ARG A 36 2.21 3.55 -14.94
C ARG A 36 2.49 2.91 -13.59
N ASP A 37 2.93 3.65 -12.63
CA ASP A 37 3.19 3.05 -11.30
C ASP A 37 3.02 4.11 -10.21
N VAL A 38 2.51 3.69 -9.10
CA VAL A 38 2.28 4.61 -7.95
C VAL A 38 2.68 3.82 -6.72
N THR A 39 2.96 4.45 -5.62
CA THR A 39 3.38 3.68 -4.41
C THR A 39 2.54 4.10 -3.21
N LEU A 40 2.28 3.16 -2.33
CA LEU A 40 1.47 3.47 -1.13
C LEU A 40 2.39 3.70 0.04
N ARG A 41 2.05 4.63 0.85
CA ARG A 41 2.85 4.89 2.08
C ARG A 41 2.03 4.34 3.25
N VAL A 42 2.30 3.13 3.67
CA VAL A 42 1.46 2.53 4.76
C VAL A 42 2.22 1.47 5.54
N THR A 43 1.49 0.76 6.38
CA THR A 43 2.11 -0.33 7.21
C THR A 43 1.21 -1.56 7.12
N GLY A 44 1.60 -2.61 7.76
CA GLY A 44 0.79 -3.86 7.71
C GLY A 44 -0.56 -3.63 8.37
N GLU A 45 -0.92 -2.40 8.60
CA GLU A 45 -2.22 -2.08 9.27
C GLU A 45 -3.26 -1.56 8.26
N VAL A 46 -2.84 -1.12 7.12
CA VAL A 46 -3.83 -0.58 6.14
C VAL A 46 -4.64 -1.72 5.52
N HIS A 47 -5.90 -1.57 5.46
CA HIS A 47 -6.75 -2.63 4.87
C HIS A 47 -6.52 -2.67 3.36
N ILE A 48 -6.62 -3.83 2.76
CA ILE A 48 -6.46 -3.88 1.29
C ILE A 48 -7.49 -2.92 0.73
N GLY A 49 -8.70 -3.07 1.19
CA GLY A 49 -9.77 -2.15 0.75
C GLY A 49 -9.37 -0.74 1.16
N GLY A 50 -8.26 -0.59 1.86
CA GLY A 50 -7.80 0.76 2.28
C GLY A 50 -6.59 1.14 1.45
N VAL A 51 -5.84 0.17 1.02
CA VAL A 51 -4.67 0.46 0.17
C VAL A 51 -5.19 1.11 -1.10
N MET A 52 -6.29 0.61 -1.60
CA MET A 52 -6.89 1.21 -2.81
C MET A 52 -7.30 2.65 -2.49
N LEU A 53 -7.98 2.85 -1.41
CA LEU A 53 -8.39 4.24 -1.05
C LEU A 53 -7.15 5.06 -0.81
N LYS A 54 -6.33 4.67 0.11
CA LYS A 54 -5.09 5.45 0.36
C LYS A 54 -4.42 5.73 -0.99
N LEU A 55 -4.63 4.86 -1.94
CA LEU A 55 -4.05 5.06 -3.29
C LEU A 55 -4.99 5.95 -4.10
N VAL A 56 -6.23 5.56 -4.25
CA VAL A 56 -7.15 6.43 -5.03
C VAL A 56 -7.13 7.81 -4.38
N GLU A 57 -7.08 7.82 -3.07
CA GLU A 57 -7.02 9.12 -2.36
C GLU A 57 -5.72 9.83 -2.75
N LYS A 58 -4.62 9.11 -2.81
CA LYS A 58 -3.35 9.77 -3.20
C LYS A 58 -3.57 10.45 -4.57
N LEU A 59 -3.94 9.70 -5.58
CA LEU A 59 -4.22 10.33 -6.92
C LEU A 59 -5.41 9.62 -7.57
N ASP A 60 -6.53 10.30 -7.65
CA ASP A 60 -7.73 9.68 -8.27
C ASP A 60 -7.79 10.05 -9.76
N VAL A 61 -7.84 11.32 -10.07
CA VAL A 61 -7.90 11.74 -11.50
C VAL A 61 -9.07 11.03 -12.19
N LYS A 62 -8.85 9.83 -12.66
CA LYS A 62 -9.95 9.06 -13.33
C LYS A 62 -9.86 7.60 -12.90
N LYS A 63 -9.49 7.37 -11.68
CA LYS A 63 -9.36 5.96 -11.17
C LYS A 63 -10.77 5.43 -10.84
N ASP A 64 -10.83 4.21 -10.34
CA ASP A 64 -12.16 3.60 -10.00
C ASP A 64 -12.09 2.99 -8.60
N TRP A 65 -13.21 2.91 -7.92
CA TRP A 65 -13.26 2.31 -6.57
C TRP A 65 -13.81 0.88 -6.65
N SER A 66 -15.09 0.74 -6.57
CA SER A 66 -15.72 -0.62 -6.61
C SER A 66 -15.28 -1.42 -7.85
N ASP A 67 -14.34 -0.92 -8.63
CA ASP A 67 -13.90 -1.67 -9.86
C ASP A 67 -12.38 -1.88 -9.86
N HIS A 68 -11.65 -1.11 -9.10
CA HIS A 68 -10.17 -1.25 -9.10
C HIS A 68 -9.73 -2.52 -8.39
N ALA A 69 -8.50 -2.88 -8.58
CA ALA A 69 -7.94 -4.10 -7.93
C ALA A 69 -6.41 -4.07 -8.02
N LEU A 70 -5.72 -4.68 -7.08
CA LEU A 70 -4.24 -4.69 -7.11
C LEU A 70 -3.75 -6.04 -7.63
N TRP A 71 -2.99 -6.08 -8.70
CA TRP A 71 -2.49 -7.39 -9.18
C TRP A 71 -1.22 -7.69 -8.38
N TRP A 72 -1.19 -8.84 -7.75
CA TRP A 72 -0.02 -9.24 -6.91
C TRP A 72 1.00 -9.98 -7.79
N GLU A 73 2.01 -9.32 -8.25
CA GLU A 73 3.02 -9.97 -9.13
C GLU A 73 3.61 -11.22 -8.45
N LYS A 74 3.69 -11.24 -7.14
CA LYS A 74 4.29 -12.42 -6.46
C LYS A 74 3.49 -13.71 -6.75
N LYS A 75 2.20 -13.71 -6.49
CA LYS A 75 1.37 -14.94 -6.74
C LYS A 75 0.39 -14.67 -7.86
N ARG A 76 0.42 -13.50 -8.41
CA ARG A 76 -0.53 -13.17 -9.51
C ARG A 76 -1.95 -13.36 -8.99
N THR A 77 -2.35 -12.55 -8.05
CA THR A 77 -3.71 -12.68 -7.47
C THR A 77 -4.23 -11.29 -7.10
N TRP A 78 -5.49 -11.06 -7.26
CA TRP A 78 -6.05 -9.73 -6.92
C TRP A 78 -6.30 -9.66 -5.40
N LEU A 79 -6.17 -8.49 -4.86
CA LEU A 79 -6.40 -8.27 -3.39
C LEU A 79 -7.73 -7.54 -3.23
N LEU A 80 -8.78 -8.25 -2.95
CA LEU A 80 -10.12 -7.61 -2.84
C LEU A 80 -10.53 -7.37 -1.38
N LYS A 81 -10.67 -8.41 -0.60
CA LYS A 81 -11.12 -8.24 0.79
C LYS A 81 -10.14 -7.47 1.68
N THR A 82 -10.65 -6.76 2.63
CA THR A 82 -9.78 -6.03 3.58
C THR A 82 -9.27 -7.00 4.65
N HIS A 83 -10.14 -7.90 5.05
CA HIS A 83 -9.79 -8.90 6.10
C HIS A 83 -8.39 -9.49 5.89
N TRP A 84 -7.84 -9.34 4.72
CA TRP A 84 -6.47 -9.92 4.44
C TRP A 84 -5.46 -8.78 4.24
N THR A 85 -5.23 -8.03 5.27
CA THR A 85 -4.26 -6.91 5.19
C THR A 85 -2.98 -7.43 4.54
N LEU A 86 -2.06 -6.57 4.24
CA LEU A 86 -0.81 -7.06 3.61
C LEU A 86 -0.10 -7.92 4.62
N ASP A 87 0.03 -7.43 5.81
CA ASP A 87 0.70 -8.23 6.83
C ASP A 87 -0.07 -9.54 6.97
N LYS A 88 -1.36 -9.49 6.82
CA LYS A 88 -2.15 -10.75 6.93
C LYS A 88 -1.55 -11.75 5.96
N TYR A 89 -1.28 -11.30 4.79
CA TYR A 89 -0.67 -12.19 3.77
C TYR A 89 0.78 -12.47 4.21
N GLY A 90 1.31 -11.60 5.03
CA GLY A 90 2.71 -11.77 5.49
C GLY A 90 3.59 -10.97 4.55
N ILE A 91 3.10 -9.83 4.16
CA ILE A 91 3.84 -8.97 3.20
C ILE A 91 4.68 -7.93 3.96
N GLN A 92 5.78 -7.54 3.38
CA GLN A 92 6.69 -6.52 4.01
C GLN A 92 6.93 -5.42 2.98
N ALA A 93 7.98 -4.67 3.14
CA ALA A 93 8.28 -3.58 2.18
C ALA A 93 8.97 -4.19 0.94
N ASP A 94 9.26 -5.45 0.98
CA ASP A 94 9.93 -6.11 -0.19
C ASP A 94 8.86 -6.60 -1.14
N ALA A 95 7.66 -6.21 -0.88
CA ALA A 95 6.51 -6.63 -1.74
C ALA A 95 6.16 -5.52 -2.72
N LYS A 96 6.28 -5.77 -3.99
CA LYS A 96 5.95 -4.74 -5.02
C LYS A 96 4.53 -5.02 -5.51
N LEU A 97 3.58 -4.22 -5.13
CA LEU A 97 2.19 -4.46 -5.56
C LEU A 97 1.97 -3.89 -6.95
N GLN A 98 0.81 -4.15 -7.47
CA GLN A 98 0.42 -3.65 -8.80
C GLN A 98 -0.99 -3.13 -8.68
N PHE A 99 -1.47 -2.51 -9.69
CA PHE A 99 -2.84 -1.96 -9.72
C PHE A 99 -3.48 -2.50 -10.97
N THR A 100 -4.74 -2.69 -10.92
CA THR A 100 -5.42 -3.23 -12.12
C THR A 100 -6.95 -3.06 -11.96
N PRO A 101 -7.67 -2.91 -13.04
CA PRO A 101 -9.15 -2.74 -12.97
C PRO A 101 -9.86 -4.06 -12.65
N MET A 8 18.23 16.91 19.23
CA MET A 8 18.40 16.56 20.66
C MET A 8 17.26 15.65 21.10
N ALA A 9 17.04 15.54 22.38
CA ALA A 9 15.93 14.67 22.87
C ALA A 9 15.84 14.78 24.39
N LEU A 10 14.95 15.59 24.88
CA LEU A 10 14.81 15.75 26.35
C LEU A 10 14.40 14.42 26.97
N ASP A 11 13.16 14.05 26.80
CA ASP A 11 12.65 12.76 27.37
C ASP A 11 11.82 12.04 26.31
N GLY A 12 11.62 12.64 25.17
CA GLY A 12 10.82 11.98 24.10
C GLY A 12 11.26 10.52 23.95
N ILE A 13 12.48 10.23 24.29
CA ILE A 13 12.99 8.83 24.17
C ILE A 13 11.98 7.85 24.76
N ARG A 14 10.99 8.36 25.45
CA ARG A 14 9.95 7.51 26.07
C ARG A 14 9.56 6.40 25.10
N MET A 15 9.14 6.78 23.94
CA MET A 15 8.75 5.79 22.93
C MET A 15 8.45 6.47 21.56
N PRO A 16 7.36 7.17 21.30
CA PRO A 16 7.16 7.76 19.95
C PRO A 16 8.44 8.42 19.40
N ASP A 17 9.38 8.71 20.26
CA ASP A 17 10.66 9.33 19.79
C ASP A 17 11.79 8.29 19.98
N GLY A 18 11.55 7.30 20.79
CA GLY A 18 12.59 6.24 21.04
C GLY A 18 12.01 4.87 20.65
N CYS A 19 10.71 4.79 20.52
CA CYS A 19 10.07 3.50 20.15
C CYS A 19 10.13 3.31 18.64
N TYR A 20 9.30 4.01 17.91
CA TYR A 20 9.29 3.88 16.42
C TYR A 20 10.11 5.03 15.81
N ALA A 21 11.14 4.70 15.06
CA ALA A 21 11.97 5.76 14.43
C ALA A 21 11.39 6.07 13.04
N ASP A 22 11.08 5.05 12.31
CA ASP A 22 10.50 5.23 10.95
C ASP A 22 9.68 3.97 10.65
N GLY A 23 10.35 2.88 10.47
CA GLY A 23 9.65 1.59 10.18
C GLY A 23 8.68 1.79 9.02
N THR A 24 8.65 2.95 8.44
CA THR A 24 7.71 3.20 7.31
C THR A 24 8.35 2.79 5.99
N TRP A 25 7.65 2.97 4.92
CA TRP A 25 8.22 2.60 3.59
C TRP A 25 7.23 2.98 2.47
N GLU A 26 7.48 2.53 1.25
CA GLU A 26 6.58 2.85 0.12
C GLU A 26 6.19 1.55 -0.56
N LEU A 27 5.44 1.67 -1.59
CA LEU A 27 4.94 0.48 -2.35
C LEU A 27 4.93 0.79 -3.84
N SER A 28 5.04 -0.22 -4.65
CA SER A 28 5.03 -0.05 -6.12
C SER A 28 3.87 -0.84 -6.72
N VAL A 29 3.11 -0.20 -7.55
CA VAL A 29 1.96 -0.86 -8.23
C VAL A 29 2.24 -0.97 -9.72
N HIS A 30 1.55 -1.87 -10.33
CA HIS A 30 1.69 -2.18 -11.78
C HIS A 30 0.29 -2.41 -12.40
N VAL A 31 -0.03 -1.71 -13.44
CA VAL A 31 -1.37 -1.91 -14.07
C VAL A 31 -1.29 -2.96 -15.18
N THR A 32 -1.80 -4.14 -14.91
CA THR A 32 -1.80 -5.22 -15.92
C THR A 32 -3.01 -5.03 -16.82
N ASP A 33 -3.00 -5.60 -18.00
CA ASP A 33 -4.16 -5.42 -18.93
C ASP A 33 -4.18 -3.98 -19.43
N VAL A 34 -3.41 -3.11 -18.81
CA VAL A 34 -3.34 -1.68 -19.25
C VAL A 34 -1.88 -1.36 -19.57
N ASN A 35 -0.98 -2.04 -18.91
CA ASN A 35 0.48 -1.88 -19.16
C ASN A 35 1.05 -0.57 -18.60
N ARG A 36 0.36 0.06 -17.71
CA ARG A 36 0.89 1.31 -17.08
C ARG A 36 1.42 0.93 -15.70
N ASP A 37 1.88 1.87 -14.93
CA ASP A 37 2.38 1.53 -13.58
C ASP A 37 2.27 2.76 -12.70
N VAL A 38 1.94 2.55 -11.46
CA VAL A 38 1.79 3.66 -10.51
C VAL A 38 2.33 3.14 -9.19
N THR A 39 2.69 3.97 -8.25
CA THR A 39 3.23 3.45 -6.96
C THR A 39 2.50 4.11 -5.80
N LEU A 40 2.36 3.39 -4.72
CA LEU A 40 1.67 3.94 -3.53
C LEU A 40 2.69 4.38 -2.51
N ARG A 41 2.41 5.45 -1.87
CA ARG A 41 3.30 5.95 -0.78
C ARG A 41 2.56 5.62 0.51
N VAL A 42 2.86 4.52 1.14
CA VAL A 42 2.09 4.14 2.36
C VAL A 42 2.89 3.27 3.32
N THR A 43 2.22 2.75 4.32
CA THR A 43 2.88 1.87 5.33
C THR A 43 1.95 0.71 5.66
N GLY A 44 2.43 -0.19 6.48
CA GLY A 44 1.63 -1.38 6.89
C GLY A 44 0.27 -0.97 7.45
N GLU A 45 -0.08 0.29 7.35
CA GLU A 45 -1.37 0.78 7.92
C GLU A 45 -2.45 1.03 6.85
N VAL A 46 -2.07 1.16 5.61
CA VAL A 46 -3.12 1.46 4.58
C VAL A 46 -4.02 0.26 4.35
N HIS A 47 -5.30 0.45 4.37
CA HIS A 47 -6.23 -0.68 4.15
C HIS A 47 -6.09 -1.12 2.69
N ILE A 48 -6.22 -2.40 2.42
CA ILE A 48 -6.14 -2.82 1.00
C ILE A 48 -7.21 -2.03 0.27
N GLY A 49 -8.40 -2.07 0.81
CA GLY A 49 -9.49 -1.29 0.22
C GLY A 49 -9.10 0.19 0.27
N GLY A 50 -7.96 0.49 0.85
CA GLY A 50 -7.48 1.90 0.94
C GLY A 50 -6.30 2.04 0.01
N VAL A 51 -5.59 0.97 -0.18
CA VAL A 51 -4.43 0.99 -1.10
C VAL A 51 -4.96 1.44 -2.47
N MET A 52 -6.14 1.00 -2.81
CA MET A 52 -6.75 1.42 -4.10
C MET A 52 -7.13 2.90 -4.00
N LEU A 53 -7.75 3.28 -2.92
CA LEU A 53 -8.14 4.72 -2.77
C LEU A 53 -6.88 5.55 -2.77
N LYS A 54 -5.99 5.28 -1.85
CA LYS A 54 -4.73 6.05 -1.82
C LYS A 54 -4.15 6.12 -3.23
N LEU A 55 -4.43 5.11 -4.02
CA LEU A 55 -3.94 5.09 -5.42
C LEU A 55 -4.94 5.86 -6.29
N VAL A 56 -6.19 5.48 -6.26
CA VAL A 56 -7.18 6.21 -7.09
C VAL A 56 -7.12 7.67 -6.69
N GLU A 57 -6.98 7.91 -5.41
CA GLU A 57 -6.87 9.31 -4.94
C GLU A 57 -5.62 9.93 -5.57
N LYS A 58 -4.53 9.22 -5.59
CA LYS A 58 -3.30 9.77 -6.21
C LYS A 58 -3.64 10.15 -7.65
N LEU A 59 -4.10 9.21 -8.44
CA LEU A 59 -4.46 9.55 -9.84
C LEU A 59 -5.45 10.71 -9.84
N ASP A 60 -5.99 11.06 -10.99
CA ASP A 60 -6.97 12.19 -11.06
C ASP A 60 -8.36 11.63 -11.45
N VAL A 61 -8.44 10.94 -12.55
CA VAL A 61 -9.75 10.38 -12.97
C VAL A 61 -10.37 9.59 -11.82
N LYS A 62 -11.67 9.63 -11.70
CA LYS A 62 -12.34 8.88 -10.59
C LYS A 62 -12.42 7.40 -10.97
N LYS A 63 -11.36 6.65 -10.75
CA LYS A 63 -11.40 5.20 -11.09
C LYS A 63 -12.13 4.45 -9.98
N ASP A 64 -12.63 3.29 -10.29
CA ASP A 64 -13.39 2.50 -9.28
C ASP A 64 -12.45 2.08 -8.14
N TRP A 65 -13.00 1.87 -6.98
CA TRP A 65 -12.17 1.46 -5.81
C TRP A 65 -12.20 -0.07 -5.63
N SER A 66 -13.24 -0.59 -5.06
CA SER A 66 -13.32 -2.07 -4.84
C SER A 66 -13.45 -2.81 -6.16
N ASP A 67 -14.28 -2.33 -7.05
CA ASP A 67 -14.45 -3.04 -8.36
C ASP A 67 -13.08 -3.40 -8.94
N HIS A 68 -12.12 -2.53 -8.80
CA HIS A 68 -10.76 -2.83 -9.32
C HIS A 68 -10.03 -3.73 -8.34
N ALA A 69 -8.82 -4.12 -8.65
CA ALA A 69 -8.09 -5.01 -7.72
C ALA A 69 -6.58 -4.93 -7.97
N LEU A 70 -5.79 -5.30 -7.01
CA LEU A 70 -4.32 -5.27 -7.17
C LEU A 70 -3.79 -6.69 -7.37
N TRP A 71 -3.20 -7.00 -8.49
CA TRP A 71 -2.65 -8.38 -8.64
C TRP A 71 -1.25 -8.37 -8.01
N TRP A 72 -0.97 -9.29 -7.12
CA TRP A 72 0.38 -9.32 -6.45
C TRP A 72 1.10 -10.63 -6.80
N GLU A 73 2.17 -10.53 -7.54
CA GLU A 73 2.95 -11.71 -7.97
C GLU A 73 3.29 -12.67 -6.82
N LYS A 74 3.22 -12.24 -5.58
CA LYS A 74 3.58 -13.17 -4.47
C LYS A 74 3.02 -14.58 -4.69
N LYS A 75 1.74 -14.70 -4.93
CA LYS A 75 1.11 -16.05 -5.18
C LYS A 75 0.19 -15.93 -6.37
N ARG A 76 0.29 -14.85 -7.08
CA ARG A 76 -0.60 -14.64 -8.26
C ARG A 76 -2.04 -14.58 -7.76
N THR A 77 -2.35 -13.59 -6.98
CA THR A 77 -3.73 -13.48 -6.41
C THR A 77 -4.16 -12.01 -6.43
N TRP A 78 -5.22 -11.70 -5.73
CA TRP A 78 -5.73 -10.30 -5.69
C TRP A 78 -5.90 -9.87 -4.23
N LEU A 79 -5.84 -8.59 -3.98
CA LEU A 79 -6.02 -8.06 -2.59
C LEU A 79 -7.38 -7.36 -2.53
N LEU A 80 -8.38 -8.04 -2.04
CA LEU A 80 -9.75 -7.44 -1.99
C LEU A 80 -10.08 -6.86 -0.61
N LYS A 81 -10.19 -7.69 0.40
CA LYS A 81 -10.58 -7.20 1.74
C LYS A 81 -9.54 -6.27 2.39
N THR A 82 -10.00 -5.37 3.18
CA THR A 82 -9.07 -4.46 3.91
C THR A 82 -8.54 -5.19 5.14
N HIS A 83 -9.35 -6.08 5.68
CA HIS A 83 -8.98 -6.85 6.90
C HIS A 83 -7.56 -7.41 6.79
N TRP A 84 -7.03 -7.49 5.60
CA TRP A 84 -5.64 -8.05 5.41
C TRP A 84 -4.72 -6.93 4.91
N THR A 85 -4.48 -5.97 5.74
CA THR A 85 -3.59 -4.85 5.38
C THR A 85 -2.32 -5.41 4.74
N LEU A 86 -1.57 -4.59 4.06
CA LEU A 86 -0.31 -5.10 3.45
C LEU A 86 0.48 -5.82 4.54
N ASP A 87 0.69 -5.15 5.63
CA ASP A 87 1.46 -5.77 6.74
C ASP A 87 0.79 -7.09 7.12
N LYS A 88 -0.52 -7.13 7.24
CA LYS A 88 -1.19 -8.42 7.59
C LYS A 88 -0.63 -9.51 6.70
N TYR A 89 -0.49 -9.22 5.44
CA TYR A 89 0.05 -10.22 4.49
C TYR A 89 1.56 -10.35 4.74
N GLY A 90 2.14 -9.40 5.42
CA GLY A 90 3.61 -9.45 5.69
C GLY A 90 4.30 -8.81 4.51
N ILE A 91 3.71 -7.79 3.97
CA ILE A 91 4.27 -7.09 2.79
C ILE A 91 5.18 -5.93 3.25
N GLN A 92 6.22 -5.68 2.50
CA GLN A 92 7.16 -4.56 2.82
C GLN A 92 7.42 -3.76 1.54
N ALA A 93 8.50 -3.04 1.49
CA ALA A 93 8.80 -2.25 0.27
C ALA A 93 9.37 -3.20 -0.79
N ASP A 94 9.61 -4.43 -0.41
CA ASP A 94 10.14 -5.42 -1.39
C ASP A 94 8.96 -6.05 -2.11
N ALA A 95 7.81 -5.50 -1.87
CA ALA A 95 6.56 -6.03 -2.50
C ALA A 95 6.21 -5.18 -3.72
N LYS A 96 6.27 -5.76 -4.89
CA LYS A 96 5.92 -5.01 -6.13
C LYS A 96 4.46 -5.33 -6.45
N LEU A 97 3.56 -4.44 -6.15
CA LEU A 97 2.13 -4.72 -6.42
C LEU A 97 1.80 -4.46 -7.86
N GLN A 98 0.61 -4.82 -8.21
CA GLN A 98 0.09 -4.60 -9.56
C GLN A 98 -1.33 -4.08 -9.39
N PHE A 99 -1.92 -3.66 -10.44
CA PHE A 99 -3.31 -3.16 -10.42
C PHE A 99 -4.05 -3.96 -11.45
N THR A 100 -5.29 -4.16 -11.26
CA THR A 100 -6.05 -4.95 -12.25
C THR A 100 -7.57 -4.79 -12.02
N PRO A 101 -8.37 -4.83 -13.06
CA PRO A 101 -9.85 -4.67 -12.92
C PRO A 101 -10.50 -5.86 -12.19
N MET A 8 15.46 13.23 31.92
CA MET A 8 15.73 12.29 30.79
C MET A 8 16.45 13.03 29.67
N ALA A 9 16.44 12.49 28.48
CA ALA A 9 17.13 13.15 27.35
C ALA A 9 16.69 12.47 26.07
N LEU A 10 17.50 11.61 25.57
CA LEU A 10 17.17 10.88 24.33
C LEU A 10 15.96 9.97 24.59
N ASP A 11 16.21 8.71 24.83
CA ASP A 11 15.12 7.74 25.10
C ASP A 11 14.10 7.79 23.96
N GLY A 12 14.34 8.60 22.97
CA GLY A 12 13.39 8.67 21.82
C GLY A 12 13.17 7.26 21.29
N ILE A 13 14.08 6.38 21.57
CA ILE A 13 13.96 4.96 21.11
C ILE A 13 12.55 4.46 21.39
N ARG A 14 11.85 5.12 22.26
CA ARG A 14 10.46 4.68 22.58
C ARG A 14 9.57 4.88 21.36
N MET A 15 9.66 6.03 20.77
CA MET A 15 8.83 6.35 19.58
C MET A 15 9.76 6.61 18.39
N PRO A 16 9.26 6.94 17.23
CA PRO A 16 10.11 7.21 16.04
C PRO A 16 11.13 8.31 16.33
N ASP A 17 11.22 8.72 17.56
CA ASP A 17 12.22 9.77 17.93
C ASP A 17 13.55 9.07 18.15
N GLY A 18 13.64 7.88 17.63
CA GLY A 18 14.88 7.06 17.78
C GLY A 18 14.51 5.60 17.57
N CYS A 19 13.25 5.30 17.73
CA CYS A 19 12.77 3.90 17.55
C CYS A 19 13.03 3.46 16.11
N TYR A 20 12.95 4.36 15.18
CA TYR A 20 13.18 4.01 13.74
C TYR A 20 13.71 5.23 12.99
N ALA A 21 13.43 5.32 11.71
CA ALA A 21 13.90 6.49 10.90
C ALA A 21 12.70 7.34 10.48
N ASP A 22 12.30 7.27 9.25
CA ASP A 22 11.14 8.08 8.78
C ASP A 22 9.85 7.50 9.38
N GLY A 23 9.95 6.36 10.02
CA GLY A 23 8.75 5.75 10.64
C GLY A 23 7.65 5.62 9.60
N THR A 24 7.95 5.87 8.35
CA THR A 24 6.91 5.77 7.29
C THR A 24 7.56 5.38 5.96
N TRP A 25 6.77 5.15 4.94
CA TRP A 25 7.38 4.78 3.63
C TRP A 25 6.36 4.95 2.49
N GLU A 26 6.66 4.42 1.32
CA GLU A 26 5.74 4.53 0.17
C GLU A 26 5.52 3.14 -0.39
N LEU A 27 4.76 3.07 -1.43
CA LEU A 27 4.41 1.78 -2.08
C LEU A 27 4.40 1.96 -3.59
N SER A 28 4.62 0.90 -4.32
CA SER A 28 4.61 0.97 -5.81
C SER A 28 3.54 0.02 -6.37
N VAL A 29 2.74 0.54 -7.26
CA VAL A 29 1.67 -0.26 -7.90
C VAL A 29 1.98 -0.41 -9.38
N HIS A 30 1.40 -1.40 -9.95
CA HIS A 30 1.60 -1.75 -11.40
C HIS A 30 0.27 -2.17 -12.02
N VAL A 31 -0.14 -1.54 -13.08
CA VAL A 31 -1.41 -1.95 -13.73
C VAL A 31 -1.11 -3.02 -14.78
N THR A 32 -1.61 -4.22 -14.59
CA THR A 32 -1.34 -5.32 -15.55
C THR A 32 -2.31 -5.30 -16.73
N ASP A 33 -3.58 -5.47 -16.48
CA ASP A 33 -4.57 -5.49 -17.61
C ASP A 33 -4.60 -4.14 -18.33
N VAL A 34 -3.62 -3.29 -18.11
CA VAL A 34 -3.60 -1.96 -18.80
C VAL A 34 -2.17 -1.63 -19.23
N ASN A 35 -1.19 -2.17 -18.54
CA ASN A 35 0.24 -1.97 -18.91
C ASN A 35 0.78 -0.61 -18.45
N ARG A 36 0.12 0.03 -17.53
CA ARG A 36 0.62 1.35 -17.00
C ARG A 36 1.09 1.08 -15.57
N ASP A 37 1.52 2.09 -14.87
CA ASP A 37 1.97 1.85 -13.47
C ASP A 37 1.71 3.11 -12.65
N VAL A 38 1.39 2.93 -11.41
CA VAL A 38 1.12 4.07 -10.52
C VAL A 38 1.65 3.67 -9.15
N THR A 39 1.92 4.58 -8.26
CA THR A 39 2.47 4.20 -6.94
C THR A 39 1.68 4.85 -5.83
N LEU A 40 1.58 4.19 -4.70
CA LEU A 40 0.81 4.75 -3.56
C LEU A 40 1.77 5.38 -2.57
N ARG A 41 1.38 6.46 -2.02
CA ARG A 41 2.20 7.12 -0.98
C ARG A 41 1.47 6.84 0.34
N VAL A 42 1.86 5.81 1.05
CA VAL A 42 1.12 5.47 2.30
C VAL A 42 2.01 4.76 3.31
N THR A 43 1.40 4.25 4.35
CA THR A 43 2.16 3.53 5.40
C THR A 43 1.40 2.28 5.81
N GLY A 44 1.96 1.51 6.69
CA GLY A 44 1.31 0.25 7.16
C GLY A 44 -0.09 0.54 7.72
N GLU A 45 -0.58 1.74 7.53
CA GLU A 45 -1.92 2.11 8.09
C GLU A 45 -3.01 2.18 7.01
N VAL A 46 -2.66 2.23 5.76
CA VAL A 46 -3.72 2.35 4.71
C VAL A 46 -4.49 1.04 4.55
N HIS A 47 -5.77 1.12 4.45
CA HIS A 47 -6.58 -0.12 4.28
C HIS A 47 -6.33 -0.66 2.89
N ILE A 48 -6.31 -1.95 2.72
CA ILE A 48 -6.12 -2.49 1.34
C ILE A 48 -7.23 -1.90 0.51
N GLY A 49 -8.43 -2.02 0.98
CA GLY A 49 -9.58 -1.42 0.27
C GLY A 49 -9.38 0.09 0.28
N GLY A 50 -8.31 0.55 0.91
CA GLY A 50 -8.02 2.00 0.95
C GLY A 50 -6.85 2.28 0.03
N VAL A 51 -6.02 1.28 -0.14
CA VAL A 51 -4.88 1.43 -1.05
C VAL A 51 -5.46 1.71 -2.45
N MET A 52 -6.55 1.05 -2.77
CA MET A 52 -7.18 1.30 -4.09
C MET A 52 -7.75 2.72 -4.10
N LEU A 53 -8.43 3.11 -3.07
CA LEU A 53 -8.99 4.49 -3.05
C LEU A 53 -7.85 5.48 -3.07
N LYS A 54 -6.96 5.40 -2.13
CA LYS A 54 -5.82 6.33 -2.12
C LYS A 54 -5.20 6.34 -3.51
N LEU A 55 -5.34 5.26 -4.22
CA LEU A 55 -4.81 5.17 -5.59
C LEU A 55 -5.84 5.71 -6.58
N VAL A 56 -7.04 5.19 -6.55
CA VAL A 56 -8.07 5.70 -7.48
C VAL A 56 -8.21 7.19 -7.22
N GLU A 57 -8.12 7.57 -5.97
CA GLU A 57 -8.20 9.00 -5.64
C GLU A 57 -7.01 9.72 -6.28
N LYS A 58 -5.86 9.10 -6.28
CA LYS A 58 -4.67 9.75 -6.88
C LYS A 58 -4.93 10.03 -8.37
N LEU A 59 -5.26 9.03 -9.15
CA LEU A 59 -5.53 9.34 -10.60
C LEU A 59 -6.77 10.22 -10.71
N ASP A 60 -7.91 9.64 -11.01
CA ASP A 60 -9.16 10.44 -11.14
C ASP A 60 -10.36 9.59 -10.73
N VAL A 61 -11.51 10.20 -10.64
CA VAL A 61 -12.74 9.43 -10.25
C VAL A 61 -13.41 8.84 -11.49
N LYS A 62 -13.25 7.57 -11.71
CA LYS A 62 -13.88 6.92 -12.89
C LYS A 62 -13.68 5.41 -12.82
N LYS A 63 -12.56 4.98 -12.29
CA LYS A 63 -12.29 3.52 -12.18
C LYS A 63 -13.07 2.96 -10.99
N ASP A 64 -13.15 1.67 -10.90
CA ASP A 64 -13.89 1.03 -9.78
C ASP A 64 -13.00 0.91 -8.55
N TRP A 65 -13.58 0.90 -7.39
CA TRP A 65 -12.79 0.79 -6.13
C TRP A 65 -12.60 -0.69 -5.75
N SER A 66 -13.62 -1.29 -5.21
CA SER A 66 -13.51 -2.73 -4.79
C SER A 66 -13.49 -3.65 -6.01
N ASP A 67 -14.39 -3.47 -6.94
CA ASP A 67 -14.41 -4.36 -8.14
C ASP A 67 -12.98 -4.54 -8.68
N HIS A 68 -12.14 -3.56 -8.50
CA HIS A 68 -10.74 -3.68 -8.99
C HIS A 68 -9.94 -4.47 -7.98
N ALA A 69 -8.69 -4.71 -8.26
CA ALA A 69 -7.87 -5.52 -7.29
C ALA A 69 -6.38 -5.27 -7.53
N LEU A 70 -5.58 -5.53 -6.52
CA LEU A 70 -4.11 -5.32 -6.65
C LEU A 70 -3.41 -6.67 -6.83
N TRP A 71 -2.76 -6.90 -7.94
CA TRP A 71 -2.04 -8.20 -8.09
C TRP A 71 -0.66 -8.02 -7.44
N TRP A 72 -0.39 -8.70 -6.37
CA TRP A 72 0.93 -8.54 -5.69
C TRP A 72 1.96 -9.52 -6.29
N GLU A 73 3.14 -9.04 -6.55
CA GLU A 73 4.18 -9.88 -7.19
C GLU A 73 4.69 -10.99 -6.26
N LYS A 74 4.44 -10.91 -4.99
CA LYS A 74 4.96 -11.97 -4.08
C LYS A 74 4.52 -13.36 -4.58
N LYS A 75 3.26 -13.56 -4.82
CA LYS A 75 2.78 -14.90 -5.29
C LYS A 75 1.71 -14.71 -6.37
N ARG A 76 1.56 -13.49 -6.82
CA ARG A 76 0.56 -13.18 -7.89
C ARG A 76 -0.84 -13.58 -7.42
N THR A 77 -1.32 -12.92 -6.41
CA THR A 77 -2.68 -13.20 -5.86
C THR A 77 -3.41 -11.86 -5.82
N TRP A 78 -4.47 -11.73 -5.06
CA TRP A 78 -5.21 -10.44 -5.01
C TRP A 78 -5.39 -10.01 -3.54
N LEU A 79 -5.47 -8.73 -3.32
CA LEU A 79 -5.68 -8.18 -1.94
C LEU A 79 -7.14 -7.71 -1.87
N LEU A 80 -7.95 -8.35 -1.06
CA LEU A 80 -9.40 -7.98 -1.00
C LEU A 80 -9.76 -7.24 0.31
N LYS A 81 -9.79 -7.93 1.41
CA LYS A 81 -10.21 -7.29 2.68
C LYS A 81 -9.34 -6.07 3.06
N THR A 82 -9.95 -5.12 3.69
CA THR A 82 -9.24 -3.89 4.12
C THR A 82 -8.44 -4.17 5.40
N HIS A 83 -9.11 -4.71 6.39
CA HIS A 83 -8.48 -5.00 7.69
C HIS A 83 -7.03 -5.46 7.51
N TRP A 84 -6.80 -6.47 6.72
CA TRP A 84 -5.41 -6.98 6.52
C TRP A 84 -4.54 -5.91 5.88
N THR A 85 -4.33 -4.86 6.59
CA THR A 85 -3.49 -3.74 6.12
C THR A 85 -2.17 -4.32 5.59
N LEU A 86 -1.52 -3.60 4.75
CA LEU A 86 -0.21 -4.08 4.22
C LEU A 86 0.64 -4.57 5.40
N ASP A 87 0.72 -3.77 6.41
CA ASP A 87 1.52 -4.16 7.59
C ASP A 87 0.98 -5.48 8.13
N LYS A 88 -0.32 -5.65 8.21
CA LYS A 88 -0.84 -6.94 8.74
C LYS A 88 -0.11 -8.08 8.08
N TYR A 89 0.02 -8.01 6.79
CA TYR A 89 0.74 -9.11 6.08
C TYR A 89 2.24 -8.97 6.36
N GLY A 90 2.66 -7.83 6.86
CA GLY A 90 4.12 -7.64 7.12
C GLY A 90 4.75 -7.08 5.87
N ILE A 91 4.02 -6.30 5.15
CA ILE A 91 4.54 -5.71 3.88
C ILE A 91 5.27 -4.40 4.19
N GLN A 92 6.34 -4.14 3.48
CA GLN A 92 7.11 -2.88 3.70
C GLN A 92 7.26 -2.14 2.37
N ALA A 93 8.22 -1.26 2.27
CA ALA A 93 8.42 -0.51 1.01
C ALA A 93 9.10 -1.43 0.00
N ASP A 94 9.48 -2.60 0.42
CA ASP A 94 10.15 -3.56 -0.50
C ASP A 94 9.08 -4.38 -1.19
N ALA A 95 7.86 -4.00 -0.97
CA ALA A 95 6.72 -4.74 -1.60
C ALA A 95 6.27 -4.00 -2.86
N LYS A 96 6.43 -4.62 -4.01
CA LYS A 96 6.01 -3.97 -5.28
C LYS A 96 4.60 -4.46 -5.62
N LEU A 97 3.62 -3.61 -5.56
CA LEU A 97 2.23 -4.05 -5.85
C LEU A 97 1.91 -3.87 -7.33
N GLN A 98 0.77 -4.36 -7.71
CA GLN A 98 0.28 -4.25 -9.08
C GLN A 98 -1.20 -3.89 -8.95
N PHE A 99 -1.83 -3.58 -10.03
CA PHE A 99 -3.26 -3.24 -10.03
C PHE A 99 -3.90 -4.15 -11.03
N THR A 100 -5.11 -4.48 -10.82
CA THR A 100 -5.78 -5.40 -11.79
C THR A 100 -7.30 -5.37 -11.57
N PRO A 101 -8.08 -5.58 -12.61
CA PRO A 101 -9.57 -5.58 -12.50
C PRO A 101 -10.08 -6.80 -11.72
N MET A 8 22.21 7.89 23.49
CA MET A 8 20.90 7.31 23.86
C MET A 8 19.81 8.38 23.78
N ALA A 9 18.70 8.17 24.44
CA ALA A 9 17.59 9.16 24.40
C ALA A 9 16.87 9.04 23.07
N LEU A 10 16.97 7.89 22.46
CA LEU A 10 16.30 7.62 21.17
C LEU A 10 16.20 8.90 20.32
N ASP A 11 15.06 9.53 20.35
CA ASP A 11 14.87 10.77 19.56
C ASP A 11 13.41 11.20 19.69
N GLY A 12 12.54 10.54 18.98
CA GLY A 12 11.08 10.88 19.04
C GLY A 12 10.24 9.66 18.64
N ILE A 13 10.88 8.59 18.26
CA ILE A 13 10.16 7.35 17.86
C ILE A 13 8.99 7.08 18.82
N ARG A 14 9.02 7.69 19.97
CA ARG A 14 7.92 7.47 20.95
C ARG A 14 6.72 8.31 20.56
N MET A 15 6.96 9.53 20.20
CA MET A 15 5.86 10.48 19.83
C MET A 15 6.01 10.82 18.35
N PRO A 16 5.03 11.44 17.73
CA PRO A 16 5.14 11.84 16.30
C PRO A 16 6.40 12.68 16.05
N ASP A 17 7.25 12.77 17.04
CA ASP A 17 8.51 13.55 16.86
C ASP A 17 9.57 12.59 16.33
N GLY A 18 9.13 11.45 15.90
CA GLY A 18 10.04 10.42 15.36
C GLY A 18 9.21 9.19 15.03
N CYS A 19 8.14 9.00 15.75
CA CYS A 19 7.25 7.84 15.52
C CYS A 19 6.72 7.87 14.07
N TYR A 20 5.56 8.44 13.86
CA TYR A 20 5.01 8.49 12.48
C TYR A 20 5.83 9.42 11.62
N ALA A 21 6.90 9.92 12.17
CA ALA A 21 7.79 10.84 11.40
C ALA A 21 8.90 10.00 10.77
N ASP A 22 8.92 8.74 11.09
CA ASP A 22 9.98 7.86 10.54
C ASP A 22 9.58 6.42 10.77
N GLY A 23 10.53 5.55 10.82
CA GLY A 23 10.24 4.10 11.04
C GLY A 23 9.18 3.63 10.04
N THR A 24 8.77 4.48 9.14
CA THR A 24 7.74 4.09 8.13
C THR A 24 8.40 3.87 6.77
N TRP A 25 7.62 3.53 5.78
CA TRP A 25 8.19 3.31 4.42
C TRP A 25 7.12 3.63 3.37
N GLU A 26 7.40 3.36 2.10
CA GLU A 26 6.40 3.62 1.03
C GLU A 26 6.18 2.33 0.26
N LEU A 27 5.39 2.41 -0.75
CA LEU A 27 5.07 1.19 -1.55
C LEU A 27 4.85 1.55 -3.02
N SER A 28 5.00 0.58 -3.88
CA SER A 28 4.83 0.79 -5.35
C SER A 28 3.67 -0.04 -5.91
N VAL A 29 2.90 0.60 -6.74
CA VAL A 29 1.75 -0.07 -7.41
C VAL A 29 1.99 -0.07 -8.91
N HIS A 30 1.31 -0.95 -9.56
CA HIS A 30 1.44 -1.15 -11.04
C HIS A 30 0.05 -1.41 -11.66
N VAL A 31 -0.34 -0.62 -12.61
CA VAL A 31 -1.67 -0.85 -13.24
C VAL A 31 -1.54 -1.86 -14.38
N THR A 32 -1.91 -3.09 -14.12
CA THR A 32 -1.83 -4.13 -15.19
C THR A 32 -3.02 -3.96 -16.12
N ASP A 33 -2.98 -4.56 -17.29
CA ASP A 33 -4.11 -4.43 -18.25
C ASP A 33 -4.20 -2.96 -18.73
N VAL A 34 -3.45 -2.09 -18.11
CA VAL A 34 -3.45 -0.64 -18.52
C VAL A 34 -2.01 -0.21 -18.74
N ASN A 35 -1.08 -0.86 -18.07
CA ASN A 35 0.37 -0.57 -18.26
C ASN A 35 0.83 0.74 -17.62
N ARG A 36 0.04 1.29 -16.75
CA ARG A 36 0.47 2.56 -16.06
C ARG A 36 1.02 2.15 -14.70
N ASP A 37 1.39 3.09 -13.88
CA ASP A 37 1.90 2.71 -12.54
C ASP A 37 1.71 3.88 -11.59
N VAL A 38 1.39 3.57 -10.37
CA VAL A 38 1.17 4.59 -9.33
C VAL A 38 1.81 4.01 -8.09
N THR A 39 2.10 4.78 -7.07
CA THR A 39 2.75 4.19 -5.87
C THR A 39 2.06 4.67 -4.62
N LEU A 40 2.02 3.85 -3.62
CA LEU A 40 1.35 4.24 -2.36
C LEU A 40 2.42 4.77 -1.42
N ARG A 41 1.98 5.51 -0.48
CA ARG A 41 2.88 6.02 0.59
C ARG A 41 2.22 5.54 1.88
N VAL A 42 2.64 4.41 2.40
CA VAL A 42 1.96 3.87 3.62
C VAL A 42 2.88 2.96 4.43
N THR A 43 2.31 2.27 5.39
CA THR A 43 3.08 1.34 6.26
C THR A 43 2.32 0.02 6.37
N GLY A 44 2.86 -0.93 7.08
CA GLY A 44 2.17 -2.24 7.23
C GLY A 44 0.84 -2.05 7.97
N GLU A 45 0.37 -0.83 8.07
CA GLU A 45 -0.89 -0.55 8.82
C GLU A 45 -2.06 -0.25 7.87
N VAL A 46 -1.77 0.11 6.65
CA VAL A 46 -2.88 0.45 5.71
C VAL A 46 -3.70 -0.78 5.38
N HIS A 47 -4.98 -0.69 5.53
CA HIS A 47 -5.84 -1.86 5.22
C HIS A 47 -5.79 -2.15 3.74
N ILE A 48 -5.90 -3.38 3.35
CA ILE A 48 -5.90 -3.66 1.89
C ILE A 48 -7.02 -2.82 1.30
N GLY A 49 -8.18 -2.96 1.89
CA GLY A 49 -9.32 -2.14 1.43
C GLY A 49 -8.97 -0.66 1.65
N GLY A 50 -7.80 -0.40 2.17
CA GLY A 50 -7.35 1.00 2.41
C GLY A 50 -6.20 1.28 1.47
N VAL A 51 -5.52 0.24 1.08
CA VAL A 51 -4.39 0.40 0.14
C VAL A 51 -4.96 0.94 -1.17
N MET A 52 -6.09 0.44 -1.56
CA MET A 52 -6.73 0.92 -2.80
C MET A 52 -7.34 2.29 -2.53
N LEU A 53 -8.00 2.47 -1.44
CA LEU A 53 -8.57 3.81 -1.15
C LEU A 53 -7.42 4.77 -0.99
N LYS A 54 -6.51 4.51 -0.10
CA LYS A 54 -5.36 5.42 0.06
C LYS A 54 -4.79 5.73 -1.32
N LEU A 55 -4.96 4.81 -2.23
CA LEU A 55 -4.48 5.03 -3.63
C LEU A 55 -5.58 5.75 -4.41
N VAL A 56 -6.76 5.20 -4.47
CA VAL A 56 -7.85 5.90 -5.21
C VAL A 56 -7.95 7.29 -4.64
N GLU A 57 -7.65 7.43 -3.37
CA GLU A 57 -7.68 8.77 -2.73
C GLU A 57 -6.53 9.60 -3.30
N LYS A 58 -5.39 8.98 -3.53
CA LYS A 58 -4.23 9.74 -4.10
C LYS A 58 -4.62 10.23 -5.51
N LEU A 59 -5.24 9.37 -6.27
CA LEU A 59 -5.71 9.72 -7.65
C LEU A 59 -4.53 9.95 -8.60
N ASP A 60 -4.85 10.16 -9.85
CA ASP A 60 -3.81 10.40 -10.88
C ASP A 60 -4.53 10.77 -12.18
N VAL A 61 -5.62 10.10 -12.47
CA VAL A 61 -6.40 10.40 -13.70
C VAL A 61 -7.85 9.96 -13.47
N LYS A 62 -8.12 8.68 -13.50
CA LYS A 62 -9.52 8.20 -13.27
C LYS A 62 -9.52 6.67 -13.11
N LYS A 63 -9.73 6.20 -11.90
CA LYS A 63 -9.74 4.72 -11.65
C LYS A 63 -10.96 4.37 -10.78
N ASP A 64 -11.50 3.20 -10.97
CA ASP A 64 -12.68 2.79 -10.15
C ASP A 64 -12.22 2.59 -8.70
N TRP A 65 -13.13 2.70 -7.77
CA TRP A 65 -12.75 2.57 -6.33
C TRP A 65 -12.61 1.10 -5.94
N SER A 66 -13.69 0.45 -5.59
CA SER A 66 -13.61 -0.98 -5.17
C SER A 66 -13.63 -1.89 -6.40
N ASP A 67 -14.37 -1.53 -7.41
CA ASP A 67 -14.44 -2.38 -8.62
C ASP A 67 -13.04 -2.84 -9.04
N HIS A 68 -12.03 -2.08 -8.72
CA HIS A 68 -10.65 -2.48 -9.12
C HIS A 68 -10.05 -3.40 -8.07
N ALA A 69 -8.87 -3.89 -8.33
CA ALA A 69 -8.19 -4.81 -7.36
C ALA A 69 -6.68 -4.71 -7.56
N LEU A 70 -5.89 -5.05 -6.55
CA LEU A 70 -4.41 -4.96 -6.71
C LEU A 70 -3.84 -6.34 -7.05
N TRP A 71 -3.18 -6.46 -8.19
CA TRP A 71 -2.58 -7.78 -8.53
C TRP A 71 -1.19 -7.83 -7.87
N TRP A 72 -0.91 -8.86 -7.13
CA TRP A 72 0.42 -8.97 -6.46
C TRP A 72 1.40 -9.64 -7.42
N GLU A 73 2.39 -8.92 -7.89
CA GLU A 73 3.35 -9.53 -8.84
C GLU A 73 4.13 -10.67 -8.18
N LYS A 74 4.14 -10.73 -6.87
CA LYS A 74 4.92 -11.80 -6.21
C LYS A 74 4.14 -13.12 -6.13
N LYS A 75 2.97 -13.10 -5.56
CA LYS A 75 2.16 -14.36 -5.43
C LYS A 75 1.12 -14.41 -6.53
N ARG A 76 1.12 -13.41 -7.37
CA ARG A 76 0.12 -13.37 -8.47
C ARG A 76 -1.27 -13.58 -7.87
N THR A 77 -1.69 -12.71 -7.00
CA THR A 77 -3.01 -12.88 -6.35
C THR A 77 -3.64 -11.50 -6.08
N TRP A 78 -4.93 -11.43 -6.12
CA TRP A 78 -5.60 -10.13 -5.84
C TRP A 78 -5.71 -9.94 -4.33
N LEU A 79 -5.73 -8.71 -3.88
CA LEU A 79 -5.86 -8.42 -2.42
C LEU A 79 -7.28 -7.88 -2.19
N LEU A 80 -8.06 -8.56 -1.38
CA LEU A 80 -9.48 -8.13 -1.16
C LEU A 80 -9.74 -7.64 0.27
N LYS A 81 -9.93 -8.54 1.21
CA LYS A 81 -10.28 -8.14 2.60
C LYS A 81 -9.27 -7.20 3.26
N THR A 82 -9.76 -6.36 4.12
CA THR A 82 -8.87 -5.43 4.86
C THR A 82 -8.26 -6.18 6.05
N HIS A 83 -9.06 -6.98 6.70
CA HIS A 83 -8.59 -7.75 7.90
C HIS A 83 -7.18 -8.30 7.69
N TRP A 84 -6.74 -8.41 6.47
CA TRP A 84 -5.37 -8.95 6.20
C TRP A 84 -4.50 -7.83 5.62
N THR A 85 -4.13 -6.89 6.43
CA THR A 85 -3.26 -5.78 5.97
C THR A 85 -2.11 -6.38 5.16
N LEU A 86 -1.35 -5.58 4.49
CA LEU A 86 -0.25 -6.18 3.72
C LEU A 86 0.76 -6.77 4.67
N ASP A 87 1.05 -6.11 5.74
CA ASP A 87 1.98 -6.71 6.71
C ASP A 87 1.35 -8.00 7.20
N LYS A 88 0.05 -8.00 7.46
CA LYS A 88 -0.62 -9.25 7.92
C LYS A 88 -0.17 -10.38 7.01
N TYR A 89 -0.16 -10.11 5.73
CA TYR A 89 0.28 -11.15 4.77
C TYR A 89 1.78 -11.37 4.98
N GLY A 90 2.49 -10.32 5.30
CA GLY A 90 3.97 -10.45 5.52
C GLY A 90 4.67 -9.65 4.44
N ILE A 91 4.00 -8.63 3.97
CA ILE A 91 4.57 -7.77 2.90
C ILE A 91 5.29 -6.58 3.53
N GLN A 92 6.27 -6.05 2.86
CA GLN A 92 7.02 -4.87 3.38
C GLN A 92 7.09 -3.81 2.28
N ALA A 93 8.03 -2.91 2.37
CA ALA A 93 8.15 -1.87 1.32
C ALA A 93 8.86 -2.46 0.12
N ASP A 94 9.27 -3.70 0.22
CA ASP A 94 9.98 -4.37 -0.90
C ASP A 94 8.97 -5.11 -1.75
N ALA A 95 7.73 -4.88 -1.51
CA ALA A 95 6.67 -5.58 -2.30
C ALA A 95 6.25 -4.71 -3.47
N LYS A 96 6.33 -5.21 -4.67
CA LYS A 96 5.91 -4.41 -5.85
C LYS A 96 4.44 -4.70 -6.08
N LEU A 97 3.56 -3.81 -5.70
CA LEU A 97 2.12 -4.08 -5.91
C LEU A 97 1.71 -3.70 -7.30
N GLN A 98 0.52 -4.06 -7.64
CA GLN A 98 -0.03 -3.76 -8.98
C GLN A 98 -1.48 -3.35 -8.79
N PHE A 99 -2.09 -2.92 -9.82
CA PHE A 99 -3.52 -2.51 -9.79
C PHE A 99 -4.17 -3.32 -10.89
N THR A 100 -5.36 -3.69 -10.73
CA THR A 100 -6.04 -4.49 -11.80
C THR A 100 -7.55 -4.49 -11.56
N PRO A 101 -8.36 -4.51 -12.60
CA PRO A 101 -9.83 -4.52 -12.43
C PRO A 101 -10.29 -5.43 -11.29
N MET A 8 25.74 13.03 13.62
CA MET A 8 24.83 11.86 13.66
C MET A 8 23.53 12.18 12.92
N ALA A 9 22.48 11.46 13.20
CA ALA A 9 21.19 11.73 12.51
C ALA A 9 20.09 11.00 13.27
N LEU A 10 19.70 9.88 12.77
CA LEU A 10 18.64 9.10 13.43
C LEU A 10 19.08 8.71 14.85
N ASP A 11 19.61 7.52 14.99
CA ASP A 11 20.08 7.05 16.33
C ASP A 11 18.93 7.17 17.34
N GLY A 12 17.79 7.61 16.89
CA GLY A 12 16.62 7.75 17.80
C GLY A 12 15.87 6.43 17.83
N ILE A 13 16.28 5.53 16.98
CA ILE A 13 15.64 4.18 16.89
C ILE A 13 15.35 3.66 18.30
N ARG A 14 16.06 4.18 19.26
CA ARG A 14 15.85 3.78 20.66
C ARG A 14 14.37 3.76 20.97
N MET A 15 13.76 4.87 20.71
CA MET A 15 12.31 5.05 20.98
C MET A 15 11.76 5.93 19.85
N PRO A 16 10.54 6.41 19.92
CA PRO A 16 9.99 7.28 18.84
C PRO A 16 10.89 8.48 18.54
N ASP A 17 12.07 8.51 19.11
CA ASP A 17 12.99 9.64 18.82
C ASP A 17 13.54 9.39 17.42
N GLY A 18 13.08 8.33 16.82
CA GLY A 18 13.53 7.94 15.46
C GLY A 18 12.92 6.58 15.12
N CYS A 19 12.54 5.84 16.13
CA CYS A 19 11.92 4.51 15.90
C CYS A 19 10.67 4.67 15.02
N TYR A 20 9.50 4.45 15.58
CA TYR A 20 8.25 4.59 14.78
C TYR A 20 7.76 6.04 14.89
N ALA A 21 6.73 6.38 14.16
CA ALA A 21 6.19 7.77 14.21
C ALA A 21 4.96 7.81 15.12
N ASP A 22 3.81 8.02 14.55
CA ASP A 22 2.56 8.07 15.37
C ASP A 22 2.00 6.66 15.54
N GLY A 23 2.66 5.67 14.99
CA GLY A 23 2.18 4.27 15.11
C GLY A 23 1.54 3.84 13.78
N THR A 24 1.08 4.78 13.02
CA THR A 24 0.44 4.45 11.70
C THR A 24 1.52 4.53 10.62
N TRP A 25 1.15 4.33 9.37
CA TRP A 25 2.19 4.41 8.30
C TRP A 25 1.55 4.69 6.94
N GLU A 26 2.34 4.64 5.88
CA GLU A 26 1.81 4.87 4.53
C GLU A 26 2.15 3.66 3.68
N LEU A 27 1.79 3.74 2.45
CA LEU A 27 2.01 2.61 1.49
C LEU A 27 2.41 3.17 0.13
N SER A 28 3.13 2.40 -0.65
CA SER A 28 3.55 2.83 -2.00
C SER A 28 3.02 1.87 -3.05
N VAL A 29 2.41 2.42 -4.06
CA VAL A 29 1.85 1.60 -5.17
C VAL A 29 2.66 1.88 -6.44
N HIS A 30 2.57 0.95 -7.33
CA HIS A 30 3.31 0.98 -8.63
C HIS A 30 2.40 0.46 -9.76
N VAL A 31 2.21 1.23 -10.79
CA VAL A 31 1.36 0.76 -11.92
C VAL A 31 2.20 0.06 -12.98
N THR A 32 2.17 -1.25 -12.99
CA THR A 32 2.94 -2.01 -14.00
C THR A 32 2.11 -2.08 -15.29
N ASP A 33 2.74 -2.37 -16.40
CA ASP A 33 1.98 -2.42 -17.69
C ASP A 33 1.57 -1.00 -18.08
N VAL A 34 1.71 -0.07 -17.17
CA VAL A 34 1.35 1.36 -17.45
C VAL A 34 2.58 2.21 -17.14
N ASN A 35 3.40 1.76 -16.22
CA ASN A 35 4.67 2.46 -15.88
C ASN A 35 4.46 3.72 -15.03
N ARG A 36 3.31 3.87 -14.44
CA ARG A 36 3.07 5.07 -13.56
C ARG A 36 3.25 4.59 -12.12
N ASP A 37 3.04 5.44 -11.17
CA ASP A 37 3.17 5.01 -9.75
C ASP A 37 2.37 5.96 -8.88
N VAL A 38 1.73 5.42 -7.90
CA VAL A 38 0.90 6.23 -6.98
C VAL A 38 1.11 5.65 -5.60
N THR A 39 0.83 6.35 -4.54
CA THR A 39 1.05 5.78 -3.18
C THR A 39 -0.21 5.94 -2.34
N LEU A 40 -0.44 5.02 -1.44
CA LEU A 40 -1.66 5.07 -0.58
C LEU A 40 -1.30 5.49 0.82
N ARG A 41 -2.07 6.37 1.37
CA ARG A 41 -1.86 6.81 2.77
C ARG A 41 -2.84 6.02 3.66
N VAL A 42 -2.39 4.93 4.23
CA VAL A 42 -3.34 4.11 5.06
C VAL A 42 -2.62 3.33 6.16
N THR A 43 -3.34 2.44 6.79
CA THR A 43 -2.76 1.61 7.88
C THR A 43 -3.24 0.17 7.69
N GLY A 44 -2.81 -0.71 8.53
CA GLY A 44 -3.21 -2.13 8.40
C GLY A 44 -4.73 -2.27 8.56
N GLU A 45 -5.44 -1.17 8.48
CA GLU A 45 -6.91 -1.21 8.68
C GLU A 45 -7.67 -1.03 7.35
N VAL A 46 -7.02 -0.51 6.33
CA VAL A 46 -7.74 -0.30 5.04
C VAL A 46 -7.97 -1.63 4.35
N HIS A 47 -9.14 -1.82 3.82
CA HIS A 47 -9.41 -3.10 3.12
C HIS A 47 -8.66 -3.11 1.80
N ILE A 48 -8.23 -4.25 1.35
CA ILE A 48 -7.53 -4.30 0.04
C ILE A 48 -8.48 -3.68 -0.96
N GLY A 49 -9.67 -4.20 -1.03
CA GLY A 49 -10.67 -3.62 -1.95
C GLY A 49 -10.88 -2.16 -1.55
N GLY A 50 -10.24 -1.74 -0.47
CA GLY A 50 -10.38 -0.32 -0.04
C GLY A 50 -9.13 0.41 -0.44
N VAL A 51 -8.04 -0.29 -0.49
CA VAL A 51 -6.77 0.33 -0.93
C VAL A 51 -6.99 0.85 -2.35
N MET A 52 -7.69 0.08 -3.15
CA MET A 52 -7.96 0.54 -4.54
C MET A 52 -8.82 1.80 -4.48
N LEU A 53 -9.80 1.83 -3.64
CA LEU A 53 -10.65 3.05 -3.56
C LEU A 53 -9.81 4.20 -3.06
N LYS A 54 -9.23 4.06 -1.91
CA LYS A 54 -8.38 5.16 -1.39
C LYS A 54 -7.41 5.59 -2.51
N LEU A 55 -7.10 4.67 -3.38
CA LEU A 55 -6.20 4.99 -4.52
C LEU A 55 -7.03 5.58 -5.66
N VAL A 56 -8.03 4.87 -6.11
CA VAL A 56 -8.87 5.42 -7.20
C VAL A 56 -9.42 6.76 -6.72
N GLU A 57 -9.79 6.83 -5.48
CA GLU A 57 -10.30 8.10 -4.93
C GLU A 57 -9.18 9.14 -5.03
N LYS A 58 -7.97 8.77 -4.66
CA LYS A 58 -6.85 9.74 -4.76
C LYS A 58 -6.76 10.23 -6.21
N LEU A 59 -6.57 9.33 -7.14
CA LEU A 59 -6.48 9.77 -8.56
C LEU A 59 -7.74 10.55 -8.93
N ASP A 60 -7.76 11.16 -10.09
CA ASP A 60 -8.96 11.96 -10.51
C ASP A 60 -9.24 11.72 -11.99
N VAL A 61 -9.69 10.53 -12.33
CA VAL A 61 -9.99 10.22 -13.76
C VAL A 61 -11.18 9.25 -13.82
N LYS A 62 -10.94 8.00 -14.14
CA LYS A 62 -12.07 7.04 -14.21
C LYS A 62 -11.52 5.61 -14.31
N LYS A 63 -10.60 5.26 -13.44
CA LYS A 63 -10.03 3.88 -13.48
C LYS A 63 -10.96 2.93 -12.72
N ASP A 64 -10.96 1.67 -13.08
CA ASP A 64 -11.83 0.68 -12.38
C ASP A 64 -11.18 0.26 -11.06
N TRP A 65 -11.96 -0.15 -10.11
CA TRP A 65 -11.43 -0.56 -8.80
C TRP A 65 -11.31 -2.08 -8.76
N SER A 66 -12.36 -2.71 -8.31
CA SER A 66 -12.38 -4.21 -8.21
C SER A 66 -11.74 -4.84 -9.45
N ASP A 67 -12.23 -4.52 -10.62
CA ASP A 67 -11.63 -5.12 -11.85
C ASP A 67 -10.11 -4.99 -11.81
N HIS A 68 -9.60 -3.86 -11.40
CA HIS A 68 -8.13 -3.67 -11.33
C HIS A 68 -7.57 -4.48 -10.17
N ALA A 69 -6.28 -4.45 -10.00
CA ALA A 69 -5.67 -5.24 -8.89
C ALA A 69 -4.30 -4.67 -8.54
N LEU A 70 -3.77 -5.06 -7.40
CA LEU A 70 -2.43 -4.57 -6.98
C LEU A 70 -1.41 -5.71 -7.05
N TRP A 71 -0.39 -5.61 -7.87
CA TRP A 71 0.62 -6.72 -7.88
C TRP A 71 1.62 -6.42 -6.76
N TRP A 72 1.94 -7.39 -5.94
CA TRP A 72 2.89 -7.15 -4.80
C TRP A 72 4.09 -8.10 -4.91
N GLU A 73 5.24 -7.56 -5.16
CA GLU A 73 6.48 -8.36 -5.32
C GLU A 73 6.67 -9.37 -4.17
N LYS A 74 6.00 -9.22 -3.06
CA LYS A 74 6.18 -10.17 -1.92
C LYS A 74 6.39 -11.60 -2.44
N LYS A 75 5.53 -12.07 -3.30
CA LYS A 75 5.69 -13.45 -3.84
C LYS A 75 4.99 -13.53 -5.19
N ARG A 76 4.89 -12.43 -5.86
CA ARG A 76 4.21 -12.40 -7.20
C ARG A 76 2.75 -12.81 -7.01
N THR A 77 1.98 -11.96 -6.38
CA THR A 77 0.56 -12.29 -6.13
C THR A 77 -0.27 -11.00 -6.15
N TRP A 78 -1.45 -11.07 -6.68
CA TRP A 78 -2.32 -9.88 -6.71
C TRP A 78 -3.19 -9.91 -5.44
N LEU A 79 -3.65 -8.77 -5.01
CA LEU A 79 -4.50 -8.70 -3.78
C LEU A 79 -5.97 -8.63 -4.23
N LEU A 80 -6.74 -9.65 -3.93
CA LEU A 80 -8.16 -9.69 -4.38
C LEU A 80 -9.16 -9.35 -3.25
N LYS A 81 -9.42 -10.28 -2.37
CA LYS A 81 -10.43 -10.03 -1.30
C LYS A 81 -10.10 -8.81 -0.42
N THR A 82 -11.11 -8.23 0.12
CA THR A 82 -10.94 -7.04 1.00
C THR A 82 -10.50 -7.48 2.40
N HIS A 83 -11.31 -8.28 3.03
CA HIS A 83 -11.02 -8.76 4.42
C HIS A 83 -9.53 -8.96 4.64
N TRP A 84 -8.84 -9.66 3.78
CA TRP A 84 -7.38 -9.89 4.00
C TRP A 84 -6.62 -8.56 3.93
N THR A 85 -6.87 -7.74 4.89
CA THR A 85 -6.20 -6.42 4.96
C THR A 85 -4.69 -6.62 4.74
N LEU A 86 -3.98 -5.56 4.57
CA LEU A 86 -2.52 -5.72 4.37
C LEU A 86 -1.94 -6.31 5.62
N ASP A 87 -2.33 -5.78 6.73
CA ASP A 87 -1.82 -6.32 8.00
C ASP A 87 -2.17 -7.78 8.04
N LYS A 88 -3.31 -8.15 7.50
CA LYS A 88 -3.67 -9.59 7.52
C LYS A 88 -2.52 -10.34 6.84
N TYR A 89 -2.14 -9.86 5.71
CA TYR A 89 -1.02 -10.49 4.98
C TYR A 89 0.22 -10.36 5.85
N GLY A 90 0.20 -9.40 6.74
CA GLY A 90 1.38 -9.17 7.63
C GLY A 90 2.24 -8.14 6.93
N ILE A 91 1.61 -7.19 6.32
CA ILE A 91 2.35 -6.13 5.56
C ILE A 91 2.56 -4.90 6.45
N GLN A 92 3.65 -4.21 6.22
CA GLN A 92 3.97 -2.98 7.00
C GLN A 92 4.25 -1.85 6.01
N ALA A 93 4.96 -0.84 6.43
CA ALA A 93 5.27 0.28 5.51
C ALA A 93 6.47 -0.13 4.63
N ASP A 94 7.04 -1.25 4.89
CA ASP A 94 8.21 -1.72 4.07
C ASP A 94 7.68 -2.49 2.88
N ALA A 95 6.40 -2.45 2.72
CA ALA A 95 5.75 -3.19 1.58
C ALA A 95 5.52 -2.23 0.41
N LYS A 96 6.17 -2.45 -0.69
CA LYS A 96 5.97 -1.57 -1.88
C LYS A 96 4.94 -2.24 -2.78
N LEU A 97 3.75 -1.71 -2.85
CA LEU A 97 2.71 -2.35 -3.69
C LEU A 97 2.82 -1.89 -5.13
N GLN A 98 2.04 -2.52 -5.95
CA GLN A 98 1.99 -2.19 -7.38
C GLN A 98 0.51 -2.14 -7.74
N PHE A 99 0.21 -1.71 -8.91
CA PHE A 99 -1.19 -1.64 -9.39
C PHE A 99 -1.21 -2.39 -10.68
N THR A 100 -2.28 -2.99 -10.99
CA THR A 100 -2.36 -3.76 -12.27
C THR A 100 -3.82 -4.12 -12.58
N PRO A 101 -4.21 -4.14 -13.83
CA PRO A 101 -5.61 -4.51 -14.20
C PRO A 101 -6.11 -5.72 -13.41
#